data_1YNI
#
_entry.id   1YNI
#
_cell.length_a   54.849
_cell.length_b   166.902
_cell.length_c   185.991
_cell.angle_alpha   90.00
_cell.angle_beta   90.00
_cell.angle_gamma   90.00
#
_symmetry.space_group_name_H-M   'P 21 21 21'
#
loop_
_entity.id
_entity.type
_entity.pdbx_description
1 polymer 'Succinylarginine Dihydrolase'
2 non-polymer 'POTASSIUM ION'
3 non-polymer N~2~-(3-CARBOXYPROPANOYL)-L-ARGININE
4 water water
#
_entity_poly.entity_id   1
_entity_poly.type   'polypeptide(L)'
_entity_poly.pdbx_seq_one_letter_code
;MGSSHHHHHHGSNAWEVNFDGLVGLTHHYAGLSFGNEASTRHRFQVSNPRLAAKQGLLKMKALADAGFPQAVIPPHERPF
IPVLRQLGFSGSDEQVLEKVARQAPHWLSSVSSASPMWVANAATIAPSADTLDGKVHLTVANLNNKFHRSLEAPVTESLL
KAIFNDEEKFSVHSALPQVALLGDEGAANHNRLGGHYGEPGMQLFVYGREEGNDTRPSRYPARQTREASEAVARLNQVNP
QQVIFAQQNPDVIDQGVFHNDVIAVSNRQVLFCHQQAFARQSQLLANLRARVNGFMAIEVPATQVSVSDTVSTYLFNSQL
LSRDDGSMMLVLPQECREHAGVWGYLNELLAADNPISELKVFDLRESMANGGGPASLRLRVVLTEEERRAVNPAVMMNDT
LFNALNDWVDRYYRDRLTAADLADPQLLREGREALDVLSQLLNLGSVYPFQREGGGNG
;
_entity_poly.pdbx_strand_id   A,B,C,D
#
# COMPACT_ATOMS: atom_id res chain seq x y z
N ASN A 13 -1.91 -23.59 -52.77
CA ASN A 13 -3.18 -22.84 -53.00
C ASN A 13 -4.17 -23.20 -51.91
N ALA A 14 -4.07 -22.50 -50.79
CA ALA A 14 -4.92 -22.76 -49.63
C ALA A 14 -5.94 -21.65 -49.41
N TRP A 15 -6.95 -21.94 -48.59
CA TRP A 15 -7.97 -20.95 -48.24
C TRP A 15 -7.97 -20.76 -46.75
N GLU A 16 -8.41 -19.58 -46.29
CA GLU A 16 -8.50 -19.31 -44.87
C GLU A 16 -9.87 -19.80 -44.41
N VAL A 17 -9.91 -20.71 -43.46
CA VAL A 17 -11.18 -21.21 -42.99
C VAL A 17 -11.48 -20.65 -41.60
N ASN A 18 -12.66 -20.06 -41.44
CA ASN A 18 -13.05 -19.51 -40.16
C ASN A 18 -13.75 -20.54 -39.29
N PHE A 19 -13.23 -20.76 -38.08
CA PHE A 19 -13.83 -21.69 -37.14
C PHE A 19 -14.39 -20.85 -35.98
N ASP A 20 -15.72 -20.80 -35.87
CA ASP A 20 -16.36 -20.03 -34.83
C ASP A 20 -16.78 -20.85 -33.63
N GLY A 21 -16.85 -20.21 -32.48
CA GLY A 21 -17.25 -20.92 -31.28
C GLY A 21 -18.76 -20.91 -31.11
N LEU A 22 -19.33 -22.08 -30.85
CA LEU A 22 -20.76 -22.19 -30.64
C LEU A 22 -21.01 -21.86 -29.17
N VAL A 23 -21.62 -20.71 -28.90
CA VAL A 23 -21.87 -20.29 -27.53
C VAL A 23 -22.52 -21.36 -26.66
N GLY A 24 -21.94 -21.58 -25.48
CA GLY A 24 -22.45 -22.58 -24.54
C GLY A 24 -23.69 -22.16 -23.81
N LEU A 25 -24.41 -23.14 -23.25
CA LEU A 25 -25.65 -22.82 -22.57
C LEU A 25 -25.57 -22.16 -21.20
N THR A 26 -24.36 -21.96 -20.68
CA THR A 26 -24.25 -21.30 -19.38
C THR A 26 -23.78 -19.85 -19.54
N HIS A 27 -23.81 -19.35 -20.77
CA HIS A 27 -23.44 -17.97 -21.07
C HIS A 27 -24.09 -17.00 -20.08
N HIS A 28 -23.27 -16.23 -19.38
CA HIS A 28 -23.76 -15.26 -18.42
C HIS A 28 -22.74 -14.15 -18.19
N TYR A 29 -23.15 -13.10 -17.45
CA TYR A 29 -22.28 -11.97 -17.18
C TYR A 29 -21.86 -11.97 -15.72
N ALA A 30 -20.56 -12.16 -15.48
CA ALA A 30 -20.02 -12.25 -14.13
C ALA A 30 -18.93 -11.25 -13.82
N GLY A 31 -18.54 -10.45 -14.82
CA GLY A 31 -17.49 -9.46 -14.59
C GLY A 31 -16.21 -10.08 -14.07
N LEU A 32 -15.79 -11.17 -14.69
CA LEU A 32 -14.59 -11.92 -14.32
C LEU A 32 -13.29 -11.43 -14.94
N SER A 33 -13.38 -10.58 -15.95
CA SER A 33 -12.19 -10.13 -16.65
C SER A 33 -11.77 -8.69 -16.44
N PHE A 34 -11.01 -8.44 -15.38
CA PHE A 34 -10.52 -7.09 -15.11
C PHE A 34 -9.63 -6.74 -16.29
N GLY A 35 -9.85 -5.58 -16.89
CA GLY A 35 -9.06 -5.18 -18.04
C GLY A 35 -9.91 -5.27 -19.29
N ASN A 36 -11.00 -6.02 -19.16
CA ASN A 36 -11.98 -6.19 -20.22
C ASN A 36 -13.13 -5.33 -19.72
N GLU A 37 -13.18 -4.08 -20.16
CA GLU A 37 -14.21 -3.14 -19.72
C GLU A 37 -15.66 -3.57 -19.97
N ALA A 38 -15.93 -4.25 -21.08
CA ALA A 38 -17.29 -4.69 -21.37
C ALA A 38 -17.71 -5.68 -20.29
N SER A 39 -16.84 -6.61 -20.00
CA SER A 39 -17.12 -7.62 -18.99
C SER A 39 -17.42 -6.97 -17.65
N THR A 40 -16.60 -6.00 -17.26
CA THR A 40 -16.78 -5.32 -15.98
C THR A 40 -18.05 -4.45 -15.93
N ARG A 41 -18.38 -3.79 -17.03
CA ARG A 41 -19.53 -2.91 -17.11
C ARG A 41 -20.87 -3.65 -17.15
N HIS A 42 -20.86 -4.88 -17.63
CA HIS A 42 -22.09 -5.70 -17.73
C HIS A 42 -22.19 -6.70 -16.58
N ARG A 43 -21.35 -6.49 -15.58
CA ARG A 43 -21.29 -7.31 -14.38
C ARG A 43 -22.40 -8.34 -14.19
N PHE A 44 -23.54 -7.93 -13.63
CA PHE A 44 -24.60 -8.89 -13.35
C PHE A 44 -25.86 -8.88 -14.23
N GLN A 45 -25.82 -8.29 -15.40
CA GLN A 45 -27.01 -8.26 -16.26
C GLN A 45 -27.48 -9.66 -16.53
N VAL A 46 -28.75 -9.79 -16.91
CA VAL A 46 -29.35 -11.06 -17.27
C VAL A 46 -28.83 -11.40 -18.67
N SER A 47 -28.55 -12.66 -18.92
CA SER A 47 -28.07 -13.06 -20.25
C SER A 47 -29.09 -13.92 -20.97
N ASN A 48 -28.91 -14.05 -22.28
CA ASN A 48 -29.79 -14.85 -23.10
C ASN A 48 -28.93 -15.85 -23.87
N PRO A 49 -28.68 -17.02 -23.27
CA PRO A 49 -27.86 -18.09 -23.87
C PRO A 49 -28.34 -18.45 -25.28
N ARG A 50 -29.62 -18.79 -25.36
CA ARG A 50 -30.28 -19.16 -26.61
C ARG A 50 -29.99 -18.13 -27.69
N LEU A 51 -30.27 -16.86 -27.37
CA LEU A 51 -30.05 -15.78 -28.30
C LEU A 51 -28.57 -15.64 -28.66
N ALA A 52 -27.70 -15.73 -27.65
CA ALA A 52 -26.27 -15.63 -27.87
C ALA A 52 -25.83 -16.65 -28.94
N ALA A 53 -26.17 -17.91 -28.74
CA ALA A 53 -25.81 -18.94 -29.71
C ALA A 53 -26.40 -18.62 -31.09
N LYS A 54 -27.65 -18.21 -31.11
CA LYS A 54 -28.35 -17.88 -32.35
C LYS A 54 -27.65 -16.76 -33.13
N GLN A 55 -27.26 -15.70 -32.44
CA GLN A 55 -26.57 -14.58 -33.08
C GLN A 55 -25.30 -15.09 -33.76
N GLY A 56 -24.51 -15.86 -33.01
CA GLY A 56 -23.27 -16.39 -33.54
C GLY A 56 -23.46 -17.28 -34.77
N LEU A 57 -24.46 -18.15 -34.71
CA LEU A 57 -24.74 -19.04 -35.83
C LEU A 57 -25.17 -18.28 -37.08
N LEU A 58 -25.86 -17.16 -36.89
CA LEU A 58 -26.29 -16.37 -38.03
C LEU A 58 -25.07 -15.77 -38.72
N LYS A 59 -24.11 -15.27 -37.94
CA LYS A 59 -22.91 -14.70 -38.55
C LYS A 59 -22.17 -15.79 -39.30
N MET A 60 -22.07 -16.96 -38.69
CA MET A 60 -21.39 -18.09 -39.30
C MET A 60 -22.05 -18.44 -40.62
N LYS A 61 -23.36 -18.64 -40.56
CA LYS A 61 -24.14 -19.00 -41.73
C LYS A 61 -24.05 -17.94 -42.83
N ALA A 62 -24.15 -16.66 -42.47
CA ALA A 62 -24.06 -15.57 -43.43
C ALA A 62 -22.75 -15.59 -44.21
N LEU A 63 -21.64 -15.65 -43.49
CA LEU A 63 -20.32 -15.68 -44.10
C LEU A 63 -20.16 -16.93 -44.95
N ALA A 64 -20.71 -18.03 -44.45
CA ALA A 64 -20.64 -19.29 -45.18
C ALA A 64 -21.36 -19.12 -46.51
N ASP A 65 -22.61 -18.70 -46.46
CA ASP A 65 -23.39 -18.50 -47.67
C ASP A 65 -22.73 -17.50 -48.61
N ALA A 66 -21.99 -16.56 -48.05
CA ALA A 66 -21.30 -15.57 -48.87
C ALA A 66 -20.06 -16.17 -49.54
N GLY A 67 -19.79 -17.44 -49.27
CA GLY A 67 -18.65 -18.09 -49.90
C GLY A 67 -17.36 -18.13 -49.09
N PHE A 68 -17.43 -17.83 -47.80
CA PHE A 68 -16.24 -17.86 -46.95
C PHE A 68 -16.24 -19.13 -46.09
N PRO A 69 -15.31 -20.07 -46.36
CA PRO A 69 -15.21 -21.33 -45.61
C PRO A 69 -15.46 -21.11 -44.13
N GLN A 70 -16.44 -21.82 -43.60
CA GLN A 70 -16.86 -21.70 -42.20
C GLN A 70 -17.01 -23.04 -41.49
N ALA A 71 -16.60 -23.09 -40.22
CA ALA A 71 -16.73 -24.30 -39.42
C ALA A 71 -17.11 -23.92 -37.99
N VAL A 72 -17.38 -24.93 -37.16
CA VAL A 72 -17.75 -24.64 -35.78
C VAL A 72 -16.90 -25.42 -34.79
N ILE A 73 -16.78 -24.86 -33.58
CA ILE A 73 -16.07 -25.49 -32.48
C ILE A 73 -17.09 -25.42 -31.36
N PRO A 74 -17.42 -26.58 -30.77
CA PRO A 74 -18.40 -26.70 -29.69
C PRO A 74 -18.04 -26.10 -28.34
N PRO A 75 -19.06 -25.81 -27.53
CA PRO A 75 -18.87 -25.25 -26.19
C PRO A 75 -18.30 -26.32 -25.25
N HIS A 76 -17.95 -25.91 -24.03
CA HIS A 76 -17.37 -26.85 -23.07
C HIS A 76 -18.35 -27.29 -21.98
N GLU A 77 -17.89 -28.23 -21.16
CA GLU A 77 -18.64 -28.78 -20.05
C GLU A 77 -18.81 -27.71 -18.97
N ARG A 78 -20.03 -27.23 -18.77
CA ARG A 78 -20.29 -26.19 -17.78
C ARG A 78 -21.65 -26.39 -17.11
N PRO A 79 -21.72 -26.33 -15.76
CA PRO A 79 -20.64 -26.10 -14.79
C PRO A 79 -19.59 -27.19 -14.83
N PHE A 80 -18.34 -26.84 -14.59
CA PHE A 80 -17.26 -27.82 -14.59
C PHE A 80 -17.00 -28.26 -13.15
N ILE A 81 -17.69 -29.32 -12.74
CA ILE A 81 -17.57 -29.85 -11.39
C ILE A 81 -16.19 -30.34 -10.97
N PRO A 82 -15.44 -30.96 -11.90
CA PRO A 82 -14.11 -31.44 -11.55
C PRO A 82 -13.25 -30.42 -10.84
N VAL A 83 -13.27 -29.18 -11.34
CA VAL A 83 -12.45 -28.13 -10.74
C VAL A 83 -12.99 -27.70 -9.38
N LEU A 84 -14.29 -27.82 -9.17
CA LEU A 84 -14.86 -27.47 -7.88
C LEU A 84 -14.35 -28.47 -6.85
N ARG A 85 -14.24 -29.73 -7.26
CA ARG A 85 -13.74 -30.81 -6.42
C ARG A 85 -12.28 -30.54 -6.11
N GLN A 86 -11.56 -30.09 -7.13
CA GLN A 86 -10.15 -29.78 -7.04
C GLN A 86 -9.98 -28.67 -5.99
N LEU A 87 -11.03 -27.89 -5.81
CA LEU A 87 -11.02 -26.79 -4.85
C LEU A 87 -11.51 -27.20 -3.47
N GLY A 88 -11.66 -28.50 -3.25
CA GLY A 88 -12.06 -28.96 -1.94
C GLY A 88 -13.52 -29.28 -1.67
N PHE A 89 -14.39 -29.09 -2.65
CA PHE A 89 -15.80 -29.41 -2.43
C PHE A 89 -16.09 -30.84 -2.89
N SER A 90 -16.59 -31.67 -1.98
CA SER A 90 -16.88 -33.06 -2.31
C SER A 90 -18.34 -33.46 -2.35
N GLY A 91 -18.58 -34.69 -2.77
CA GLY A 91 -19.92 -35.24 -2.86
C GLY A 91 -20.30 -35.48 -4.31
N SER A 92 -21.57 -35.81 -4.55
CA SER A 92 -22.02 -36.04 -5.91
C SER A 92 -22.03 -34.68 -6.61
N ASP A 93 -22.13 -34.68 -7.94
CA ASP A 93 -22.14 -33.43 -8.68
C ASP A 93 -23.14 -32.44 -8.11
N GLU A 94 -24.38 -32.88 -7.89
CA GLU A 94 -25.42 -32.01 -7.34
C GLU A 94 -25.04 -31.47 -5.96
N GLN A 95 -24.40 -32.32 -5.16
CA GLN A 95 -23.99 -31.95 -3.81
C GLN A 95 -22.90 -30.88 -3.82
N VAL A 96 -21.96 -31.01 -4.76
CA VAL A 96 -20.88 -30.05 -4.91
C VAL A 96 -21.49 -28.74 -5.37
N LEU A 97 -22.39 -28.84 -6.34
CA LEU A 97 -23.09 -27.71 -6.89
C LEU A 97 -23.75 -26.94 -5.75
N GLU A 98 -24.44 -27.69 -4.87
CA GLU A 98 -25.14 -27.11 -3.73
C GLU A 98 -24.18 -26.43 -2.75
N LYS A 99 -23.19 -27.20 -2.28
CA LYS A 99 -22.20 -26.68 -1.34
C LYS A 99 -21.56 -25.39 -1.83
N VAL A 100 -21.05 -25.42 -3.05
CA VAL A 100 -20.38 -24.25 -3.64
C VAL A 100 -21.32 -23.06 -3.72
N ALA A 101 -22.55 -23.32 -4.16
CA ALA A 101 -23.55 -22.28 -4.30
C ALA A 101 -23.75 -21.52 -3.00
N ARG A 102 -23.82 -22.26 -1.89
CA ARG A 102 -24.04 -21.66 -0.58
C ARG A 102 -22.77 -21.22 0.17
N GLN A 103 -21.62 -21.82 -0.16
CA GLN A 103 -20.39 -21.48 0.54
C GLN A 103 -19.43 -20.58 -0.24
N ALA A 104 -19.40 -20.72 -1.57
CA ALA A 104 -18.52 -19.91 -2.38
C ALA A 104 -19.10 -19.77 -3.79
N PRO A 105 -20.30 -19.16 -3.90
CA PRO A 105 -20.99 -18.94 -5.17
C PRO A 105 -20.17 -18.25 -6.27
N HIS A 106 -19.09 -17.57 -5.89
CA HIS A 106 -18.26 -16.89 -6.88
C HIS A 106 -17.49 -17.89 -7.73
N TRP A 107 -17.18 -19.05 -7.13
CA TRP A 107 -16.46 -20.11 -7.83
C TRP A 107 -17.39 -20.72 -8.86
N LEU A 108 -18.67 -20.79 -8.51
CA LEU A 108 -19.67 -21.34 -9.41
C LEU A 108 -19.59 -20.68 -10.77
N SER A 109 -19.48 -19.35 -10.74
CA SER A 109 -19.40 -18.54 -11.94
C SER A 109 -18.11 -18.84 -12.71
N SER A 110 -17.01 -18.99 -11.95
CA SER A 110 -15.68 -19.27 -12.50
C SER A 110 -15.59 -20.57 -13.26
N VAL A 111 -16.44 -21.53 -12.90
CA VAL A 111 -16.45 -22.83 -13.55
C VAL A 111 -17.67 -23.00 -14.43
N SER A 112 -18.42 -21.92 -14.63
CA SER A 112 -19.64 -21.99 -15.43
C SER A 112 -19.69 -20.98 -16.55
N SER A 113 -18.54 -20.42 -16.90
CA SER A 113 -18.47 -19.42 -17.97
C SER A 113 -18.47 -20.05 -19.35
N ALA A 114 -19.14 -19.40 -20.30
CA ALA A 114 -19.19 -19.87 -21.67
C ALA A 114 -18.05 -19.23 -22.47
N SER A 115 -17.06 -18.73 -21.74
CA SER A 115 -15.90 -18.06 -22.34
C SER A 115 -15.20 -18.79 -23.49
N PRO A 116 -15.13 -20.13 -23.46
CA PRO A 116 -14.45 -20.78 -24.58
C PRO A 116 -15.06 -20.44 -25.93
N MET A 117 -16.23 -19.80 -25.92
CA MET A 117 -16.88 -19.40 -27.17
C MET A 117 -15.96 -18.48 -27.98
N TRP A 118 -15.08 -17.77 -27.30
CA TRP A 118 -14.16 -16.88 -27.98
C TRP A 118 -12.92 -17.63 -28.41
N VAL A 119 -13.09 -18.45 -29.45
CA VAL A 119 -12.03 -19.29 -29.98
C VAL A 119 -10.81 -18.56 -30.54
N ALA A 120 -10.89 -17.23 -30.63
CA ALA A 120 -9.76 -16.46 -31.13
C ALA A 120 -8.62 -16.66 -30.12
N ASN A 121 -9.00 -17.05 -28.90
CA ASN A 121 -8.04 -17.29 -27.83
C ASN A 121 -7.79 -18.78 -27.63
N ALA A 122 -8.39 -19.61 -28.48
CA ALA A 122 -8.26 -21.05 -28.36
C ALA A 122 -6.83 -21.55 -28.58
N ALA A 123 -6.20 -21.04 -29.63
CA ALA A 123 -4.85 -21.46 -29.98
C ALA A 123 -4.18 -20.50 -30.94
N THR A 124 -2.94 -20.84 -31.31
CA THR A 124 -2.19 -20.07 -32.28
C THR A 124 -1.94 -21.02 -33.45
N ILE A 125 -2.24 -20.54 -34.65
CA ILE A 125 -2.14 -21.34 -35.86
C ILE A 125 -0.93 -21.08 -36.74
N ALA A 126 -0.39 -22.15 -37.31
CA ALA A 126 0.74 -22.01 -38.23
C ALA A 126 0.41 -22.83 -39.47
N PRO A 127 0.07 -22.15 -40.58
CA PRO A 127 -0.28 -22.81 -41.84
C PRO A 127 0.91 -23.63 -42.33
N SER A 128 0.64 -24.75 -42.99
CA SER A 128 1.72 -25.61 -43.48
C SER A 128 2.74 -24.88 -44.35
N ALA A 129 2.35 -23.74 -44.91
CA ALA A 129 3.27 -22.97 -45.76
C ALA A 129 4.34 -22.22 -44.95
N ASP A 130 4.20 -22.17 -43.63
CA ASP A 130 5.18 -21.47 -42.80
C ASP A 130 5.95 -22.37 -41.83
N THR A 131 5.62 -23.66 -41.78
CA THR A 131 6.29 -24.56 -40.85
C THR A 131 7.45 -25.37 -41.42
N LEU A 132 8.37 -25.74 -40.54
CA LEU A 132 9.55 -26.50 -40.92
C LEU A 132 9.25 -27.89 -41.47
N ASP A 133 8.30 -28.58 -40.85
CA ASP A 133 7.94 -29.92 -41.28
C ASP A 133 6.80 -29.97 -42.29
N GLY A 134 6.32 -28.79 -42.68
CA GLY A 134 5.25 -28.73 -43.67
C GLY A 134 3.88 -29.16 -43.19
N LYS A 135 3.65 -29.17 -41.87
CA LYS A 135 2.34 -29.54 -41.33
C LYS A 135 1.64 -28.33 -40.75
N VAL A 136 0.35 -28.46 -40.49
CA VAL A 136 -0.42 -27.38 -39.91
C VAL A 136 -0.28 -27.56 -38.39
N HIS A 137 0.26 -26.55 -37.72
CA HIS A 137 0.44 -26.64 -36.28
C HIS A 137 -0.51 -25.75 -35.51
N LEU A 138 -1.00 -26.27 -34.39
CA LEU A 138 -1.92 -25.54 -33.54
C LEU A 138 -1.46 -25.72 -32.10
N THR A 139 -1.11 -24.62 -31.45
CA THR A 139 -0.69 -24.68 -30.05
C THR A 139 -1.78 -24.07 -29.19
N VAL A 140 -2.32 -24.87 -28.26
CA VAL A 140 -3.38 -24.42 -27.38
C VAL A 140 -2.86 -23.31 -26.48
N ALA A 141 -3.70 -22.30 -26.25
CA ALA A 141 -3.35 -21.16 -25.41
C ALA A 141 -3.67 -21.47 -23.96
N ASN A 142 -2.75 -21.20 -23.05
CA ASN A 142 -3.01 -21.50 -21.63
C ASN A 142 -4.04 -20.58 -21.00
N LEU A 143 -4.17 -19.37 -21.51
CA LEU A 143 -5.13 -18.41 -20.98
C LEU A 143 -5.00 -18.32 -19.47
N ASN A 144 -3.76 -18.32 -18.98
CA ASN A 144 -3.45 -18.29 -17.55
C ASN A 144 -3.84 -17.04 -16.79
N ASN A 145 -3.94 -15.91 -17.46
CA ASN A 145 -4.28 -14.70 -16.72
C ASN A 145 -5.62 -14.76 -16.01
N LYS A 146 -6.65 -15.23 -16.70
CA LYS A 146 -7.97 -15.34 -16.09
C LYS A 146 -8.24 -16.78 -15.71
N PHE A 147 -8.47 -17.00 -14.41
CA PHE A 147 -8.77 -18.33 -13.90
C PHE A 147 -9.88 -19.04 -14.68
N HIS A 148 -11.03 -18.38 -14.83
CA HIS A 148 -12.15 -19.02 -15.53
C HIS A 148 -11.77 -19.43 -16.95
N ARG A 149 -10.87 -18.69 -17.57
CA ARG A 149 -10.42 -18.99 -18.92
C ARG A 149 -9.31 -20.06 -18.94
N SER A 150 -8.45 -20.06 -17.92
CA SER A 150 -7.38 -21.05 -17.86
C SER A 150 -7.85 -22.50 -17.79
N LEU A 151 -9.13 -22.70 -17.49
CA LEU A 151 -9.70 -24.05 -17.40
C LEU A 151 -10.00 -24.64 -18.77
N GLU A 152 -10.01 -23.79 -19.79
CA GLU A 152 -10.34 -24.22 -21.15
C GLU A 152 -9.32 -25.10 -21.86
N ALA A 153 -8.04 -24.77 -21.69
CA ALA A 153 -6.95 -25.48 -22.35
C ALA A 153 -7.08 -27.01 -22.55
N PRO A 154 -7.26 -27.77 -21.46
CA PRO A 154 -7.38 -29.23 -21.64
C PRO A 154 -8.49 -29.70 -22.58
N VAL A 155 -9.70 -29.20 -22.40
CA VAL A 155 -10.81 -29.58 -23.26
C VAL A 155 -10.63 -29.04 -24.68
N THR A 156 -10.09 -27.82 -24.78
CA THR A 156 -9.85 -27.20 -26.07
C THR A 156 -8.88 -28.08 -26.87
N GLU A 157 -7.89 -28.63 -26.19
CA GLU A 157 -6.93 -29.50 -26.85
C GLU A 157 -7.67 -30.75 -27.37
N SER A 158 -8.53 -31.32 -26.53
CA SER A 158 -9.31 -32.49 -26.90
C SER A 158 -10.19 -32.19 -28.11
N LEU A 159 -10.78 -31.01 -28.12
CA LEU A 159 -11.65 -30.62 -29.24
C LEU A 159 -10.88 -30.41 -30.53
N LEU A 160 -9.72 -29.73 -30.45
CA LEU A 160 -8.91 -29.48 -31.64
C LEU A 160 -8.37 -30.77 -32.22
N LYS A 161 -8.10 -31.73 -31.36
CA LYS A 161 -7.58 -33.00 -31.84
C LYS A 161 -8.70 -33.84 -32.43
N ALA A 162 -9.94 -33.53 -32.04
CA ALA A 162 -11.10 -34.24 -32.53
C ALA A 162 -11.54 -33.68 -33.88
N ILE A 163 -11.16 -32.45 -34.16
CA ILE A 163 -11.52 -31.77 -35.41
C ILE A 163 -10.39 -31.91 -36.42
N PHE A 164 -9.17 -31.62 -35.99
CA PHE A 164 -8.02 -31.75 -36.87
C PHE A 164 -7.35 -33.06 -36.47
N ASN A 165 -8.03 -34.15 -36.80
CA ASN A 165 -7.55 -35.48 -36.44
C ASN A 165 -6.53 -36.14 -37.34
N ASP A 166 -6.34 -35.66 -38.57
CA ASP A 166 -5.35 -36.27 -39.45
C ASP A 166 -3.96 -35.85 -38.98
N GLU A 167 -3.37 -36.67 -38.12
CA GLU A 167 -2.06 -36.40 -37.56
C GLU A 167 -0.93 -36.26 -38.60
N GLU A 168 -1.19 -36.67 -39.83
CA GLU A 168 -0.20 -36.54 -40.89
C GLU A 168 -0.25 -35.14 -41.47
N LYS A 169 -1.34 -34.43 -41.19
CA LYS A 169 -1.52 -33.08 -41.69
C LYS A 169 -1.62 -32.03 -40.58
N PHE A 170 -2.00 -32.46 -39.38
CA PHE A 170 -2.13 -31.52 -38.27
C PHE A 170 -1.34 -31.95 -37.04
N SER A 171 -0.75 -30.97 -36.38
CA SER A 171 0.02 -31.20 -35.16
C SER A 171 -0.50 -30.26 -34.07
N VAL A 172 -1.27 -30.82 -33.12
CA VAL A 172 -1.82 -30.03 -32.02
C VAL A 172 -0.89 -30.13 -30.82
N HIS A 173 -0.39 -29.00 -30.35
CA HIS A 173 0.50 -29.00 -29.20
C HIS A 173 -0.25 -28.56 -27.94
N SER A 174 0.18 -29.08 -26.81
CA SER A 174 -0.44 -28.72 -25.54
C SER A 174 -0.05 -27.31 -25.13
N ALA A 175 -0.86 -26.70 -24.26
CA ALA A 175 -0.60 -25.35 -23.79
C ALA A 175 0.70 -25.20 -22.99
N LEU A 176 1.23 -23.99 -22.97
CA LEU A 176 2.46 -23.69 -22.25
C LEU A 176 2.19 -23.84 -20.77
N PRO A 177 3.25 -23.92 -19.94
CA PRO A 177 3.04 -24.07 -18.49
C PRO A 177 2.11 -22.97 -17.99
N GLN A 178 1.27 -23.29 -17.01
CA GLN A 178 0.35 -22.32 -16.46
C GLN A 178 0.98 -21.43 -15.39
N VAL A 179 1.70 -20.39 -15.84
CA VAL A 179 2.34 -19.42 -14.96
C VAL A 179 2.32 -18.05 -15.65
N ALA A 180 2.19 -16.99 -14.86
CA ALA A 180 2.14 -15.62 -15.39
C ALA A 180 3.31 -15.34 -16.32
N LEU A 181 4.47 -15.92 -16.04
CA LEU A 181 5.64 -15.69 -16.88
C LEU A 181 5.41 -16.13 -18.33
N LEU A 182 4.48 -17.05 -18.54
CA LEU A 182 4.19 -17.55 -19.87
C LEU A 182 2.74 -17.34 -20.29
N GLY A 183 2.17 -16.21 -19.89
CA GLY A 183 0.80 -15.92 -20.25
C GLY A 183 0.59 -15.91 -21.75
N ASP A 184 -0.29 -16.76 -22.26
CA ASP A 184 -0.56 -16.83 -23.69
C ASP A 184 -2.07 -16.76 -24.00
N GLU A 185 -2.46 -15.84 -24.88
CA GLU A 185 -3.87 -15.66 -25.24
C GLU A 185 -4.19 -16.11 -26.66
N GLY A 186 -3.26 -16.84 -27.28
CA GLY A 186 -3.47 -17.36 -28.62
C GLY A 186 -3.55 -16.43 -29.83
N ALA A 187 -4.28 -16.87 -30.84
CA ALA A 187 -4.47 -16.13 -32.08
C ALA A 187 -4.89 -14.68 -31.92
N ALA A 188 -5.59 -14.36 -30.84
CA ALA A 188 -6.05 -12.98 -30.61
C ALA A 188 -4.90 -11.99 -30.60
N ASN A 189 -3.69 -12.49 -30.38
CA ASN A 189 -2.48 -11.65 -30.35
C ASN A 189 -1.56 -12.00 -31.52
N HIS A 190 -2.07 -12.81 -32.43
CA HIS A 190 -1.33 -13.26 -33.61
C HIS A 190 -1.80 -12.53 -34.87
N ASN A 191 -0.93 -12.47 -35.87
CA ASN A 191 -1.23 -11.81 -37.16
C ASN A 191 -0.45 -12.49 -38.26
N ARG A 192 -0.97 -12.45 -39.48
CA ARG A 192 -0.29 -13.07 -40.62
C ARG A 192 -0.44 -12.21 -41.87
N LEU A 193 0.69 -11.70 -42.36
CA LEU A 193 0.70 -10.86 -43.54
C LEU A 193 1.51 -11.49 -44.66
N GLY A 194 1.00 -11.37 -45.88
CA GLY A 194 1.67 -11.93 -47.04
C GLY A 194 0.78 -11.82 -48.25
N GLY A 195 1.14 -12.54 -49.30
CA GLY A 195 0.34 -12.52 -50.51
C GLY A 195 -0.86 -13.42 -50.37
N HIS A 196 -0.91 -14.48 -51.17
CA HIS A 196 -2.02 -15.42 -51.10
C HIS A 196 -1.83 -16.32 -49.89
N TYR A 197 -2.93 -16.56 -49.18
CA TYR A 197 -2.92 -17.40 -48.00
C TYR A 197 -1.98 -18.59 -48.12
N GLY A 198 -2.02 -19.25 -49.27
CA GLY A 198 -1.19 -20.43 -49.50
C GLY A 198 0.32 -20.25 -49.55
N GLU A 199 0.79 -19.03 -49.77
CA GLU A 199 2.23 -18.81 -49.83
C GLU A 199 2.78 -18.59 -48.43
N PRO A 200 4.10 -18.75 -48.25
CA PRO A 200 4.71 -18.57 -46.94
C PRO A 200 4.38 -17.15 -46.49
N GLY A 201 3.94 -17.02 -45.23
CA GLY A 201 3.58 -15.71 -44.74
C GLY A 201 4.46 -15.20 -43.62
N MET A 202 4.22 -13.94 -43.26
CA MET A 202 4.97 -13.26 -42.22
C MET A 202 4.06 -13.24 -40.98
N GLN A 203 4.48 -13.93 -39.92
CA GLN A 203 3.69 -13.98 -38.70
C GLN A 203 4.12 -12.90 -37.72
N LEU A 204 3.16 -12.11 -37.25
CA LEU A 204 3.45 -11.05 -36.30
C LEU A 204 2.82 -11.38 -34.94
N PHE A 205 3.66 -11.68 -33.96
CA PHE A 205 3.21 -12.01 -32.62
C PHE A 205 3.24 -10.76 -31.75
N VAL A 206 2.07 -10.36 -31.24
CA VAL A 206 2.01 -9.19 -30.38
C VAL A 206 1.92 -9.62 -28.93
N TYR A 207 2.70 -8.98 -28.07
CA TYR A 207 2.72 -9.31 -26.64
C TYR A 207 2.57 -8.07 -25.79
N GLY A 208 2.15 -8.26 -24.54
CA GLY A 208 1.94 -7.15 -23.65
C GLY A 208 3.11 -6.79 -22.77
N ARG A 209 3.87 -7.81 -22.35
CA ARG A 209 4.99 -7.58 -21.47
C ARG A 209 6.07 -8.64 -21.63
N GLU A 210 7.26 -8.34 -21.11
CA GLU A 210 8.39 -9.27 -21.16
C GLU A 210 9.29 -8.99 -19.95
N GLU A 211 9.95 -10.03 -19.45
CA GLU A 211 10.83 -9.87 -18.31
C GLU A 211 11.99 -8.95 -18.64
N GLY A 212 12.36 -8.11 -17.67
CA GLY A 212 13.45 -7.18 -17.88
C GLY A 212 13.07 -5.94 -18.66
N ASN A 213 11.80 -5.84 -19.04
CA ASN A 213 11.33 -4.67 -19.79
C ASN A 213 10.41 -3.85 -18.88
N ASP A 214 10.78 -2.58 -18.64
CA ASP A 214 9.95 -1.75 -17.77
C ASP A 214 8.73 -1.20 -18.48
N THR A 215 8.71 -1.36 -19.80
CA THR A 215 7.57 -0.91 -20.57
C THR A 215 6.44 -1.94 -20.47
N ARG A 216 5.38 -1.54 -19.76
CA ARG A 216 4.25 -2.42 -19.56
C ARG A 216 3.07 -1.67 -18.94
N PRO A 217 1.84 -2.14 -19.20
CA PRO A 217 0.65 -1.49 -18.64
C PRO A 217 0.75 -1.35 -17.13
N SER A 218 0.10 -0.34 -16.58
CA SER A 218 0.15 -0.08 -15.15
C SER A 218 -1.21 -0.11 -14.49
N ARG A 219 -2.26 -0.24 -15.29
CA ARG A 219 -3.61 -0.27 -14.72
C ARG A 219 -4.28 -1.60 -15.03
N TYR A 220 -4.29 -2.00 -16.29
CA TYR A 220 -4.87 -3.28 -16.69
C TYR A 220 -3.72 -4.23 -16.97
N PRO A 221 -3.96 -5.53 -16.81
CA PRO A 221 -2.91 -6.53 -17.05
C PRO A 221 -2.54 -6.79 -18.51
N ALA A 222 -1.29 -7.18 -18.72
CA ALA A 222 -0.82 -7.54 -20.04
C ALA A 222 -0.88 -9.07 -20.00
N ARG A 223 -1.92 -9.66 -20.55
CA ARG A 223 -2.09 -11.12 -20.52
C ARG A 223 -1.05 -11.91 -21.31
N GLN A 224 -0.52 -11.33 -22.38
CA GLN A 224 0.45 -12.00 -23.25
C GLN A 224 1.88 -11.57 -22.95
N THR A 225 2.79 -12.53 -22.84
CA THR A 225 4.20 -12.25 -22.55
C THR A 225 5.01 -12.65 -23.76
N ARG A 226 6.10 -11.94 -24.00
CA ARG A 226 6.96 -12.25 -25.14
C ARG A 226 7.51 -13.67 -25.01
N GLU A 227 7.84 -14.05 -23.78
CA GLU A 227 8.37 -15.37 -23.54
C GLU A 227 7.42 -16.43 -24.08
N ALA A 228 6.13 -16.26 -23.79
CA ALA A 228 5.12 -17.21 -24.29
C ALA A 228 5.11 -17.21 -25.82
N SER A 229 5.00 -16.02 -26.40
CA SER A 229 4.95 -15.87 -27.86
C SER A 229 6.11 -16.54 -28.55
N GLU A 230 7.30 -16.40 -27.99
CA GLU A 230 8.47 -17.01 -28.59
C GLU A 230 8.42 -18.53 -28.49
N ALA A 231 7.87 -19.05 -27.40
CA ALA A 231 7.74 -20.50 -27.21
C ALA A 231 6.73 -21.08 -28.18
N VAL A 232 5.64 -20.36 -28.42
CA VAL A 232 4.62 -20.82 -29.34
C VAL A 232 5.22 -20.88 -30.73
N ALA A 233 5.96 -19.83 -31.09
CA ALA A 233 6.60 -19.78 -32.40
C ALA A 233 7.48 -21.02 -32.58
N ARG A 234 8.14 -21.45 -31.51
CA ARG A 234 8.97 -22.65 -31.60
C ARG A 234 8.09 -23.88 -31.74
N LEU A 235 7.14 -24.02 -30.82
CA LEU A 235 6.22 -25.14 -30.83
C LEU A 235 5.58 -25.33 -32.19
N ASN A 236 5.19 -24.23 -32.84
CA ASN A 236 4.56 -24.31 -34.16
C ASN A 236 5.54 -24.46 -35.29
N GLN A 237 6.82 -24.60 -34.96
CA GLN A 237 7.87 -24.75 -35.96
C GLN A 237 7.81 -23.70 -37.06
N VAL A 238 7.59 -22.45 -36.66
CA VAL A 238 7.50 -21.37 -37.62
C VAL A 238 8.90 -21.02 -38.11
N ASN A 239 9.09 -20.95 -39.44
CA ASN A 239 10.40 -20.61 -39.98
C ASN A 239 10.83 -19.27 -39.38
N PRO A 240 12.01 -19.25 -38.74
CA PRO A 240 12.59 -18.07 -38.09
C PRO A 240 12.56 -16.77 -38.88
N GLN A 241 12.68 -16.87 -40.20
CA GLN A 241 12.67 -15.69 -41.05
C GLN A 241 11.26 -15.18 -41.35
N GLN A 242 10.24 -15.88 -40.87
CA GLN A 242 8.87 -15.46 -41.10
C GLN A 242 8.19 -15.09 -39.79
N VAL A 243 8.98 -14.68 -38.80
CA VAL A 243 8.42 -14.30 -37.51
C VAL A 243 8.91 -12.94 -37.02
N ILE A 244 7.98 -12.17 -36.46
CA ILE A 244 8.31 -10.87 -35.92
C ILE A 244 7.53 -10.66 -34.63
N PHE A 245 8.20 -10.15 -33.61
CA PHE A 245 7.56 -9.89 -32.32
C PHE A 245 7.45 -8.40 -32.09
N ALA A 246 6.27 -7.94 -31.68
CA ALA A 246 6.05 -6.52 -31.43
C ALA A 246 5.29 -6.35 -30.13
N GLN A 247 5.58 -5.28 -29.41
CA GLN A 247 4.93 -5.02 -28.13
C GLN A 247 3.73 -4.10 -28.28
N GLN A 248 2.63 -4.49 -27.66
CA GLN A 248 1.41 -3.69 -27.70
C GLN A 248 1.73 -2.38 -26.98
N ASN A 249 1.09 -1.30 -27.39
CA ASN A 249 1.29 -0.02 -26.71
C ASN A 249 0.66 -0.15 -25.31
N PRO A 250 1.50 -0.12 -24.26
CA PRO A 250 0.99 -0.24 -22.89
C PRO A 250 -0.16 0.71 -22.58
N ASP A 251 -0.10 1.90 -23.17
CA ASP A 251 -1.12 2.91 -22.92
C ASP A 251 -2.50 2.48 -23.41
N VAL A 252 -2.54 1.78 -24.53
CA VAL A 252 -3.81 1.34 -25.08
C VAL A 252 -4.36 0.12 -24.31
N ILE A 253 -3.46 -0.66 -23.67
CA ILE A 253 -3.91 -1.80 -22.89
C ILE A 253 -4.59 -1.23 -21.64
N ASP A 254 -4.03 -0.15 -21.10
CA ASP A 254 -4.59 0.50 -19.92
C ASP A 254 -5.91 1.20 -20.21
N GLN A 255 -6.40 1.05 -21.43
CA GLN A 255 -7.67 1.65 -21.79
C GLN A 255 -8.69 0.61 -22.23
N GLY A 256 -8.33 -0.66 -22.09
CA GLY A 256 -9.27 -1.71 -22.46
C GLY A 256 -8.87 -2.66 -23.57
N VAL A 257 -7.74 -2.42 -24.21
CA VAL A 257 -7.30 -3.31 -25.27
C VAL A 257 -6.53 -4.49 -24.66
N PHE A 258 -7.28 -5.48 -24.17
CA PHE A 258 -6.68 -6.66 -23.54
C PHE A 258 -6.13 -7.71 -24.51
N HIS A 259 -6.49 -7.60 -25.78
CA HIS A 259 -5.98 -8.50 -26.83
C HIS A 259 -5.67 -7.58 -28.01
N ASN A 260 -4.71 -7.97 -28.84
CA ASN A 260 -4.36 -7.16 -30.01
C ASN A 260 -5.54 -6.99 -30.95
N ASP A 261 -6.38 -8.02 -31.02
CA ASP A 261 -7.55 -8.03 -31.90
C ASP A 261 -8.63 -7.02 -31.50
N VAL A 262 -8.31 -6.15 -30.55
CA VAL A 262 -9.25 -5.13 -30.11
C VAL A 262 -8.72 -3.78 -30.60
N ILE A 263 -7.56 -3.81 -31.26
CA ILE A 263 -7.01 -2.57 -31.79
C ILE A 263 -6.28 -2.74 -33.13
N ALA A 264 -6.27 -3.96 -33.66
CA ALA A 264 -5.62 -4.21 -34.93
C ALA A 264 -6.01 -5.58 -35.51
N VAL A 265 -6.08 -5.65 -36.83
CA VAL A 265 -6.41 -6.89 -37.52
C VAL A 265 -5.67 -6.95 -38.85
N SER A 266 -5.23 -8.13 -39.23
CA SER A 266 -4.50 -8.31 -40.47
C SER A 266 -5.24 -9.22 -41.44
N ASN A 267 -4.87 -9.12 -42.70
CA ASN A 267 -5.42 -9.95 -43.75
C ASN A 267 -4.66 -9.66 -45.02
N ARG A 268 -4.06 -10.70 -45.57
CA ARG A 268 -3.26 -10.61 -46.79
C ARG A 268 -2.17 -9.57 -46.59
N GLN A 269 -2.12 -8.56 -47.46
CA GLN A 269 -1.08 -7.53 -47.37
C GLN A 269 -1.49 -6.38 -46.48
N VAL A 270 -2.71 -6.41 -45.97
CA VAL A 270 -3.20 -5.31 -45.15
C VAL A 270 -3.18 -5.49 -43.64
N LEU A 271 -2.77 -4.42 -42.97
CA LEU A 271 -2.75 -4.39 -41.52
C LEU A 271 -3.58 -3.17 -41.12
N PHE A 272 -4.84 -3.41 -40.74
CA PHE A 272 -5.76 -2.37 -40.33
C PHE A 272 -5.56 -2.19 -38.83
N CYS A 273 -5.11 -1.01 -38.42
CA CYS A 273 -4.85 -0.80 -37.00
C CYS A 273 -4.95 0.65 -36.56
N HIS A 274 -5.17 0.84 -35.27
CA HIS A 274 -5.24 2.19 -34.74
C HIS A 274 -3.82 2.74 -34.70
N GLN A 275 -3.71 4.06 -34.68
CA GLN A 275 -2.41 4.71 -34.64
C GLN A 275 -1.63 4.42 -33.36
N GLN A 276 -2.36 4.19 -32.27
CA GLN A 276 -1.74 3.93 -30.97
C GLN A 276 -1.71 2.44 -30.62
N ALA A 277 -1.76 1.58 -31.64
CA ALA A 277 -1.77 0.14 -31.40
C ALA A 277 -0.47 -0.42 -30.82
N PHE A 278 0.66 -0.08 -31.41
CA PHE A 278 1.92 -0.63 -30.92
C PHE A 278 2.93 0.39 -30.42
N ALA A 279 3.88 -0.09 -29.64
CA ALA A 279 4.95 0.76 -29.14
C ALA A 279 5.94 0.72 -30.31
N ARG A 280 6.52 1.86 -30.65
CA ARG A 280 7.46 1.89 -31.76
C ARG A 280 6.73 1.47 -33.03
N GLN A 281 5.49 1.92 -33.19
CA GLN A 281 4.68 1.58 -34.35
C GLN A 281 5.35 1.89 -35.69
N SER A 282 5.98 3.04 -35.79
CA SER A 282 6.65 3.43 -37.03
C SER A 282 7.73 2.46 -37.47
N GLN A 283 8.54 2.00 -36.52
CA GLN A 283 9.60 1.04 -36.82
C GLN A 283 8.99 -0.27 -37.30
N LEU A 284 7.91 -0.69 -36.65
CA LEU A 284 7.25 -1.95 -37.02
C LEU A 284 6.64 -1.90 -38.40
N LEU A 285 5.94 -0.81 -38.71
CA LEU A 285 5.33 -0.67 -40.02
C LEU A 285 6.40 -0.60 -41.11
N ALA A 286 7.53 0.01 -40.78
CA ALA A 286 8.63 0.12 -41.75
C ALA A 286 9.21 -1.27 -41.96
N ASN A 287 9.34 -2.01 -40.87
CA ASN A 287 9.87 -3.36 -40.93
C ASN A 287 8.96 -4.25 -41.76
N LEU A 288 7.66 -4.11 -41.56
CA LEU A 288 6.68 -4.90 -42.32
C LEU A 288 6.72 -4.52 -43.79
N ARG A 289 6.80 -3.21 -44.06
CA ARG A 289 6.87 -2.71 -45.44
C ARG A 289 8.05 -3.30 -46.18
N ALA A 290 9.17 -3.41 -45.49
CA ALA A 290 10.40 -3.94 -46.08
C ALA A 290 10.42 -5.45 -46.19
N ARG A 291 9.74 -6.13 -45.26
CA ARG A 291 9.71 -7.59 -45.22
C ARG A 291 8.50 -8.24 -45.88
N VAL A 292 7.46 -7.46 -46.13
CA VAL A 292 6.27 -8.00 -46.75
C VAL A 292 5.92 -7.21 -48.00
N ASN A 293 6.04 -7.87 -49.13
CA ASN A 293 5.77 -7.25 -50.42
C ASN A 293 4.32 -6.83 -50.55
N GLY A 294 4.12 -5.59 -50.98
CA GLY A 294 2.78 -5.05 -51.14
C GLY A 294 2.10 -4.66 -49.83
N PHE A 295 2.86 -4.72 -48.74
CA PHE A 295 2.30 -4.40 -47.43
C PHE A 295 1.60 -3.07 -47.41
N MET A 296 0.38 -3.06 -46.90
CA MET A 296 -0.39 -1.83 -46.78
C MET A 296 -0.89 -1.63 -45.35
N ALA A 297 -0.38 -0.60 -44.69
CA ALA A 297 -0.81 -0.30 -43.34
C ALA A 297 -1.88 0.77 -43.40
N ILE A 298 -3.06 0.46 -42.87
CA ILE A 298 -4.16 1.39 -42.83
C ILE A 298 -4.28 1.82 -41.36
N GLU A 299 -3.73 2.98 -41.05
CA GLU A 299 -3.74 3.51 -39.69
C GLU A 299 -4.86 4.50 -39.42
N VAL A 300 -5.57 4.29 -38.31
CA VAL A 300 -6.65 5.18 -37.91
C VAL A 300 -6.10 6.12 -36.83
N PRO A 301 -6.09 7.43 -37.10
CA PRO A 301 -5.59 8.42 -36.15
C PRO A 301 -6.56 8.65 -35.00
N ALA A 302 -6.02 9.00 -33.83
CA ALA A 302 -6.86 9.25 -32.67
C ALA A 302 -7.82 10.38 -33.01
N THR A 303 -7.40 11.21 -33.95
CA THR A 303 -8.19 12.34 -34.44
C THR A 303 -9.53 11.89 -35.02
N GLN A 304 -9.55 10.81 -35.79
CA GLN A 304 -10.80 10.35 -36.36
C GLN A 304 -11.56 9.39 -35.45
N VAL A 305 -10.84 8.55 -34.71
CA VAL A 305 -11.47 7.60 -33.79
C VAL A 305 -10.62 7.46 -32.52
N SER A 306 -11.16 7.88 -31.38
CA SER A 306 -10.42 7.79 -30.13
C SER A 306 -10.30 6.34 -29.66
N VAL A 307 -9.29 6.07 -28.83
CA VAL A 307 -9.08 4.72 -28.33
C VAL A 307 -10.32 4.32 -27.53
N SER A 308 -10.92 5.28 -26.84
CA SER A 308 -12.12 5.05 -26.07
C SER A 308 -13.21 4.52 -27.00
N ASP A 309 -13.43 5.22 -28.11
CA ASP A 309 -14.44 4.81 -29.09
C ASP A 309 -14.07 3.47 -29.70
N THR A 310 -12.77 3.23 -29.83
CA THR A 310 -12.26 1.99 -30.38
C THR A 310 -12.69 0.80 -29.51
N VAL A 311 -12.53 0.96 -28.21
CA VAL A 311 -12.88 -0.09 -27.27
C VAL A 311 -14.38 -0.34 -27.15
N SER A 312 -15.18 0.70 -27.25
CA SER A 312 -16.62 0.52 -27.13
C SER A 312 -17.29 0.01 -28.41
N THR A 313 -16.78 0.37 -29.58
CA THR A 313 -17.39 -0.08 -30.84
C THR A 313 -16.78 -1.36 -31.39
N TYR A 314 -15.53 -1.62 -31.05
CA TYR A 314 -14.83 -2.81 -31.52
C TYR A 314 -14.67 -2.83 -33.04
N LEU A 315 -14.40 -1.67 -33.61
CA LEU A 315 -14.21 -1.58 -35.05
C LEU A 315 -12.99 -2.40 -35.46
N PHE A 316 -12.07 -2.62 -34.54
CA PHE A 316 -10.87 -3.40 -34.84
C PHE A 316 -10.99 -4.88 -34.51
N ASN A 317 -12.07 -5.29 -33.84
CA ASN A 317 -12.27 -6.70 -33.53
C ASN A 317 -13.14 -7.23 -34.66
N SER A 318 -12.94 -6.65 -35.82
CA SER A 318 -13.68 -7.02 -37.01
C SER A 318 -12.93 -8.08 -37.79
N GLN A 319 -13.64 -8.72 -38.71
CA GLN A 319 -13.04 -9.73 -39.57
C GLN A 319 -12.74 -9.05 -40.90
N LEU A 320 -11.50 -9.19 -41.38
CA LEU A 320 -11.13 -8.61 -42.65
C LEU A 320 -11.07 -9.78 -43.62
N LEU A 321 -12.10 -9.90 -44.46
CA LEU A 321 -12.19 -11.00 -45.41
C LEU A 321 -11.79 -10.63 -46.85
N SER A 322 -11.25 -11.61 -47.56
CA SER A 322 -10.84 -11.42 -48.94
C SER A 322 -11.95 -11.89 -49.88
N ARG A 323 -12.35 -11.02 -50.80
CA ARG A 323 -13.39 -11.35 -51.78
C ARG A 323 -12.65 -11.99 -52.94
N ASP A 324 -13.36 -12.78 -53.75
CA ASP A 324 -12.71 -13.45 -54.89
C ASP A 324 -11.90 -12.54 -55.80
N ASP A 325 -12.26 -11.27 -55.92
CA ASP A 325 -11.51 -10.34 -56.78
C ASP A 325 -10.39 -9.60 -56.04
N GLY A 326 -10.04 -10.05 -54.85
CA GLY A 326 -8.96 -9.42 -54.10
C GLY A 326 -9.38 -8.30 -53.18
N SER A 327 -10.56 -7.74 -53.41
CA SER A 327 -11.08 -6.67 -52.59
C SER A 327 -11.39 -7.28 -51.23
N MET A 328 -11.64 -6.44 -50.23
CA MET A 328 -11.91 -6.95 -48.90
C MET A 328 -13.19 -6.44 -48.26
N MET A 329 -13.72 -7.24 -47.35
CA MET A 329 -14.95 -6.93 -46.63
C MET A 329 -14.67 -6.80 -45.14
N LEU A 330 -15.29 -5.83 -44.48
CA LEU A 330 -15.11 -5.66 -43.05
C LEU A 330 -16.36 -6.09 -42.31
N VAL A 331 -16.22 -7.17 -41.53
CA VAL A 331 -17.33 -7.70 -40.74
C VAL A 331 -17.28 -6.99 -39.39
N LEU A 332 -18.30 -6.18 -39.12
CA LEU A 332 -18.36 -5.40 -37.90
C LEU A 332 -19.57 -5.69 -37.02
N PRO A 333 -19.45 -5.41 -35.71
CA PRO A 333 -20.54 -5.62 -34.75
C PRO A 333 -21.47 -4.42 -34.84
N GLN A 334 -22.75 -4.63 -34.57
CA GLN A 334 -23.74 -3.56 -34.66
C GLN A 334 -23.35 -2.22 -34.01
N GLU A 335 -22.66 -2.24 -32.88
CA GLU A 335 -22.29 -0.98 -32.23
C GLU A 335 -21.41 -0.07 -33.10
N CYS A 336 -20.86 -0.59 -34.18
CA CYS A 336 -20.03 0.21 -35.08
C CYS A 336 -20.93 1.11 -35.92
N ARG A 337 -22.14 0.62 -36.16
CA ARG A 337 -23.13 1.36 -36.94
C ARG A 337 -23.90 2.32 -36.05
N GLU A 338 -24.00 1.98 -34.78
CA GLU A 338 -24.72 2.80 -33.82
C GLU A 338 -23.88 3.95 -33.27
N HIS A 339 -22.61 4.01 -33.65
CA HIS A 339 -21.72 5.08 -33.21
C HIS A 339 -21.44 5.99 -34.41
N ALA A 340 -22.02 7.18 -34.38
CA ALA A 340 -21.88 8.16 -35.47
C ALA A 340 -20.45 8.35 -35.94
N GLY A 341 -19.54 8.60 -35.00
CA GLY A 341 -18.15 8.80 -35.35
C GLY A 341 -17.51 7.61 -36.06
N VAL A 342 -17.57 6.45 -35.43
CA VAL A 342 -16.98 5.26 -36.00
C VAL A 342 -17.65 4.86 -37.31
N TRP A 343 -18.98 4.91 -37.36
CA TRP A 343 -19.67 4.55 -38.59
C TRP A 343 -19.25 5.52 -39.69
N GLY A 344 -19.14 6.80 -39.34
CA GLY A 344 -18.71 7.78 -40.29
C GLY A 344 -17.31 7.46 -40.80
N TYR A 345 -16.42 7.05 -39.90
CA TYR A 345 -15.06 6.72 -40.31
C TYR A 345 -15.03 5.48 -41.19
N LEU A 346 -15.80 4.46 -40.83
CA LEU A 346 -15.83 3.22 -41.62
C LEU A 346 -16.27 3.48 -43.04
N ASN A 347 -17.25 4.35 -43.22
CA ASN A 347 -17.70 4.65 -44.57
C ASN A 347 -16.69 5.46 -45.35
N GLU A 348 -15.96 6.32 -44.65
CA GLU A 348 -14.92 7.12 -45.27
C GLU A 348 -13.88 6.11 -45.76
N LEU A 349 -13.57 5.15 -44.91
CA LEU A 349 -12.60 4.12 -45.24
C LEU A 349 -13.13 3.32 -46.44
N LEU A 350 -14.42 3.05 -46.40
CA LEU A 350 -15.07 2.29 -47.47
C LEU A 350 -14.96 3.02 -48.81
N ALA A 351 -15.23 4.33 -48.80
CA ALA A 351 -15.18 5.12 -50.01
C ALA A 351 -13.76 5.41 -50.46
N ALA A 352 -12.84 5.49 -49.51
CA ALA A 352 -11.44 5.77 -49.81
C ALA A 352 -10.87 4.73 -50.76
N ASP A 353 -9.78 5.09 -51.44
CA ASP A 353 -9.16 4.18 -52.37
C ASP A 353 -8.27 3.18 -51.64
N ASN A 354 -8.79 1.99 -51.40
CA ASN A 354 -8.04 0.93 -50.72
C ASN A 354 -8.76 -0.39 -50.91
N PRO A 355 -8.24 -1.50 -50.36
CA PRO A 355 -8.87 -2.82 -50.49
C PRO A 355 -10.26 -2.98 -49.87
N ILE A 356 -10.55 -2.19 -48.84
CA ILE A 356 -11.83 -2.27 -48.16
C ILE A 356 -12.99 -1.73 -48.99
N SER A 357 -13.64 -2.61 -49.74
CA SER A 357 -14.75 -2.19 -50.59
C SER A 357 -16.14 -2.62 -50.13
N GLU A 358 -16.26 -3.14 -48.92
CA GLU A 358 -17.56 -3.55 -48.42
C GLU A 358 -17.63 -3.69 -46.90
N LEU A 359 -18.73 -3.21 -46.33
CA LEU A 359 -18.93 -3.28 -44.89
C LEU A 359 -20.12 -4.20 -44.64
N LYS A 360 -19.97 -5.10 -43.70
CA LYS A 360 -21.02 -6.04 -43.35
C LYS A 360 -21.16 -5.97 -41.82
N VAL A 361 -22.39 -5.76 -41.35
CA VAL A 361 -22.65 -5.64 -39.92
C VAL A 361 -23.52 -6.77 -39.37
N PHE A 362 -23.17 -7.26 -38.18
CA PHE A 362 -23.95 -8.31 -37.52
C PHE A 362 -24.27 -7.92 -36.09
N ASP A 363 -25.37 -8.44 -35.57
CA ASP A 363 -25.75 -8.15 -34.20
C ASP A 363 -25.23 -9.25 -33.30
N LEU A 364 -24.17 -8.92 -32.56
CA LEU A 364 -23.57 -9.86 -31.62
C LEU A 364 -23.57 -9.22 -30.24
N ARG A 365 -24.73 -8.67 -29.87
CA ARG A 365 -24.87 -7.99 -28.60
C ARG A 365 -24.56 -8.85 -27.37
N GLU A 366 -25.02 -10.08 -27.38
CA GLU A 366 -24.76 -10.97 -26.25
C GLU A 366 -23.25 -11.12 -26.04
N SER A 367 -22.52 -11.44 -27.11
CA SER A 367 -21.08 -11.61 -27.01
C SER A 367 -20.35 -10.30 -26.72
N MET A 368 -20.82 -9.21 -27.32
CA MET A 368 -20.20 -7.91 -27.13
C MET A 368 -20.28 -7.43 -25.69
N ALA A 369 -21.35 -7.80 -24.99
CA ALA A 369 -21.53 -7.41 -23.60
C ALA A 369 -20.45 -8.01 -22.72
N ASN A 370 -19.77 -9.06 -23.20
CA ASN A 370 -18.70 -9.67 -22.44
C ASN A 370 -17.33 -9.42 -23.07
N GLY A 371 -17.27 -8.44 -23.97
CA GLY A 371 -16.03 -8.05 -24.60
C GLY A 371 -15.58 -8.80 -25.84
N GLY A 372 -16.53 -9.41 -26.54
CA GLY A 372 -16.16 -10.15 -27.73
C GLY A 372 -16.96 -9.80 -28.96
N GLY A 373 -16.25 -9.42 -30.02
CA GLY A 373 -16.90 -9.06 -31.27
C GLY A 373 -16.80 -10.16 -32.31
N PRO A 374 -16.94 -9.82 -33.60
CA PRO A 374 -16.86 -10.80 -34.70
C PRO A 374 -15.61 -11.67 -34.70
N ALA A 375 -14.45 -11.02 -34.63
CA ALA A 375 -13.18 -11.74 -34.64
C ALA A 375 -12.94 -12.62 -33.42
N SER A 376 -13.37 -12.17 -32.24
CA SER A 376 -13.15 -12.94 -31.02
C SER A 376 -13.84 -14.30 -31.08
N LEU A 377 -14.89 -14.39 -31.88
CA LEU A 377 -15.66 -15.63 -32.01
C LEU A 377 -15.14 -16.57 -33.10
N ARG A 378 -14.02 -16.22 -33.72
CA ARG A 378 -13.47 -17.05 -34.79
C ARG A 378 -11.97 -17.28 -34.74
N LEU A 379 -11.57 -18.46 -35.22
CA LEU A 379 -10.17 -18.85 -35.28
C LEU A 379 -9.86 -19.13 -36.75
N ARG A 380 -8.98 -18.31 -37.34
CA ARG A 380 -8.59 -18.42 -38.75
C ARG A 380 -7.58 -19.53 -39.00
N VAL A 381 -7.95 -20.48 -39.84
CA VAL A 381 -7.06 -21.59 -40.15
C VAL A 381 -6.89 -21.74 -41.64
N VAL A 382 -5.74 -21.33 -42.15
CA VAL A 382 -5.43 -21.44 -43.57
C VAL A 382 -5.12 -22.89 -43.89
N LEU A 383 -5.94 -23.49 -44.74
CA LEU A 383 -5.80 -24.90 -45.12
C LEU A 383 -5.75 -25.15 -46.62
N THR A 384 -4.91 -26.09 -47.04
CA THR A 384 -4.84 -26.44 -48.45
C THR A 384 -6.04 -27.32 -48.76
N GLU A 385 -6.31 -27.54 -50.04
CA GLU A 385 -7.44 -28.36 -50.43
C GLU A 385 -7.41 -29.71 -49.72
N GLU A 386 -6.24 -30.34 -49.74
CA GLU A 386 -6.06 -31.65 -49.10
C GLU A 386 -6.22 -31.57 -47.59
N GLU A 387 -5.76 -30.49 -46.97
CA GLU A 387 -5.88 -30.34 -45.53
C GLU A 387 -7.33 -30.05 -45.17
N ARG A 388 -7.99 -29.23 -45.98
CA ARG A 388 -9.38 -28.90 -45.76
C ARG A 388 -10.20 -30.19 -45.73
N ARG A 389 -9.84 -31.13 -46.60
CA ARG A 389 -10.53 -32.41 -46.69
C ARG A 389 -10.26 -33.32 -45.50
N ALA A 390 -9.16 -33.10 -44.80
CA ALA A 390 -8.81 -33.92 -43.65
C ALA A 390 -9.48 -33.42 -42.36
N VAL A 391 -10.13 -32.26 -42.43
CA VAL A 391 -10.82 -31.73 -41.26
C VAL A 391 -12.10 -32.52 -41.04
N ASN A 392 -12.50 -32.70 -39.78
CA ASN A 392 -13.72 -33.44 -39.47
C ASN A 392 -14.84 -32.78 -40.26
N PRO A 393 -15.37 -33.48 -41.28
CA PRO A 393 -16.46 -32.93 -42.11
C PRO A 393 -17.72 -32.52 -41.35
N ALA A 394 -17.98 -33.18 -40.21
CA ALA A 394 -19.14 -32.88 -39.41
C ALA A 394 -19.21 -31.47 -38.79
N VAL A 395 -18.09 -30.74 -38.81
CA VAL A 395 -18.11 -29.40 -38.23
C VAL A 395 -18.10 -28.26 -39.26
N MET A 396 -18.13 -28.62 -40.54
CA MET A 396 -18.15 -27.63 -41.60
C MET A 396 -19.56 -27.04 -41.66
N MET A 397 -19.65 -25.71 -41.76
CA MET A 397 -20.95 -25.05 -41.80
C MET A 397 -21.65 -25.20 -43.15
N ASN A 398 -22.95 -25.47 -43.09
CA ASN A 398 -23.78 -25.65 -44.29
C ASN A 398 -25.24 -25.69 -43.82
N ASP A 399 -26.18 -25.82 -44.76
CA ASP A 399 -27.61 -25.86 -44.41
C ASP A 399 -27.94 -26.88 -43.34
N THR A 400 -27.51 -28.12 -43.55
CA THR A 400 -27.78 -29.21 -42.63
C THR A 400 -27.33 -28.92 -41.21
N LEU A 401 -26.05 -28.56 -41.04
CA LEU A 401 -25.52 -28.28 -39.71
C LEU A 401 -26.19 -27.06 -39.10
N PHE A 402 -26.45 -26.04 -39.92
CA PHE A 402 -27.10 -24.81 -39.45
C PHE A 402 -28.46 -25.15 -38.85
N ASN A 403 -29.29 -25.84 -39.61
CA ASN A 403 -30.61 -26.21 -39.11
C ASN A 403 -30.51 -27.14 -37.91
N ALA A 404 -29.56 -28.06 -37.92
CA ALA A 404 -29.39 -28.98 -36.81
C ALA A 404 -28.95 -28.25 -35.56
N LEU A 405 -27.99 -27.34 -35.68
CA LEU A 405 -27.50 -26.58 -34.53
C LEU A 405 -28.57 -25.67 -33.95
N ASN A 406 -29.42 -25.11 -34.81
CA ASN A 406 -30.50 -24.24 -34.34
C ASN A 406 -31.54 -25.04 -33.58
N ASP A 407 -31.81 -26.25 -34.06
CA ASP A 407 -32.79 -27.11 -33.42
C ASP A 407 -32.23 -27.55 -32.07
N TRP A 408 -30.94 -27.86 -32.05
CA TRP A 408 -30.26 -28.28 -30.82
C TRP A 408 -30.38 -27.15 -29.78
N VAL A 409 -30.12 -25.92 -30.22
CA VAL A 409 -30.21 -24.77 -29.34
C VAL A 409 -31.60 -24.59 -28.79
N ASP A 410 -32.61 -24.67 -29.65
CA ASP A 410 -33.99 -24.52 -29.21
C ASP A 410 -34.39 -25.61 -28.23
N ARG A 411 -33.77 -26.78 -28.34
CA ARG A 411 -34.09 -27.87 -27.44
C ARG A 411 -33.45 -27.76 -26.07
N TYR A 412 -32.25 -27.20 -25.98
CA TYR A 412 -31.57 -27.12 -24.69
C TYR A 412 -31.25 -25.76 -24.07
N TYR A 413 -31.20 -24.71 -24.88
CA TYR A 413 -30.86 -23.38 -24.35
C TYR A 413 -32.01 -22.60 -23.74
N ARG A 414 -31.72 -21.88 -22.66
CA ARG A 414 -32.71 -21.07 -21.97
C ARG A 414 -32.68 -19.65 -22.56
N ASP A 415 -33.81 -18.96 -22.42
CA ASP A 415 -33.98 -17.58 -22.90
C ASP A 415 -33.40 -16.57 -21.92
N ARG A 416 -33.27 -16.99 -20.66
CA ARG A 416 -32.76 -16.15 -19.58
C ARG A 416 -31.86 -16.95 -18.66
N LEU A 417 -30.87 -16.28 -18.07
CA LEU A 417 -29.95 -16.94 -17.15
C LEU A 417 -29.26 -15.90 -16.29
N THR A 418 -29.02 -16.26 -15.03
CA THR A 418 -28.36 -15.38 -14.08
C THR A 418 -27.42 -16.24 -13.25
N ALA A 419 -26.39 -15.63 -12.66
CA ALA A 419 -25.44 -16.35 -11.84
C ALA A 419 -26.18 -17.22 -10.83
N ALA A 420 -27.29 -16.69 -10.35
CA ALA A 420 -28.12 -17.39 -9.38
C ALA A 420 -28.59 -18.75 -9.91
N ASP A 421 -28.87 -18.80 -11.21
CA ASP A 421 -29.33 -20.04 -11.85
C ASP A 421 -28.25 -21.10 -11.99
N LEU A 422 -26.99 -20.70 -11.96
CA LEU A 422 -25.89 -21.65 -12.12
C LEU A 422 -25.88 -22.78 -11.10
N ALA A 423 -26.66 -22.64 -10.03
CA ALA A 423 -26.71 -23.66 -8.98
C ALA A 423 -27.79 -24.69 -9.26
N ASP A 424 -28.68 -24.36 -10.19
CA ASP A 424 -29.79 -25.24 -10.54
C ASP A 424 -29.34 -26.60 -11.05
N PRO A 425 -29.56 -27.66 -10.26
CA PRO A 425 -29.13 -28.99 -10.72
C PRO A 425 -29.71 -29.33 -12.08
N GLN A 426 -30.85 -28.73 -12.40
CA GLN A 426 -31.52 -28.95 -13.68
C GLN A 426 -30.65 -28.44 -14.82
N LEU A 427 -30.07 -27.25 -14.66
CA LEU A 427 -29.21 -26.68 -15.68
C LEU A 427 -28.05 -27.64 -15.96
N LEU A 428 -27.51 -28.23 -14.89
CA LEU A 428 -26.40 -29.17 -15.01
C LEU A 428 -26.76 -30.34 -15.92
N ARG A 429 -27.95 -30.90 -15.71
CA ARG A 429 -28.42 -32.05 -16.49
C ARG A 429 -28.62 -31.68 -17.97
N GLU A 430 -29.34 -30.59 -18.22
CA GLU A 430 -29.59 -30.12 -19.57
C GLU A 430 -28.28 -29.97 -20.34
N GLY A 431 -27.28 -29.42 -19.67
CA GLY A 431 -25.99 -29.22 -20.31
C GLY A 431 -25.28 -30.51 -20.65
N ARG A 432 -25.28 -31.46 -19.71
CA ARG A 432 -24.62 -32.75 -19.96
C ARG A 432 -25.27 -33.43 -21.16
N GLU A 433 -26.60 -33.49 -21.17
CA GLU A 433 -27.32 -34.13 -22.25
C GLU A 433 -27.07 -33.39 -23.57
N ALA A 434 -27.14 -32.07 -23.53
CA ALA A 434 -26.92 -31.25 -24.71
C ALA A 434 -25.56 -31.59 -25.34
N LEU A 435 -24.51 -31.63 -24.52
CA LEU A 435 -23.17 -31.94 -25.01
C LEU A 435 -23.06 -33.36 -25.54
N ASP A 436 -23.73 -34.30 -24.88
CA ASP A 436 -23.71 -35.68 -25.33
C ASP A 436 -24.25 -35.77 -26.74
N VAL A 437 -25.39 -35.12 -26.96
CA VAL A 437 -26.01 -35.15 -28.27
C VAL A 437 -25.14 -34.43 -29.29
N LEU A 438 -24.57 -33.29 -28.88
CA LEU A 438 -23.71 -32.49 -29.74
C LEU A 438 -22.48 -33.30 -30.20
N SER A 439 -21.88 -34.02 -29.27
CA SER A 439 -20.70 -34.80 -29.61
C SER A 439 -21.02 -35.81 -30.71
N GLN A 440 -22.24 -36.35 -30.71
CA GLN A 440 -22.65 -37.30 -31.74
C GLN A 440 -22.86 -36.54 -33.05
N LEU A 441 -23.56 -35.42 -32.96
CA LEU A 441 -23.85 -34.58 -34.11
C LEU A 441 -22.56 -34.20 -34.83
N LEU A 442 -21.58 -33.75 -34.07
CA LEU A 442 -20.30 -33.33 -34.61
C LEU A 442 -19.29 -34.46 -34.74
N ASN A 443 -19.72 -35.70 -34.49
CA ASN A 443 -18.83 -36.85 -34.59
C ASN A 443 -17.52 -36.62 -33.87
N LEU A 444 -17.60 -36.28 -32.58
CA LEU A 444 -16.39 -36.02 -31.80
C LEU A 444 -16.07 -37.15 -30.83
N GLY A 445 -17.03 -38.04 -30.60
CA GLY A 445 -16.80 -39.13 -29.67
C GLY A 445 -16.85 -38.58 -28.24
N SER A 446 -16.35 -39.36 -27.28
CA SER A 446 -16.35 -38.91 -25.89
C SER A 446 -15.21 -37.95 -25.66
N VAL A 447 -15.39 -36.71 -26.11
CA VAL A 447 -14.39 -35.67 -26.00
C VAL A 447 -14.44 -34.87 -24.69
N TYR A 448 -15.59 -34.84 -24.04
CA TYR A 448 -15.73 -34.10 -22.79
C TYR A 448 -15.42 -34.97 -21.57
N PRO A 449 -14.79 -34.38 -20.54
CA PRO A 449 -14.44 -35.11 -19.32
C PRO A 449 -15.58 -35.91 -18.69
N PHE A 450 -16.78 -35.34 -18.67
CA PHE A 450 -17.93 -36.03 -18.09
C PHE A 450 -18.35 -37.28 -18.86
N GLN A 451 -17.84 -37.44 -20.07
CA GLN A 451 -18.19 -38.61 -20.86
C GLN A 451 -17.19 -39.74 -20.66
N ARG A 452 -16.10 -39.45 -19.96
CA ARG A 452 -15.07 -40.44 -19.69
C ARG A 452 -15.17 -41.01 -18.28
N ASN B 13 28.68 8.00 37.78
CA ASN B 13 28.00 8.32 39.08
C ASN B 13 27.28 9.66 38.96
N ALA B 14 26.05 9.60 38.46
CA ALA B 14 25.25 10.80 38.27
C ALA B 14 24.08 10.89 39.23
N TRP B 15 23.50 12.08 39.33
CA TRP B 15 22.35 12.33 40.19
C TRP B 15 21.17 12.76 39.33
N GLU B 16 19.96 12.50 39.81
CA GLU B 16 18.79 12.94 39.08
C GLU B 16 18.49 14.35 39.57
N VAL B 17 18.44 15.31 38.66
CA VAL B 17 18.16 16.70 39.05
C VAL B 17 16.75 17.10 38.62
N ASN B 18 15.96 17.58 39.56
CA ASN B 18 14.60 18.00 39.24
C ASN B 18 14.58 19.46 38.83
N PHE B 19 14.01 19.72 37.65
CA PHE B 19 13.88 21.08 37.12
C PHE B 19 12.38 21.40 37.12
N ASP B 20 11.96 22.30 37.99
CA ASP B 20 10.55 22.67 38.09
C ASP B 20 10.20 23.93 37.33
N GLY B 21 8.94 24.04 36.91
CA GLY B 21 8.52 25.22 36.17
C GLY B 21 8.02 26.30 37.12
N LEU B 22 8.53 27.51 36.93
CA LEU B 22 8.13 28.65 37.75
C LEU B 22 6.84 29.20 37.12
N VAL B 23 5.72 29.02 37.81
CA VAL B 23 4.42 29.44 37.30
C VAL B 23 4.41 30.89 36.82
N GLY B 24 3.88 31.09 35.60
CA GLY B 24 3.82 32.41 35.02
C GLY B 24 2.74 33.31 35.59
N LEU B 25 2.88 34.60 35.34
CA LEU B 25 1.96 35.63 35.83
C LEU B 25 0.54 35.60 35.25
N THR B 26 0.34 34.88 34.16
CA THR B 26 -0.99 34.85 33.54
C THR B 26 -1.77 33.58 33.85
N HIS B 27 -1.29 32.83 34.84
CA HIS B 27 -1.95 31.61 35.29
C HIS B 27 -3.45 31.83 35.48
N HIS B 28 -4.25 31.06 34.76
CA HIS B 28 -5.71 31.19 34.85
C HIS B 28 -6.41 29.89 34.45
N TYR B 29 -7.72 29.81 34.68
CA TYR B 29 -8.49 28.63 34.35
C TYR B 29 -9.39 28.90 33.16
N ALA B 30 -9.12 28.24 32.04
CA ALA B 30 -9.91 28.46 30.83
C ALA B 30 -10.51 27.20 30.22
N GLY B 31 -10.32 26.05 30.88
CA GLY B 31 -10.87 24.81 30.35
C GLY B 31 -10.49 24.51 28.91
N LEU B 32 -9.21 24.67 28.61
CA LEU B 32 -8.66 24.47 27.27
C LEU B 32 -8.28 23.03 26.95
N SER B 33 -8.18 22.17 27.96
CA SER B 33 -7.77 20.81 27.69
C SER B 33 -8.80 19.71 27.84
N PHE B 34 -9.55 19.44 26.78
CA PHE B 34 -10.54 18.39 26.79
C PHE B 34 -9.73 17.10 27.00
N GLY B 35 -10.17 16.28 27.96
CA GLY B 35 -9.47 15.05 28.26
C GLY B 35 -8.76 15.20 29.59
N ASN B 36 -8.60 16.46 29.98
CA ASN B 36 -7.99 16.84 31.26
C ASN B 36 -9.20 17.29 32.07
N GLU B 37 -9.76 16.37 32.85
CA GLU B 37 -10.95 16.67 33.63
C GLU B 37 -10.83 17.80 34.65
N ALA B 38 -9.66 17.98 35.26
CA ALA B 38 -9.51 19.07 36.23
C ALA B 38 -9.65 20.39 35.50
N SER B 39 -8.98 20.50 34.36
CA SER B 39 -9.04 21.70 33.54
C SER B 39 -10.50 22.03 33.19
N THR B 40 -11.23 21.01 32.75
CA THR B 40 -12.62 21.17 32.35
C THR B 40 -13.54 21.56 33.51
N ARG B 41 -13.33 20.95 34.66
CA ARG B 41 -14.18 21.21 35.82
C ARG B 41 -13.93 22.57 36.48
N HIS B 42 -12.74 23.11 36.32
CA HIS B 42 -12.41 24.40 36.91
C HIS B 42 -12.54 25.53 35.90
N ARG B 43 -13.16 25.21 34.76
CA ARG B 43 -13.40 26.15 33.67
C ARG B 43 -13.08 27.61 33.96
N PHE B 44 -14.00 28.37 34.54
CA PHE B 44 -13.65 29.76 34.73
C PHE B 44 -13.48 30.31 36.14
N GLN B 45 -13.08 29.48 37.09
CA GLN B 45 -12.88 29.97 38.44
C GLN B 45 -11.75 31.00 38.44
N VAL B 46 -11.72 31.82 39.49
CA VAL B 46 -10.71 32.86 39.64
C VAL B 46 -9.41 32.16 40.02
N SER B 47 -8.30 32.67 39.51
CA SER B 47 -7.00 32.07 39.81
C SER B 47 -6.15 33.02 40.64
N ASN B 48 -5.12 32.47 41.27
CA ASN B 48 -4.21 33.26 42.07
C ASN B 48 -2.78 32.97 41.59
N PRO B 49 -2.32 33.73 40.59
CA PRO B 49 -0.97 33.58 40.02
C PRO B 49 0.13 33.61 41.07
N ARG B 50 0.11 34.65 41.90
CA ARG B 50 1.09 34.82 42.96
C ARG B 50 1.17 33.56 43.81
N LEU B 51 0.01 33.12 44.30
CA LEU B 51 -0.07 31.91 45.14
C LEU B 51 0.44 30.70 44.38
N ALA B 52 0.01 30.57 43.14
CA ALA B 52 0.43 29.46 42.29
C ALA B 52 1.96 29.36 42.29
N ALA B 53 2.63 30.45 41.92
CA ALA B 53 4.08 30.45 41.88
C ALA B 53 4.66 30.12 43.25
N LYS B 54 4.10 30.71 44.30
CA LYS B 54 4.56 30.48 45.68
C LYS B 54 4.51 29.01 46.07
N GLN B 55 3.37 28.38 45.80
CA GLN B 55 3.23 26.96 46.12
C GLN B 55 4.32 26.15 45.46
N GLY B 56 4.52 26.37 44.17
CA GLY B 56 5.54 25.64 43.43
C GLY B 56 6.94 25.84 43.95
N LEU B 57 7.27 27.07 44.32
CA LEU B 57 8.59 27.40 44.85
C LEU B 57 8.82 26.72 46.19
N LEU B 58 7.76 26.57 46.98
CA LEU B 58 7.87 25.93 48.27
C LEU B 58 8.23 24.47 48.10
N LYS B 59 7.59 23.80 47.16
CA LYS B 59 7.88 22.39 46.94
C LYS B 59 9.32 22.26 46.46
N MET B 60 9.73 23.17 45.59
CA MET B 60 11.08 23.17 45.05
C MET B 60 12.08 23.32 46.19
N LYS B 61 11.87 24.37 46.98
CA LYS B 61 12.73 24.67 48.13
C LYS B 61 12.80 23.51 49.13
N ALA B 62 11.64 22.93 49.43
CA ALA B 62 11.55 21.82 50.36
C ALA B 62 12.41 20.65 49.94
N LEU B 63 12.22 20.19 48.70
CA LEU B 63 12.99 19.06 48.19
C LEU B 63 14.46 19.41 48.12
N ALA B 64 14.75 20.65 47.77
CA ALA B 64 16.13 21.10 47.68
C ALA B 64 16.75 20.97 49.07
N ASP B 65 16.12 21.58 50.07
CA ASP B 65 16.60 21.52 51.45
C ASP B 65 16.75 20.07 51.91
N ALA B 66 15.90 19.19 51.40
CA ALA B 66 15.94 17.79 51.77
C ALA B 66 17.11 17.07 51.13
N GLY B 67 17.85 17.78 50.29
CA GLY B 67 19.00 17.17 49.65
C GLY B 67 18.78 16.63 48.25
N PHE B 68 17.65 16.97 47.63
CA PHE B 68 17.38 16.52 46.27
C PHE B 68 17.66 17.64 45.25
N PRO B 69 18.72 17.49 44.45
CA PRO B 69 19.11 18.48 43.43
C PRO B 69 17.88 19.09 42.76
N GLN B 70 17.78 20.41 42.84
CA GLN B 70 16.64 21.15 42.32
C GLN B 70 17.03 22.37 41.48
N ALA B 71 16.27 22.61 40.41
CA ALA B 71 16.54 23.76 39.54
C ALA B 71 15.22 24.35 39.06
N VAL B 72 15.30 25.47 38.35
CA VAL B 72 14.12 26.18 37.89
C VAL B 72 14.13 26.41 36.39
N ILE B 73 12.94 26.43 35.80
CA ILE B 73 12.75 26.72 34.38
C ILE B 73 11.72 27.84 34.42
N PRO B 74 12.04 29.01 33.84
CA PRO B 74 11.16 30.18 33.82
C PRO B 74 9.90 30.11 32.96
N PRO B 75 8.90 30.96 33.28
CA PRO B 75 7.64 31.02 32.54
C PRO B 75 7.86 31.63 31.17
N HIS B 76 6.82 31.62 30.34
CA HIS B 76 6.92 32.16 28.97
C HIS B 76 6.27 33.54 28.82
N GLU B 77 6.45 34.11 27.62
CA GLU B 77 5.91 35.41 27.26
C GLU B 77 4.38 35.30 27.09
N ARG B 78 3.63 35.90 28.02
CA ARG B 78 2.17 35.82 27.99
C ARG B 78 1.53 37.14 28.45
N PRO B 79 0.55 37.65 27.69
CA PRO B 79 -0.02 37.14 26.43
C PRO B 79 1.03 37.11 25.32
N PHE B 80 0.91 36.12 24.42
CA PHE B 80 1.85 36.00 23.32
C PHE B 80 1.25 36.65 22.06
N ILE B 81 1.49 37.94 21.91
CA ILE B 81 0.96 38.71 20.78
C ILE B 81 1.37 38.22 19.38
N PRO B 82 2.61 37.73 19.22
CA PRO B 82 3.00 37.27 17.88
C PRO B 82 2.02 36.30 17.24
N VAL B 83 1.51 35.35 18.02
CA VAL B 83 0.55 34.38 17.51
C VAL B 83 -0.79 35.03 17.17
N LEU B 84 -1.16 36.07 17.91
CA LEU B 84 -2.41 36.75 17.64
C LEU B 84 -2.30 37.43 16.27
N ARG B 85 -1.11 37.98 15.99
CA ARG B 85 -0.85 38.65 14.73
C ARG B 85 -0.90 37.59 13.62
N GLN B 86 -0.34 36.43 13.93
CA GLN B 86 -0.31 35.32 12.98
C GLN B 86 -1.75 34.91 12.65
N LEU B 87 -2.67 35.23 13.55
CA LEU B 87 -4.07 34.89 13.36
C LEU B 87 -4.84 36.01 12.67
N GLY B 88 -4.13 37.02 12.19
CA GLY B 88 -4.78 38.10 11.49
C GLY B 88 -5.10 39.38 12.22
N PHE B 89 -4.77 39.48 13.49
CA PHE B 89 -5.04 40.70 14.23
C PHE B 89 -3.82 41.61 14.18
N SER B 90 -3.98 42.83 13.66
CA SER B 90 -2.86 43.74 13.54
C SER B 90 -2.91 44.99 14.42
N GLY B 91 -1.83 45.76 14.36
CA GLY B 91 -1.73 46.98 15.15
C GLY B 91 -0.65 46.81 16.20
N SER B 92 -0.57 47.78 17.11
CA SER B 92 0.41 47.72 18.20
C SER B 92 -0.03 46.62 19.13
N ASP B 93 0.86 46.19 20.03
CA ASP B 93 0.53 45.13 20.97
C ASP B 93 -0.81 45.41 21.66
N GLU B 94 -0.94 46.61 22.22
CA GLU B 94 -2.16 47.01 22.92
C GLU B 94 -3.38 46.94 22.00
N GLN B 95 -3.20 47.33 20.74
CA GLN B 95 -4.29 47.32 19.78
C GLN B 95 -4.77 45.91 19.45
N VAL B 96 -3.82 45.00 19.33
CA VAL B 96 -4.11 43.60 19.04
C VAL B 96 -4.85 43.03 20.23
N LEU B 97 -4.33 43.34 21.41
CA LEU B 97 -4.91 42.88 22.65
C LEU B 97 -6.36 43.33 22.70
N GLU B 98 -6.60 44.59 22.35
CA GLU B 98 -7.94 45.13 22.36
C GLU B 98 -8.84 44.43 21.33
N LYS B 99 -8.42 44.42 20.08
CA LYS B 99 -9.18 43.78 19.00
C LYS B 99 -9.59 42.36 19.35
N VAL B 100 -8.61 41.55 19.73
CA VAL B 100 -8.87 40.16 20.07
C VAL B 100 -9.84 40.03 21.23
N ALA B 101 -9.65 40.86 22.25
CA ALA B 101 -10.52 40.81 23.41
C ALA B 101 -11.97 41.01 23.02
N ARG B 102 -12.22 41.95 22.11
CA ARG B 102 -13.57 42.24 21.69
C ARG B 102 -14.09 41.40 20.51
N GLN B 103 -13.17 40.88 19.70
CA GLN B 103 -13.58 40.10 18.54
C GLN B 103 -13.50 38.59 18.73
N ALA B 104 -12.47 38.13 19.44
CA ALA B 104 -12.30 36.69 19.66
C ALA B 104 -11.56 36.44 20.96
N PRO B 105 -12.18 36.84 22.08
CA PRO B 105 -11.63 36.70 23.43
C PRO B 105 -11.13 35.29 23.80
N HIS B 106 -11.61 34.27 23.08
CA HIS B 106 -11.17 32.92 23.39
C HIS B 106 -9.73 32.68 22.97
N TRP B 107 -9.30 33.38 21.94
CA TRP B 107 -7.92 33.25 21.48
C TRP B 107 -7.01 33.88 22.53
N LEU B 108 -7.50 34.92 23.18
CA LEU B 108 -6.74 35.63 24.21
C LEU B 108 -6.27 34.63 25.24
N SER B 109 -7.18 33.76 25.67
CA SER B 109 -6.87 32.74 26.66
C SER B 109 -5.83 31.75 26.12
N SER B 110 -5.99 31.39 24.84
CA SER B 110 -5.10 30.43 24.19
C SER B 110 -3.67 30.88 24.07
N VAL B 111 -3.46 32.19 24.09
CA VAL B 111 -2.12 32.76 23.98
C VAL B 111 -1.68 33.36 25.31
N SER B 112 -2.46 33.13 26.36
CA SER B 112 -2.13 33.69 27.66
C SER B 112 -2.08 32.67 28.77
N SER B 113 -1.97 31.39 28.40
CA SER B 113 -1.93 30.33 29.39
C SER B 113 -0.54 30.15 30.00
N ALA B 114 -0.51 29.86 31.29
CA ALA B 114 0.74 29.64 32.01
C ALA B 114 1.11 28.14 31.95
N SER B 115 0.52 27.44 30.99
CA SER B 115 0.75 26.00 30.80
C SER B 115 2.20 25.53 30.74
N PRO B 116 3.13 26.34 30.18
CA PRO B 116 4.50 25.81 30.17
C PRO B 116 5.04 25.49 31.56
N MET B 117 4.31 25.89 32.60
CA MET B 117 4.75 25.62 33.97
C MET B 117 4.87 24.11 34.18
N TRP B 118 4.13 23.34 33.39
CA TRP B 118 4.18 21.89 33.51
C TRP B 118 5.30 21.35 32.63
N VAL B 119 6.53 21.57 33.09
CA VAL B 119 7.72 21.15 32.35
C VAL B 119 7.89 19.65 32.16
N ALA B 120 7.01 18.84 32.75
CA ALA B 120 7.12 17.40 32.55
C ALA B 120 6.85 17.14 31.07
N ASN B 121 6.17 18.10 30.44
CA ASN B 121 5.82 18.01 29.02
C ASN B 121 6.76 18.87 28.17
N ALA B 122 7.77 19.45 28.80
CA ALA B 122 8.70 20.30 28.09
C ALA B 122 9.53 19.56 27.06
N ALA B 123 10.06 18.40 27.46
CA ALA B 123 10.90 17.62 26.58
C ALA B 123 11.08 16.19 27.06
N THR B 124 11.84 15.41 26.30
CA THR B 124 12.15 14.03 26.65
C THR B 124 13.65 14.01 26.86
N ILE B 125 14.09 13.45 27.99
CA ILE B 125 15.50 13.41 28.35
C ILE B 125 16.19 12.06 28.16
N ALA B 126 17.45 12.12 27.74
CA ALA B 126 18.26 10.92 27.55
C ALA B 126 19.58 11.16 28.25
N PRO B 127 19.78 10.55 29.43
CA PRO B 127 21.01 10.69 30.20
C PRO B 127 22.19 10.16 29.39
N SER B 128 23.36 10.79 29.54
CA SER B 128 24.56 10.41 28.80
C SER B 128 24.88 8.91 28.89
N ALA B 129 24.39 8.26 29.93
CA ALA B 129 24.64 6.84 30.12
C ALA B 129 23.84 5.95 29.16
N ASP B 130 22.88 6.54 28.45
CA ASP B 130 22.06 5.76 27.52
C ASP B 130 22.19 6.15 26.05
N THR B 131 22.96 7.19 25.76
CA THR B 131 23.09 7.67 24.39
C THR B 131 24.30 7.15 23.64
N LEU B 132 24.18 7.07 22.32
CA LEU B 132 25.26 6.58 21.47
C LEU B 132 26.52 7.45 21.46
N ASP B 133 26.34 8.77 21.49
CA ASP B 133 27.47 9.69 21.47
C ASP B 133 27.92 10.09 22.87
N GLY B 134 27.28 9.54 23.90
CA GLY B 134 27.66 9.86 25.26
C GLY B 134 27.30 11.24 25.76
N LYS B 135 26.38 11.91 25.10
CA LYS B 135 25.97 13.25 25.54
C LYS B 135 24.55 13.22 26.12
N VAL B 136 24.18 14.29 26.80
CA VAL B 136 22.85 14.37 27.37
C VAL B 136 21.97 14.96 26.28
N HIS B 137 20.94 14.23 25.87
CA HIS B 137 20.04 14.69 24.82
C HIS B 137 18.68 15.12 25.36
N LEU B 138 18.15 16.21 24.81
CA LEU B 138 16.86 16.73 25.20
C LEU B 138 16.09 17.09 23.92
N THR B 139 14.97 16.42 23.70
CA THR B 139 14.15 16.70 22.52
C THR B 139 12.88 17.40 22.98
N VAL B 140 12.69 18.62 22.49
CA VAL B 140 11.52 19.42 22.84
C VAL B 140 10.25 18.75 22.36
N ALA B 141 9.20 18.77 23.18
CA ALA B 141 7.93 18.17 22.82
C ALA B 141 7.09 19.16 22.03
N ASN B 142 6.46 18.71 20.95
CA ASN B 142 5.65 19.61 20.14
C ASN B 142 4.34 20.00 20.80
N LEU B 143 3.82 19.13 21.67
CA LEU B 143 2.57 19.40 22.37
C LEU B 143 1.50 19.84 21.40
N ASN B 144 1.48 19.19 20.25
CA ASN B 144 0.55 19.51 19.17
C ASN B 144 -0.94 19.32 19.44
N ASN B 145 -1.29 18.42 20.34
CA ASN B 145 -2.70 18.19 20.59
C ASN B 145 -3.49 19.41 21.05
N LYS B 146 -2.90 20.16 21.98
CA LYS B 146 -3.51 21.35 22.52
C LYS B 146 -2.87 22.59 21.90
N PHE B 147 -3.67 23.38 21.20
CA PHE B 147 -3.14 24.60 20.58
C PHE B 147 -2.41 25.51 21.56
N HIS B 148 -3.03 25.82 22.70
CA HIS B 148 -2.38 26.71 23.67
C HIS B 148 -1.04 26.16 24.13
N ARG B 149 -0.92 24.84 24.16
CA ARG B 149 0.31 24.17 24.56
C ARG B 149 1.32 24.11 23.39
N SER B 150 0.83 23.91 22.17
CA SER B 150 1.71 23.81 21.02
C SER B 150 2.58 25.06 20.77
N LEU B 151 2.21 26.18 21.38
CA LEU B 151 2.96 27.42 21.20
C LEU B 151 4.23 27.45 22.05
N GLU B 152 4.33 26.55 23.01
CA GLU B 152 5.48 26.48 23.92
C GLU B 152 6.80 26.07 23.29
N ALA B 153 6.76 25.03 22.44
CA ALA B 153 7.96 24.48 21.81
C ALA B 153 9.11 25.44 21.49
N PRO B 154 8.88 26.46 20.64
CA PRO B 154 9.93 27.41 20.29
C PRO B 154 10.66 28.06 21.45
N VAL B 155 9.91 28.66 22.37
CA VAL B 155 10.51 29.30 23.53
C VAL B 155 11.15 28.26 24.47
N THR B 156 10.50 27.12 24.61
CA THR B 156 11.03 26.05 25.48
C THR B 156 12.41 25.64 24.96
N GLU B 157 12.55 25.59 23.65
CA GLU B 157 13.83 25.23 23.03
C GLU B 157 14.87 26.29 23.42
N SER B 158 14.50 27.56 23.29
CA SER B 158 15.37 28.67 23.62
C SER B 158 15.79 28.59 25.09
N LEU B 159 14.85 28.26 25.95
CA LEU B 159 15.14 28.18 27.38
C LEU B 159 16.06 27.03 27.73
N LEU B 160 15.81 25.86 27.14
CA LEU B 160 16.62 24.68 27.41
C LEU B 160 18.04 24.87 26.89
N LYS B 161 18.19 25.63 25.82
CA LYS B 161 19.51 25.89 25.26
C LYS B 161 20.23 26.94 26.10
N ALA B 162 19.46 27.74 26.82
CA ALA B 162 20.03 28.78 27.67
C ALA B 162 20.46 28.20 29.01
N ILE B 163 19.88 27.06 29.39
CA ILE B 163 20.22 26.42 30.65
C ILE B 163 21.25 25.32 30.43
N PHE B 164 21.02 24.49 29.43
CA PHE B 164 21.98 23.44 29.12
C PHE B 164 22.75 23.95 27.91
N ASN B 165 23.59 24.95 28.19
CA ASN B 165 24.39 25.64 27.19
C ASN B 165 25.69 24.94 26.75
N ASP B 166 26.23 24.06 27.56
CA ASP B 166 27.47 23.39 27.17
C ASP B 166 27.22 22.37 26.06
N GLU B 167 27.35 22.82 24.82
CA GLU B 167 27.14 21.99 23.65
C GLU B 167 27.97 20.71 23.59
N GLU B 168 29.06 20.65 24.35
CA GLU B 168 29.88 19.46 24.35
C GLU B 168 29.29 18.41 25.30
N LYS B 169 28.35 18.84 26.15
CA LYS B 169 27.72 17.92 27.11
C LYS B 169 26.23 17.76 26.85
N PHE B 170 25.61 18.77 26.24
CA PHE B 170 24.18 18.71 25.99
C PHE B 170 23.81 18.92 24.53
N SER B 171 22.82 18.16 24.07
CA SER B 171 22.30 18.28 22.72
C SER B 171 20.79 18.48 22.76
N VAL B 172 20.35 19.70 22.48
CA VAL B 172 18.93 20.03 22.49
C VAL B 172 18.39 19.93 21.07
N HIS B 173 17.39 19.07 20.88
CA HIS B 173 16.81 18.89 19.57
C HIS B 173 15.47 19.62 19.45
N SER B 174 15.17 20.11 18.25
CA SER B 174 13.92 20.81 18.03
C SER B 174 12.75 19.83 18.03
N ALA B 175 11.55 20.35 18.28
CA ALA B 175 10.35 19.52 18.34
C ALA B 175 10.00 18.86 17.01
N LEU B 176 9.30 17.73 17.10
CA LEU B 176 8.87 17.00 15.93
C LEU B 176 7.90 17.86 15.14
N PRO B 177 7.62 17.51 13.87
CA PRO B 177 6.69 18.30 13.07
C PRO B 177 5.37 18.46 13.82
N GLN B 178 4.73 19.61 13.66
CA GLN B 178 3.44 19.86 14.32
C GLN B 178 2.23 19.26 13.60
N VAL B 179 2.02 17.96 13.76
CA VAL B 179 0.86 17.27 13.16
C VAL B 179 0.39 16.17 14.11
N ALA B 180 -0.90 15.90 14.09
CA ALA B 180 -1.51 14.89 14.94
C ALA B 180 -0.78 13.55 14.85
N LEU B 181 -0.30 13.24 13.64
CA LEU B 181 0.42 12.00 13.40
C LEU B 181 1.64 11.85 14.31
N LEU B 182 2.20 12.98 14.72
CA LEU B 182 3.39 12.97 15.57
C LEU B 182 3.20 13.68 16.90
N GLY B 183 2.02 13.50 17.50
CA GLY B 183 1.74 14.11 18.78
C GLY B 183 2.72 13.65 19.84
N ASP B 184 3.42 14.59 20.45
CA ASP B 184 4.42 14.28 21.47
C ASP B 184 4.23 15.14 22.74
N GLU B 185 4.11 14.49 23.90
CA GLU B 185 3.91 15.22 25.15
C GLU B 185 5.09 15.14 26.10
N GLY B 186 6.23 14.72 25.58
CA GLY B 186 7.46 14.66 26.34
C GLY B 186 7.61 13.66 27.47
N ALA B 187 8.44 14.05 28.43
CA ALA B 187 8.75 13.26 29.60
C ALA B 187 7.54 12.68 30.34
N ALA B 188 6.40 13.39 30.32
CA ALA B 188 5.20 12.91 31.02
C ALA B 188 4.78 11.51 30.55
N ASN B 189 5.25 11.10 29.37
CA ASN B 189 4.95 9.78 28.82
C ASN B 189 6.22 8.93 28.77
N HIS B 190 7.27 9.40 29.44
CA HIS B 190 8.54 8.70 29.47
C HIS B 190 8.81 8.08 30.83
N ASN B 191 9.66 7.05 30.87
CA ASN B 191 10.01 6.36 32.12
C ASN B 191 11.42 5.81 31.99
N ARG B 192 12.12 5.67 33.13
CA ARG B 192 13.46 5.14 33.12
C ARG B 192 13.70 4.22 34.32
N LEU B 193 13.92 2.93 34.04
CA LEU B 193 14.15 1.93 35.07
C LEU B 193 15.56 1.36 34.97
N GLY B 194 16.19 1.15 36.12
CA GLY B 194 17.53 0.60 36.14
C GLY B 194 18.09 0.66 37.55
N GLY B 195 19.39 0.45 37.68
CA GLY B 195 20.02 0.51 38.98
C GLY B 195 20.26 1.94 39.38
N HIS B 196 21.52 2.33 39.51
CA HIS B 196 21.84 3.70 39.88
C HIS B 196 21.69 4.60 38.67
N TYR B 197 21.12 5.77 38.91
CA TYR B 197 20.90 6.75 37.86
C TYR B 197 22.02 6.78 36.84
N GLY B 198 23.26 6.77 37.31
CA GLY B 198 24.42 6.84 36.45
C GLY B 198 24.68 5.68 35.50
N GLU B 199 24.10 4.53 35.79
CA GLU B 199 24.30 3.37 34.92
C GLU B 199 23.33 3.41 33.75
N PRO B 200 23.65 2.66 32.67
CA PRO B 200 22.77 2.63 31.50
C PRO B 200 21.38 2.19 31.99
N GLY B 201 20.34 2.90 31.57
CA GLY B 201 19.01 2.53 32.01
C GLY B 201 18.09 2.05 30.90
N MET B 202 16.93 1.54 31.30
CA MET B 202 15.94 1.06 30.35
C MET B 202 14.85 2.12 30.26
N GLN B 203 14.71 2.71 29.07
CA GLN B 203 13.73 3.75 28.86
C GLN B 203 12.41 3.17 28.36
N LEU B 204 11.32 3.53 29.04
CA LEU B 204 10.01 3.05 28.67
C LEU B 204 9.15 4.20 28.13
N PHE B 205 8.90 4.18 26.82
CA PHE B 205 8.08 5.22 26.18
C PHE B 205 6.63 4.75 26.12
N VAL B 206 5.73 5.50 26.73
CA VAL B 206 4.32 5.14 26.72
C VAL B 206 3.61 6.05 25.72
N TYR B 207 2.76 5.46 24.88
CA TYR B 207 2.02 6.23 23.86
C TYR B 207 0.54 5.89 23.90
N GLY B 208 -0.27 6.79 23.37
CA GLY B 208 -1.72 6.57 23.38
C GLY B 208 -2.29 5.90 22.14
N ARG B 209 -1.70 6.17 20.97
CA ARG B 209 -2.19 5.58 19.74
C ARG B 209 -1.10 5.44 18.69
N GLU B 210 -1.40 4.66 17.67
CA GLU B 210 -0.47 4.44 16.57
C GLU B 210 -1.28 4.14 15.31
N GLU B 211 -0.74 4.53 14.16
CA GLU B 211 -1.40 4.30 12.90
C GLU B 211 -1.56 2.79 12.66
N GLY B 212 -2.72 2.40 12.12
CA GLY B 212 -2.96 1.00 11.84
C GLY B 212 -3.39 0.19 13.05
N ASN B 213 -3.50 0.84 14.20
CA ASN B 213 -3.91 0.15 15.42
C ASN B 213 -5.30 0.63 15.82
N ASP B 214 -6.23 -0.32 15.91
CA ASP B 214 -7.61 -0.02 16.28
C ASP B 214 -7.76 0.26 17.75
N THR B 215 -6.75 -0.13 18.52
CA THR B 215 -6.74 0.07 19.96
C THR B 215 -6.42 1.53 20.26
N ARG B 216 -7.42 2.28 20.72
CA ARG B 216 -7.23 3.68 21.05
C ARG B 216 -8.45 4.25 21.74
N PRO B 217 -8.24 5.26 22.60
CA PRO B 217 -9.35 5.87 23.33
C PRO B 217 -10.45 6.34 22.38
N SER B 218 -11.69 6.35 22.84
CA SER B 218 -12.79 6.80 21.99
C SER B 218 -13.56 7.97 22.56
N ARG B 219 -13.17 8.44 23.73
CA ARG B 219 -13.86 9.58 24.34
C ARG B 219 -12.91 10.76 24.46
N TYR B 220 -11.77 10.53 25.09
CA TYR B 220 -10.76 11.56 25.24
C TYR B 220 -9.63 11.26 24.27
N PRO B 221 -8.89 12.28 23.86
CA PRO B 221 -7.78 12.13 22.92
C PRO B 221 -6.54 11.43 23.45
N ALA B 222 -5.83 10.75 22.56
CA ALA B 222 -4.57 10.11 22.90
C ALA B 222 -3.56 11.12 22.36
N ARG B 223 -2.99 11.96 23.23
CA ARG B 223 -2.05 12.98 22.77
C ARG B 223 -0.71 12.48 22.23
N GLN B 224 -0.26 11.34 22.73
CA GLN B 224 1.02 10.78 22.33
C GLN B 224 0.86 9.63 21.32
N THR B 225 1.65 9.66 20.25
CA THR B 225 1.58 8.61 19.23
C THR B 225 2.89 7.83 19.25
N ARG B 226 2.81 6.55 18.92
CA ARG B 226 4.00 5.71 18.89
C ARG B 226 5.01 6.26 17.88
N GLU B 227 4.51 6.78 16.77
CA GLU B 227 5.39 7.32 15.73
C GLU B 227 6.26 8.40 16.33
N ALA B 228 5.66 9.29 17.14
CA ALA B 228 6.41 10.36 17.76
C ALA B 228 7.45 9.78 18.72
N SER B 229 7.00 8.91 19.62
CA SER B 229 7.87 8.29 20.60
C SER B 229 9.09 7.64 19.96
N GLU B 230 8.88 6.96 18.83
CA GLU B 230 9.98 6.30 18.14
C GLU B 230 10.97 7.32 17.58
N ALA B 231 10.44 8.43 17.07
CA ALA B 231 11.27 9.50 16.51
C ALA B 231 12.11 10.17 17.60
N VAL B 232 11.50 10.37 18.77
CA VAL B 232 12.21 10.98 19.88
C VAL B 232 13.36 10.07 20.30
N ALA B 233 13.07 8.77 20.40
CA ALA B 233 14.07 7.78 20.77
C ALA B 233 15.26 7.86 19.83
N ARG B 234 14.97 8.14 18.56
CA ARG B 234 16.00 8.25 17.54
C ARG B 234 16.76 9.57 17.77
N LEU B 235 16.01 10.67 17.85
CA LEU B 235 16.61 11.98 18.05
C LEU B 235 17.54 12.02 19.27
N ASN B 236 17.13 11.36 20.35
CA ASN B 236 17.92 11.32 21.58
C ASN B 236 19.04 10.29 21.54
N GLN B 237 19.18 9.63 20.39
CA GLN B 237 20.22 8.62 20.22
C GLN B 237 20.24 7.58 21.33
N VAL B 238 19.07 7.11 21.71
CA VAL B 238 18.99 6.11 22.76
C VAL B 238 19.41 4.75 22.22
N ASN B 239 20.30 4.06 22.93
CA ASN B 239 20.74 2.73 22.52
C ASN B 239 19.50 1.87 22.33
N PRO B 240 19.31 1.31 21.13
CA PRO B 240 18.15 0.46 20.79
C PRO B 240 17.83 -0.64 21.80
N GLN B 241 18.85 -1.19 22.47
CA GLN B 241 18.63 -2.25 23.45
C GLN B 241 18.15 -1.72 24.80
N GLN B 242 18.04 -0.39 24.93
CA GLN B 242 17.59 0.21 26.18
C GLN B 242 16.28 0.95 25.99
N VAL B 243 15.52 0.55 24.98
CA VAL B 243 14.24 1.19 24.68
C VAL B 243 13.08 0.21 24.57
N ILE B 244 11.95 0.57 25.17
CA ILE B 244 10.74 -0.24 25.13
C ILE B 244 9.54 0.68 24.94
N PHE B 245 8.64 0.29 24.04
CA PHE B 245 7.45 1.09 23.78
C PHE B 245 6.24 0.30 24.28
N ALA B 246 5.35 0.97 25.02
CA ALA B 246 4.15 0.33 25.52
C ALA B 246 2.97 1.27 25.35
N GLN B 247 1.79 0.71 25.07
CA GLN B 247 0.61 1.52 24.86
C GLN B 247 -0.21 1.69 26.13
N GLN B 248 -0.63 2.92 26.37
CA GLN B 248 -1.44 3.24 27.54
C GLN B 248 -2.76 2.49 27.36
N ASN B 249 -3.38 2.09 28.46
CA ASN B 249 -4.67 1.43 28.37
C ASN B 249 -5.70 2.48 27.91
N PRO B 250 -6.25 2.31 26.70
CA PRO B 250 -7.24 3.25 26.15
C PRO B 250 -8.37 3.58 27.12
N ASP B 251 -8.80 2.58 27.90
CA ASP B 251 -9.88 2.75 28.83
C ASP B 251 -9.57 3.77 29.91
N VAL B 252 -8.32 3.78 30.35
CA VAL B 252 -7.93 4.71 31.40
C VAL B 252 -7.75 6.14 30.85
N ILE B 253 -7.44 6.26 29.56
CA ILE B 253 -7.30 7.59 28.98
C ILE B 253 -8.71 8.17 28.88
N ASP B 254 -9.69 7.32 28.56
CA ASP B 254 -11.07 7.75 28.47
C ASP B 254 -11.67 8.10 29.81
N GLN B 255 -10.84 8.06 30.86
CA GLN B 255 -11.30 8.40 32.20
C GLN B 255 -10.52 9.58 32.77
N GLY B 256 -9.66 10.19 31.95
CA GLY B 256 -8.92 11.34 32.42
C GLY B 256 -7.40 11.23 32.48
N VAL B 257 -6.85 10.06 32.20
CA VAL B 257 -5.41 9.89 32.22
C VAL B 257 -4.83 10.33 30.87
N PHE B 258 -4.67 11.65 30.70
CA PHE B 258 -4.15 12.21 29.44
C PHE B 258 -2.63 12.11 29.26
N HIS B 259 -1.93 11.80 30.34
CA HIS B 259 -0.47 11.59 30.31
C HIS B 259 -0.23 10.36 31.17
N ASN B 260 0.83 9.61 30.88
CA ASN B 260 1.15 8.42 31.63
C ASN B 260 1.44 8.77 33.10
N ASP B 261 1.99 9.95 33.34
CA ASP B 261 2.32 10.37 34.70
C ASP B 261 1.09 10.66 35.56
N VAL B 262 -0.07 10.27 35.08
CA VAL B 262 -1.31 10.43 35.83
C VAL B 262 -1.76 9.05 36.29
N ILE B 263 -1.02 8.02 35.89
CA ILE B 263 -1.37 6.68 36.29
C ILE B 263 -0.17 5.77 36.55
N ALA B 264 1.03 6.32 36.43
CA ALA B 264 2.22 5.52 36.68
C ALA B 264 3.46 6.41 36.78
N VAL B 265 4.42 5.97 37.57
CA VAL B 265 5.65 6.70 37.76
C VAL B 265 6.78 5.72 38.07
N SER B 266 7.96 6.01 37.55
CA SER B 266 9.11 5.14 37.74
C SER B 266 10.23 5.84 38.51
N ASN B 267 11.10 5.03 39.07
CA ASN B 267 12.27 5.51 39.79
C ASN B 267 13.12 4.32 40.16
N ARG B 268 14.35 4.32 39.67
CA ARG B 268 15.28 3.25 39.92
C ARG B 268 14.69 1.95 39.42
N GLN B 269 14.61 0.95 40.30
CA GLN B 269 14.10 -0.36 39.93
C GLN B 269 12.59 -0.46 40.08
N VAL B 270 11.98 0.59 40.59
CA VAL B 270 10.54 0.59 40.84
C VAL B 270 9.62 1.25 39.82
N LEU B 271 8.51 0.59 39.54
CA LEU B 271 7.50 1.13 38.65
C LEU B 271 6.19 1.08 39.44
N PHE B 272 5.81 2.24 39.99
CA PHE B 272 4.59 2.39 40.77
C PHE B 272 3.50 2.72 39.79
N CYS B 273 2.52 1.84 39.64
CA CYS B 273 1.45 2.08 38.67
C CYS B 273 0.13 1.43 39.03
N HIS B 274 -0.95 1.95 38.46
CA HIS B 274 -2.27 1.40 38.69
C HIS B 274 -2.34 0.10 37.90
N GLN B 275 -3.23 -0.81 38.28
CA GLN B 275 -3.30 -2.07 37.56
C GLN B 275 -3.87 -1.93 36.16
N GLN B 276 -4.63 -0.86 35.92
CA GLN B 276 -5.20 -0.63 34.60
C GLN B 276 -4.42 0.42 33.80
N ALA B 277 -3.14 0.58 34.12
CA ALA B 277 -2.30 1.56 33.45
C ALA B 277 -2.01 1.26 31.99
N PHE B 278 -1.56 0.05 31.69
CA PHE B 278 -1.23 -0.28 30.32
C PHE B 278 -2.05 -1.40 29.70
N ALA B 279 -2.02 -1.44 28.36
CA ALA B 279 -2.68 -2.50 27.63
C ALA B 279 -1.64 -3.60 27.65
N ARG B 280 -2.07 -4.83 27.90
CA ARG B 280 -1.12 -5.94 27.94
C ARG B 280 -0.13 -5.68 29.07
N GLN B 281 -0.63 -5.18 30.20
CA GLN B 281 0.21 -4.87 31.34
C GLN B 281 1.08 -6.02 31.83
N SER B 282 0.51 -7.23 31.88
CA SER B 282 1.27 -8.39 32.35
C SER B 282 2.48 -8.70 31.49
N GLN B 283 2.34 -8.60 30.16
CA GLN B 283 3.47 -8.87 29.29
C GLN B 283 4.54 -7.81 29.50
N LEU B 284 4.11 -6.56 29.67
CA LEU B 284 5.05 -5.45 29.89
C LEU B 284 5.85 -5.63 31.17
N LEU B 285 5.15 -5.95 32.26
CA LEU B 285 5.80 -6.14 33.54
C LEU B 285 6.76 -7.32 33.49
N ALA B 286 6.36 -8.34 32.74
CA ALA B 286 7.18 -9.52 32.59
C ALA B 286 8.43 -9.15 31.81
N ASN B 287 8.24 -8.35 30.76
CA ASN B 287 9.35 -7.91 29.93
C ASN B 287 10.33 -7.06 30.74
N LEU B 288 9.79 -6.17 31.58
CA LEU B 288 10.64 -5.33 32.43
C LEU B 288 11.38 -6.18 33.44
N ARG B 289 10.69 -7.16 34.02
CA ARG B 289 11.27 -8.06 35.02
C ARG B 289 12.48 -8.77 34.45
N ALA B 290 12.35 -9.19 33.20
CA ALA B 290 13.39 -9.92 32.49
C ALA B 290 14.52 -9.04 31.99
N ARG B 291 14.22 -7.79 31.65
CA ARG B 291 15.24 -6.92 31.10
C ARG B 291 15.80 -5.88 32.08
N VAL B 292 15.20 -5.77 33.26
CA VAL B 292 15.68 -4.83 34.25
C VAL B 292 15.93 -5.57 35.56
N ASN B 293 17.20 -5.69 35.93
CA ASN B 293 17.57 -6.39 37.15
C ASN B 293 17.03 -5.71 38.38
N GLY B 294 16.41 -6.51 39.25
CA GLY B 294 15.85 -5.99 40.49
C GLY B 294 14.54 -5.26 40.29
N PHE B 295 14.02 -5.30 39.07
CA PHE B 295 12.77 -4.62 38.77
C PHE B 295 11.66 -4.97 39.73
N MET B 296 11.01 -3.95 40.26
CA MET B 296 9.91 -4.14 41.19
C MET B 296 8.68 -3.35 40.74
N ALA B 297 7.64 -4.08 40.38
CA ALA B 297 6.42 -3.47 39.95
C ALA B 297 5.46 -3.41 41.14
N ILE B 298 5.04 -2.20 41.50
CA ILE B 298 4.10 -1.99 42.61
C ILE B 298 2.79 -1.60 41.95
N GLU B 299 1.90 -2.58 41.83
CA GLU B 299 0.61 -2.39 41.19
C GLU B 299 -0.53 -2.13 42.18
N VAL B 300 -1.32 -1.11 41.88
CA VAL B 300 -2.45 -0.77 42.71
C VAL B 300 -3.72 -1.28 42.03
N PRO B 301 -4.43 -2.22 42.68
CA PRO B 301 -5.65 -2.78 42.09
C PRO B 301 -6.83 -1.82 42.17
N ALA B 302 -7.74 -1.95 41.22
CA ALA B 302 -8.92 -1.09 41.18
C ALA B 302 -9.68 -1.25 42.48
N THR B 303 -9.52 -2.41 43.08
CA THR B 303 -10.15 -2.76 44.35
C THR B 303 -9.76 -1.80 45.47
N GLN B 304 -8.50 -1.41 45.51
CA GLN B 304 -8.02 -0.51 46.56
C GLN B 304 -8.19 0.95 46.19
N VAL B 305 -7.97 1.29 44.93
CA VAL B 305 -8.12 2.66 44.45
C VAL B 305 -8.68 2.65 43.04
N SER B 306 -9.87 3.22 42.86
CA SER B 306 -10.48 3.26 41.53
C SER B 306 -9.76 4.24 40.62
N VAL B 307 -9.94 4.07 39.31
CA VAL B 307 -9.32 4.96 38.33
C VAL B 307 -9.85 6.35 38.57
N SER B 308 -11.13 6.43 38.92
CA SER B 308 -11.76 7.71 39.19
C SER B 308 -11.03 8.41 40.31
N ASP B 309 -10.81 7.71 41.41
CA ASP B 309 -10.11 8.30 42.55
C ASP B 309 -8.64 8.58 42.20
N THR B 310 -8.11 7.80 41.26
CA THR B 310 -6.75 7.97 40.80
C THR B 310 -6.61 9.34 40.11
N VAL B 311 -7.58 9.65 39.26
CA VAL B 311 -7.56 10.91 38.52
C VAL B 311 -7.83 12.13 39.38
N SER B 312 -8.66 11.99 40.40
CA SER B 312 -8.98 13.12 41.24
C SER B 312 -7.90 13.43 42.28
N THR B 313 -7.24 12.40 42.83
CA THR B 313 -6.20 12.64 43.84
C THR B 313 -4.79 12.79 43.27
N TYR B 314 -4.55 12.21 42.10
CA TYR B 314 -3.24 12.28 41.47
C TYR B 314 -2.15 11.58 42.27
N LEU B 315 -2.51 10.46 42.90
CA LEU B 315 -1.54 9.71 43.68
C LEU B 315 -0.39 9.23 42.78
N PHE B 316 -0.66 9.10 41.48
CA PHE B 316 0.37 8.65 40.55
C PHE B 316 1.13 9.78 39.85
N ASN B 317 0.70 11.03 40.04
CA ASN B 317 1.41 12.16 39.46
C ASN B 317 2.34 12.65 40.54
N SER B 318 2.78 11.69 41.36
CA SER B 318 3.68 11.97 42.46
C SER B 318 5.13 11.82 42.01
N GLN B 319 6.04 12.31 42.84
CA GLN B 319 7.46 12.19 42.55
C GLN B 319 7.99 11.05 43.43
N LEU B 320 8.68 10.10 42.83
CA LEU B 320 9.24 8.98 43.59
C LEU B 320 10.74 9.28 43.69
N LEU B 321 11.14 9.72 44.87
CA LEU B 321 12.53 10.10 45.11
C LEU B 321 13.37 9.05 45.85
N SER B 322 14.65 9.01 45.55
CA SER B 322 15.55 8.07 46.21
C SER B 322 16.28 8.75 47.34
N ARG B 323 16.20 8.14 48.52
CA ARG B 323 16.87 8.69 49.69
C ARG B 323 18.27 8.09 49.70
N ASP B 324 19.20 8.77 50.39
CA ASP B 324 20.59 8.33 50.48
C ASP B 324 20.78 6.83 50.74
N ASP B 325 19.88 6.25 51.53
CA ASP B 325 19.96 4.84 51.89
C ASP B 325 19.24 3.89 50.94
N GLY B 326 18.84 4.38 49.77
CA GLY B 326 18.17 3.53 48.80
C GLY B 326 16.66 3.49 48.95
N SER B 327 16.16 3.84 50.12
CA SER B 327 14.72 3.86 50.37
C SER B 327 14.13 4.98 49.51
N MET B 328 12.81 5.03 49.39
CA MET B 328 12.18 6.05 48.56
C MET B 328 11.09 6.87 49.25
N MET B 329 10.90 8.08 48.75
CA MET B 329 9.91 9.00 49.29
C MET B 329 8.87 9.31 48.21
N LEU B 330 7.60 9.39 48.61
CA LEU B 330 6.53 9.69 47.69
C LEU B 330 6.05 11.13 47.92
N VAL B 331 6.28 12.02 46.96
CA VAL B 331 5.86 13.41 47.08
C VAL B 331 4.47 13.49 46.45
N LEU B 332 3.47 13.75 47.27
CA LEU B 332 2.09 13.80 46.83
C LEU B 332 1.40 15.15 47.04
N PRO B 333 0.35 15.41 46.26
CA PRO B 333 -0.42 16.65 46.35
C PRO B 333 -1.41 16.52 47.50
N GLN B 334 -1.76 17.63 48.13
CA GLN B 334 -2.69 17.62 49.26
C GLN B 334 -3.94 16.76 49.10
N GLU B 335 -4.56 16.74 47.92
CA GLU B 335 -5.77 15.95 47.77
C GLU B 335 -5.62 14.45 48.01
N CYS B 336 -4.38 13.96 48.12
CA CYS B 336 -4.14 12.55 48.39
C CYS B 336 -4.36 12.30 49.86
N ARG B 337 -4.16 13.34 50.66
CA ARG B 337 -4.33 13.28 52.09
C ARG B 337 -5.78 13.54 52.46
N GLU B 338 -6.46 14.31 51.61
CA GLU B 338 -7.86 14.68 51.84
C GLU B 338 -8.83 13.60 51.34
N HIS B 339 -8.29 12.55 50.74
CA HIS B 339 -9.13 11.45 50.26
C HIS B 339 -8.87 10.23 51.14
N ALA B 340 -9.86 9.90 51.96
CA ALA B 340 -9.77 8.77 52.89
C ALA B 340 -9.23 7.48 52.26
N GLY B 341 -9.85 7.09 51.14
CA GLY B 341 -9.42 5.88 50.46
C GLY B 341 -7.97 5.90 50.04
N VAL B 342 -7.60 6.89 49.24
CA VAL B 342 -6.23 7.01 48.75
C VAL B 342 -5.24 7.19 49.88
N TRP B 343 -5.56 8.06 50.84
CA TRP B 343 -4.65 8.28 51.96
C TRP B 343 -4.44 6.96 52.70
N GLY B 344 -5.54 6.23 52.88
CA GLY B 344 -5.45 4.94 53.55
C GLY B 344 -4.55 3.99 52.78
N TYR B 345 -4.69 4.00 51.46
CA TYR B 345 -3.88 3.12 50.63
C TYR B 345 -2.40 3.52 50.68
N LEU B 346 -2.11 4.82 50.60
CA LEU B 346 -0.73 5.27 50.65
C LEU B 346 -0.03 4.87 51.94
N ASN B 347 -0.75 4.92 53.05
CA ASN B 347 -0.13 4.53 54.29
C ASN B 347 0.06 3.04 54.37
N GLU B 348 -0.84 2.29 53.76
CA GLU B 348 -0.71 0.84 53.72
C GLU B 348 0.56 0.55 52.93
N LEU B 349 0.73 1.26 51.82
CA LEU B 349 1.90 1.09 50.98
C LEU B 349 3.14 1.50 51.77
N LEU B 350 3.00 2.56 52.56
CA LEU B 350 4.09 3.07 53.39
C LEU B 350 4.54 2.03 54.40
N ALA B 351 3.56 1.41 55.05
CA ALA B 351 3.83 0.40 56.07
C ALA B 351 4.30 -0.92 55.47
N ALA B 352 3.79 -1.25 54.29
CA ALA B 352 4.16 -2.50 53.64
C ALA B 352 5.66 -2.60 53.43
N ASP B 353 6.15 -3.82 53.23
CA ASP B 353 7.57 -4.04 53.01
C ASP B 353 7.95 -3.75 51.56
N ASN B 354 8.50 -2.57 51.32
CA ASN B 354 8.90 -2.16 49.98
C ASN B 354 9.76 -0.91 50.11
N PRO B 355 10.28 -0.38 48.99
CA PRO B 355 11.14 0.82 49.02
C PRO B 355 10.50 2.11 49.52
N ILE B 356 9.19 2.21 49.40
CA ILE B 356 8.45 3.39 49.81
C ILE B 356 8.40 3.53 51.34
N SER B 357 9.36 4.25 51.91
CA SER B 357 9.40 4.41 53.36
C SER B 357 9.06 5.80 53.89
N GLU B 358 8.56 6.68 53.03
CA GLU B 358 8.18 8.01 53.47
C GLU B 358 7.21 8.72 52.52
N LEU B 359 6.22 9.40 53.11
CA LEU B 359 5.25 10.16 52.33
C LEU B 359 5.44 11.62 52.68
N LYS B 360 5.47 12.46 51.66
CA LYS B 360 5.62 13.89 51.84
C LYS B 360 4.50 14.54 51.01
N VAL B 361 3.74 15.43 51.64
CA VAL B 361 2.62 16.10 50.97
C VAL B 361 2.82 17.60 50.83
N PHE B 362 2.44 18.13 49.68
CA PHE B 362 2.53 19.56 49.40
C PHE B 362 1.20 20.10 48.88
N ASP B 363 0.95 21.38 49.15
CA ASP B 363 -0.27 21.99 48.68
C ASP B 363 0.00 22.65 47.33
N LEU B 364 -0.52 22.03 46.28
CA LEU B 364 -0.35 22.53 44.92
C LEU B 364 -1.73 22.71 44.30
N ARG B 365 -2.62 23.30 45.09
CA ARG B 365 -4.01 23.54 44.72
C ARG B 365 -4.20 24.28 43.40
N GLU B 366 -3.47 25.37 43.23
CA GLU B 366 -3.59 26.16 42.00
C GLU B 366 -3.24 25.31 40.77
N SER B 367 -2.12 24.60 40.82
CA SER B 367 -1.69 23.75 39.71
C SER B 367 -2.63 22.57 39.51
N MET B 368 -3.09 21.98 40.61
CA MET B 368 -4.00 20.83 40.56
C MET B 368 -5.33 21.14 39.90
N ALA B 369 -5.82 22.36 40.09
CA ALA B 369 -7.10 22.75 39.49
C ALA B 369 -7.02 22.75 37.96
N ASN B 370 -5.79 22.74 37.43
CA ASN B 370 -5.61 22.71 35.97
C ASN B 370 -5.06 21.37 35.50
N GLY B 371 -5.12 20.37 36.37
CA GLY B 371 -4.66 19.04 36.03
C GLY B 371 -3.20 18.73 36.21
N GLY B 372 -2.51 19.48 37.07
CA GLY B 372 -1.10 19.21 37.28
C GLY B 372 -0.70 19.05 38.73
N GLY B 373 -0.04 17.93 39.04
CA GLY B 373 0.41 17.67 40.39
C GLY B 373 1.91 17.87 40.53
N PRO B 374 2.52 17.28 41.57
CA PRO B 374 3.97 17.38 41.82
C PRO B 374 4.86 17.07 40.61
N ALA B 375 4.64 15.89 40.01
CA ALA B 375 5.44 15.45 38.88
C ALA B 375 5.28 16.31 37.62
N SER B 376 4.07 16.77 37.37
CA SER B 376 3.79 17.58 36.19
C SER B 376 4.62 18.87 36.18
N LEU B 377 4.98 19.35 37.36
CA LEU B 377 5.75 20.58 37.50
C LEU B 377 7.25 20.37 37.46
N ARG B 378 7.70 19.15 37.21
CA ARG B 378 9.14 18.88 37.18
C ARG B 378 9.62 18.00 36.03
N LEU B 379 10.84 18.28 35.60
CA LEU B 379 11.49 17.54 34.52
C LEU B 379 12.76 16.93 35.11
N ARG B 380 12.79 15.61 35.18
CA ARG B 380 13.93 14.85 35.71
C ARG B 380 15.11 14.74 34.75
N VAL B 381 16.26 15.28 35.14
CA VAL B 381 17.44 15.22 34.30
C VAL B 381 18.61 14.61 35.06
N VAL B 382 18.95 13.37 34.71
CA VAL B 382 20.06 12.67 35.34
C VAL B 382 21.35 13.24 34.77
N LEU B 383 22.16 13.85 35.63
CA LEU B 383 23.42 14.45 35.22
C LEU B 383 24.62 13.99 36.04
N THR B 384 25.77 13.86 35.37
CA THR B 384 27.00 13.46 36.05
C THR B 384 27.53 14.71 36.76
N GLU B 385 28.50 14.53 37.64
CA GLU B 385 29.10 15.64 38.36
C GLU B 385 29.52 16.74 37.38
N GLU B 386 30.24 16.33 36.35
CA GLU B 386 30.74 17.25 35.35
C GLU B 386 29.62 17.91 34.55
N GLU B 387 28.56 17.16 34.28
CA GLU B 387 27.43 17.71 33.53
C GLU B 387 26.66 18.67 34.41
N ARG B 388 26.50 18.30 35.68
CA ARG B 388 25.78 19.17 36.61
C ARG B 388 26.45 20.53 36.68
N ARG B 389 27.78 20.50 36.63
CA ARG B 389 28.59 21.71 36.69
C ARG B 389 28.46 22.57 35.42
N ALA B 390 28.09 21.94 34.30
CA ALA B 390 27.93 22.66 33.04
C ALA B 390 26.58 23.33 32.90
N VAL B 391 25.67 23.02 33.83
CA VAL B 391 24.33 23.59 33.81
C VAL B 391 24.42 25.05 34.25
N ASN B 392 23.59 25.92 33.68
CA ASN B 392 23.58 27.33 34.05
C ASN B 392 23.42 27.39 35.58
N PRO B 393 24.48 27.80 36.30
CA PRO B 393 24.42 27.90 37.77
C PRO B 393 23.30 28.79 38.31
N ALA B 394 22.92 29.80 37.54
CA ALA B 394 21.88 30.74 37.95
C ALA B 394 20.49 30.13 38.16
N VAL B 395 20.26 28.92 37.67
CA VAL B 395 18.93 28.30 37.83
C VAL B 395 18.86 27.22 38.90
N MET B 396 19.98 26.96 39.57
CA MET B 396 20.00 25.96 40.62
C MET B 396 19.32 26.52 41.86
N MET B 397 18.45 25.73 42.48
CA MET B 397 17.74 26.18 43.66
C MET B 397 18.60 26.24 44.92
N ASN B 398 18.44 27.31 45.68
CA ASN B 398 19.17 27.53 46.93
C ASN B 398 18.53 28.73 47.61
N ASP B 399 19.02 29.09 48.79
CA ASP B 399 18.46 30.21 49.53
C ASP B 399 18.39 31.51 48.74
N THR B 400 19.50 31.88 48.12
CA THR B 400 19.56 33.11 47.34
C THR B 400 18.49 33.17 46.24
N LEU B 401 18.42 32.14 45.38
CA LEU B 401 17.44 32.12 44.32
C LEU B 401 16.02 32.06 44.86
N PHE B 402 15.81 31.27 45.93
CA PHE B 402 14.48 31.16 46.52
C PHE B 402 14.00 32.53 47.00
N ASN B 403 14.82 33.23 47.79
CA ASN B 403 14.39 34.53 48.26
C ASN B 403 14.23 35.52 47.11
N ALA B 404 15.11 35.43 46.12
CA ALA B 404 15.03 36.33 44.96
C ALA B 404 13.76 36.07 44.15
N LEU B 405 13.45 34.79 43.90
CA LEU B 405 12.26 34.46 43.13
C LEU B 405 10.99 34.85 43.88
N ASN B 406 11.00 34.72 45.20
CA ASN B 406 9.81 35.10 45.98
C ASN B 406 9.59 36.60 45.95
N ASP B 407 10.69 37.36 45.95
CA ASP B 407 10.61 38.81 45.90
C ASP B 407 10.12 39.22 44.52
N TRP B 408 10.64 38.55 43.49
CA TRP B 408 10.25 38.82 42.12
C TRP B 408 8.73 38.62 42.00
N VAL B 409 8.24 37.52 42.55
CA VAL B 409 6.83 37.20 42.50
C VAL B 409 5.99 38.26 43.20
N ASP B 410 6.42 38.66 44.39
CA ASP B 410 5.68 39.68 45.13
C ASP B 410 5.65 41.00 44.39
N ARG B 411 6.69 41.26 43.59
CA ARG B 411 6.76 42.50 42.84
C ARG B 411 5.87 42.54 41.59
N TYR B 412 5.71 41.41 40.90
CA TYR B 412 4.92 41.41 39.69
C TYR B 412 3.63 40.59 39.60
N TYR B 413 3.48 39.57 40.45
CA TYR B 413 2.29 38.73 40.39
C TYR B 413 1.06 39.26 41.11
N ARG B 414 -0.11 39.06 40.50
CA ARG B 414 -1.38 39.49 41.07
C ARG B 414 -1.96 38.37 41.94
N ASP B 415 -2.81 38.78 42.89
CA ASP B 415 -3.48 37.88 43.84
C ASP B 415 -4.67 37.21 43.20
N ARG B 416 -5.21 37.88 42.19
CA ARG B 416 -6.39 37.38 41.49
C ARG B 416 -6.28 37.66 40.01
N LEU B 417 -6.92 36.81 39.21
CA LEU B 417 -6.89 36.97 37.77
C LEU B 417 -8.03 36.16 37.14
N THR B 418 -8.59 36.70 36.08
CA THR B 418 -9.65 36.03 35.35
C THR B 418 -9.42 36.28 33.86
N ALA B 419 -10.01 35.42 33.03
CA ALA B 419 -9.88 35.54 31.58
C ALA B 419 -10.12 36.98 31.14
N ALA B 420 -11.09 37.62 31.78
CA ALA B 420 -11.44 38.98 31.47
C ALA B 420 -10.27 39.93 31.65
N ASP B 421 -9.40 39.67 32.62
CA ASP B 421 -8.26 40.53 32.88
C ASP B 421 -7.16 40.38 31.82
N LEU B 422 -7.17 39.28 31.09
CA LEU B 422 -6.13 39.02 30.09
C LEU B 422 -6.04 40.10 29.00
N ALA B 423 -7.03 40.98 28.91
CA ALA B 423 -6.99 42.02 27.90
C ALA B 423 -6.37 43.31 28.44
N ASP B 424 -6.19 43.35 29.76
CA ASP B 424 -5.62 44.49 30.45
C ASP B 424 -4.22 44.85 29.92
N PRO B 425 -4.08 45.97 29.20
CA PRO B 425 -2.78 46.36 28.68
C PRO B 425 -1.73 46.43 29.81
N GLN B 426 -2.19 46.71 31.03
CA GLN B 426 -1.30 46.80 32.16
C GLN B 426 -0.69 45.42 32.47
N LEU B 427 -1.49 44.37 32.39
CA LEU B 427 -1.01 43.01 32.63
C LEU B 427 0.14 42.72 31.68
N LEU B 428 -0.05 43.10 30.41
CA LEU B 428 0.97 42.88 29.38
C LEU B 428 2.31 43.52 29.75
N ARG B 429 2.25 44.75 30.23
CA ARG B 429 3.43 45.50 30.64
C ARG B 429 4.15 44.80 31.79
N GLU B 430 3.42 44.55 32.87
CA GLU B 430 3.95 43.89 34.05
C GLU B 430 4.68 42.61 33.67
N GLY B 431 4.08 41.84 32.77
CA GLY B 431 4.68 40.60 32.34
C GLY B 431 5.99 40.78 31.59
N ARG B 432 6.01 41.72 30.65
CA ARG B 432 7.23 41.97 29.86
C ARG B 432 8.36 42.36 30.79
N GLU B 433 8.08 43.29 31.69
CA GLU B 433 9.08 43.77 32.64
C GLU B 433 9.54 42.64 33.55
N ALA B 434 8.58 41.87 34.06
CA ALA B 434 8.89 40.76 34.93
C ALA B 434 9.87 39.81 34.25
N LEU B 435 9.58 39.42 33.01
CA LEU B 435 10.44 38.52 32.27
C LEU B 435 11.82 39.12 32.00
N ASP B 436 11.87 40.40 31.67
CA ASP B 436 13.16 41.07 31.42
C ASP B 436 14.04 40.92 32.66
N VAL B 437 13.47 41.25 33.82
CA VAL B 437 14.19 41.16 35.08
C VAL B 437 14.63 39.73 35.34
N LEU B 438 13.71 38.79 35.13
CA LEU B 438 13.97 37.37 35.36
C LEU B 438 15.11 36.86 34.48
N SER B 439 15.12 37.28 33.22
CA SER B 439 16.16 36.88 32.27
C SER B 439 17.53 37.23 32.83
N GLN B 440 17.62 38.40 33.46
CA GLN B 440 18.86 38.87 34.07
C GLN B 440 19.20 38.01 35.28
N LEU B 441 18.20 37.83 36.13
CA LEU B 441 18.35 37.05 37.35
C LEU B 441 18.88 35.65 37.05
N LEU B 442 18.26 35.00 36.07
CA LEU B 442 18.66 33.65 35.69
C LEU B 442 19.77 33.63 34.62
N ASN B 443 20.32 34.80 34.31
CA ASN B 443 21.39 34.92 33.32
C ASN B 443 21.08 34.10 32.06
N LEU B 444 19.96 34.42 31.43
CA LEU B 444 19.54 33.75 30.21
C LEU B 444 19.68 34.62 28.97
N GLY B 445 19.90 35.92 29.17
CA GLY B 445 20.05 36.81 28.04
C GLY B 445 18.71 37.06 27.39
N SER B 446 18.71 37.57 26.17
CA SER B 446 17.45 37.83 25.48
C SER B 446 16.91 36.53 24.90
N VAL B 447 16.31 35.72 25.77
CA VAL B 447 15.76 34.42 25.38
C VAL B 447 14.30 34.48 24.91
N TYR B 448 13.56 35.52 25.31
CA TYR B 448 12.17 35.63 24.90
C TYR B 448 12.00 36.43 23.63
N PRO B 449 11.04 36.03 22.78
CA PRO B 449 10.77 36.72 21.52
C PRO B 449 10.63 38.24 21.63
N PHE B 450 9.95 38.72 22.66
CA PHE B 450 9.76 40.16 22.84
C PHE B 450 11.05 40.93 23.15
N GLN B 451 12.11 40.20 23.48
CA GLN B 451 13.39 40.84 23.77
C GLN B 451 14.25 40.94 22.52
N ARG B 452 13.82 40.31 21.43
CA ARG B 452 14.57 40.33 20.18
C ARG B 452 13.99 41.30 19.16
N ASN C 13 -9.22 47.55 -13.93
CA ASN C 13 -9.33 46.65 -15.12
C ASN C 13 -8.26 45.58 -15.03
N ALA C 14 -8.54 44.51 -14.28
CA ALA C 14 -7.59 43.43 -14.11
C ALA C 14 -8.03 42.14 -14.79
N TRP C 15 -7.09 41.20 -14.93
CA TRP C 15 -7.37 39.91 -15.54
C TRP C 15 -7.09 38.82 -14.51
N GLU C 16 -7.75 37.67 -14.67
CA GLU C 16 -7.51 36.54 -13.79
C GLU C 16 -6.36 35.77 -14.43
N VAL C 17 -5.27 35.59 -13.69
CA VAL C 17 -4.13 34.85 -14.23
C VAL C 17 -4.03 33.49 -13.56
N ASN C 18 -3.98 32.44 -14.38
CA ASN C 18 -3.87 31.09 -13.84
C ASN C 18 -2.42 30.68 -13.63
N PHE C 19 -2.07 30.27 -12.41
CA PHE C 19 -0.72 29.79 -12.11
C PHE C 19 -0.83 28.31 -11.82
N ASP C 20 -0.29 27.48 -12.70
CA ASP C 20 -0.36 26.04 -12.53
C ASP C 20 0.92 25.46 -11.92
N GLY C 21 0.76 24.31 -11.25
CA GLY C 21 1.91 23.67 -10.65
C GLY C 21 2.62 22.73 -11.61
N LEU C 22 3.93 22.90 -11.72
CA LEU C 22 4.74 22.05 -12.59
C LEU C 22 5.02 20.77 -11.79
N VAL C 23 4.41 19.66 -12.19
CA VAL C 23 4.57 18.38 -11.51
C VAL C 23 6.04 18.01 -11.25
N GLY C 24 6.33 17.65 -10.01
CA GLY C 24 7.68 17.28 -9.62
C GLY C 24 8.10 15.89 -10.06
N LEU C 25 9.41 15.66 -10.05
CA LEU C 25 10.03 14.41 -10.46
C LEU C 25 9.74 13.19 -9.61
N THR C 26 9.23 13.40 -8.39
CA THR C 26 8.99 12.26 -7.51
C THR C 26 7.53 11.84 -7.46
N HIS C 27 6.76 12.36 -8.41
CA HIS C 27 5.34 12.05 -8.53
C HIS C 27 5.08 10.54 -8.40
N HIS C 28 4.29 10.14 -7.42
CA HIS C 28 3.97 8.73 -7.22
C HIS C 28 2.66 8.54 -6.47
N TYR C 29 2.19 7.30 -6.41
CA TYR C 29 0.95 6.96 -5.73
C TYR C 29 1.22 6.25 -4.42
N ALA C 30 0.89 6.89 -3.31
CA ALA C 30 1.15 6.29 -2.00
C ALA C 30 -0.08 6.19 -1.09
N GLY C 31 -1.24 6.62 -1.59
CA GLY C 31 -2.46 6.55 -0.81
C GLY C 31 -2.33 7.22 0.54
N LEU C 32 -1.77 8.43 0.55
CA LEU C 32 -1.55 9.19 1.78
C LEU C 32 -2.72 10.05 2.22
N SER C 33 -3.72 10.25 1.35
CA SER C 33 -4.85 11.11 1.73
C SER C 33 -6.20 10.44 1.97
N PHE C 34 -6.41 10.01 3.21
CA PHE C 34 -7.68 9.39 3.57
C PHE C 34 -8.72 10.48 3.37
N GLY C 35 -9.80 10.15 2.67
CA GLY C 35 -10.84 11.12 2.41
C GLY C 35 -10.77 11.53 0.95
N ASN C 36 -9.62 11.25 0.35
CA ASN C 36 -9.38 11.53 -1.07
C ASN C 36 -9.41 10.12 -1.67
N GLU C 37 -10.60 9.73 -2.15
CA GLU C 37 -10.81 8.40 -2.70
C GLU C 37 -9.92 8.01 -3.88
N ALA C 38 -9.57 8.95 -4.74
CA ALA C 38 -8.70 8.64 -5.87
C ALA C 38 -7.33 8.22 -5.33
N SER C 39 -6.82 8.98 -4.38
CA SER C 39 -5.54 8.68 -3.77
C SER C 39 -5.54 7.28 -3.17
N THR C 40 -6.59 6.97 -2.42
CA THR C 40 -6.71 5.67 -1.77
C THR C 40 -6.87 4.50 -2.74
N ARG C 41 -7.63 4.70 -3.81
CA ARG C 41 -7.85 3.64 -4.79
C ARG C 41 -6.66 3.35 -5.69
N HIS C 42 -5.78 4.33 -5.88
CA HIS C 42 -4.62 4.10 -6.74
C HIS C 42 -3.37 3.86 -5.89
N ARG C 43 -3.60 3.51 -4.62
CA ARG C 43 -2.53 3.28 -3.66
C ARG C 43 -1.14 3.06 -4.21
N PHE C 44 -0.80 1.88 -4.69
CA PHE C 44 0.56 1.77 -5.17
C PHE C 44 0.84 1.50 -6.64
N GLN C 45 -0.05 1.94 -7.52
CA GLN C 45 0.26 1.71 -8.92
C GLN C 45 1.48 2.50 -9.34
N VAL C 46 2.06 2.12 -10.46
CA VAL C 46 3.24 2.78 -10.98
C VAL C 46 2.86 4.14 -11.52
N SER C 47 3.73 5.12 -11.36
CA SER C 47 3.45 6.45 -11.85
C SER C 47 4.41 6.83 -12.98
N ASN C 48 4.03 7.86 -13.74
CA ASN C 48 4.82 8.34 -14.84
C ASN C 48 5.05 9.84 -14.62
N PRO C 49 6.12 10.20 -13.89
CA PRO C 49 6.47 11.59 -13.60
C PRO C 49 6.57 12.45 -14.85
N ARG C 50 7.38 12.00 -15.80
CA ARG C 50 7.56 12.74 -17.04
C ARG C 50 6.21 13.01 -17.69
N LEU C 51 5.39 11.97 -17.84
CA LEU C 51 4.07 12.14 -18.45
C LEU C 51 3.22 13.10 -17.65
N ALA C 52 3.23 12.94 -16.32
CA ALA C 52 2.46 13.81 -15.45
C ALA C 52 2.79 15.27 -15.75
N ALA C 53 4.06 15.62 -15.71
CA ALA C 53 4.47 17.00 -15.97
C ALA C 53 4.04 17.43 -17.39
N LYS C 54 4.23 16.56 -18.36
CA LYS C 54 3.86 16.85 -19.74
C LYS C 54 2.37 17.16 -19.90
N GLN C 55 1.53 16.33 -19.28
CA GLN C 55 0.09 16.53 -19.33
C GLN C 55 -0.26 17.94 -18.83
N GLY C 56 0.26 18.28 -17.66
CA GLY C 56 0.00 19.58 -17.07
C GLY C 56 0.47 20.76 -17.92
N LEU C 57 1.66 20.63 -18.52
CA LEU C 57 2.19 21.69 -19.36
C LEU C 57 1.33 21.89 -20.61
N LEU C 58 0.76 20.80 -21.11
CA LEU C 58 -0.09 20.86 -22.29
C LEU C 58 -1.34 21.68 -21.98
N LYS C 59 -1.94 21.42 -20.81
CA LYS C 59 -3.13 22.17 -20.41
C LYS C 59 -2.76 23.64 -20.25
N MET C 60 -1.62 23.89 -19.64
CA MET C 60 -1.16 25.26 -19.43
C MET C 60 -1.01 25.95 -20.77
N LYS C 61 -0.23 25.31 -21.66
CA LYS C 61 0.02 25.85 -22.98
C LYS C 61 -1.24 26.10 -23.79
N ALA C 62 -2.17 25.14 -23.75
CA ALA C 62 -3.41 25.26 -24.50
C ALA C 62 -4.22 26.48 -24.07
N LEU C 63 -4.43 26.64 -22.77
CA LEU C 63 -5.20 27.78 -22.27
C LEU C 63 -4.45 29.07 -22.55
N ALA C 64 -3.13 29.01 -22.49
CA ALA C 64 -2.31 30.19 -22.77
C ALA C 64 -2.58 30.59 -24.22
N ASP C 65 -2.36 29.66 -25.13
CA ASP C 65 -2.58 29.89 -26.56
C ASP C 65 -3.99 30.39 -26.83
N ALA C 66 -4.94 29.94 -26.01
CA ALA C 66 -6.33 30.34 -26.17
C ALA C 66 -6.57 31.75 -25.68
N GLY C 67 -5.53 32.38 -25.16
CA GLY C 67 -5.67 33.75 -24.69
C GLY C 67 -5.95 33.92 -23.20
N PHE C 68 -5.78 32.87 -22.42
CA PHE C 68 -6.01 32.97 -20.97
C PHE C 68 -4.67 33.08 -20.22
N PRO C 69 -4.37 34.25 -19.65
CA PRO C 69 -3.11 34.46 -18.91
C PRO C 69 -2.71 33.24 -18.10
N GLN C 70 -1.51 32.72 -18.37
CA GLN C 70 -1.02 31.53 -17.68
C GLN C 70 0.41 31.67 -17.17
N ALA C 71 0.68 31.07 -16.01
CA ALA C 71 2.00 31.11 -15.41
C ALA C 71 2.31 29.77 -14.74
N VAL C 72 3.53 29.62 -14.25
CA VAL C 72 3.90 28.36 -13.63
C VAL C 72 4.49 28.54 -12.24
N ILE C 73 4.32 27.53 -11.41
CA ILE C 73 4.87 27.49 -10.06
C ILE C 73 5.62 26.16 -10.04
N PRO C 74 6.94 26.20 -9.75
CA PRO C 74 7.83 25.05 -9.71
C PRO C 74 7.56 24.03 -8.61
N PRO C 75 8.03 22.79 -8.81
CA PRO C 75 7.89 21.69 -7.85
C PRO C 75 8.83 21.93 -6.66
N HIS C 76 8.70 21.12 -5.61
CA HIS C 76 9.54 21.29 -4.42
C HIS C 76 10.66 20.27 -4.33
N GLU C 77 11.52 20.45 -3.33
CA GLU C 77 12.66 19.60 -3.05
C GLU C 77 12.18 18.23 -2.56
N ARG C 78 12.35 17.20 -3.38
CA ARG C 78 11.91 15.86 -3.02
C ARG C 78 12.90 14.78 -3.50
N PRO C 79 13.28 13.83 -2.63
CA PRO C 79 12.89 13.67 -1.22
C PRO C 79 13.37 14.84 -0.35
N PHE C 80 12.61 15.15 0.68
CA PHE C 80 12.97 16.25 1.58
C PHE C 80 13.67 15.69 2.80
N ILE C 81 14.99 15.56 2.71
CA ILE C 81 15.81 14.99 3.78
C ILE C 81 15.76 15.74 5.12
N PRO C 82 15.66 17.08 5.08
CA PRO C 82 15.61 17.83 6.34
C PRO C 82 14.56 17.30 7.33
N VAL C 83 13.38 16.96 6.83
CA VAL C 83 12.31 16.46 7.68
C VAL C 83 12.63 15.06 8.19
N LEU C 84 13.35 14.26 7.41
CA LEU C 84 13.70 12.92 7.85
C LEU C 84 14.68 13.05 9.01
N ARG C 85 15.55 14.05 8.95
CA ARG C 85 16.50 14.27 10.02
C ARG C 85 15.74 14.74 11.25
N GLN C 86 14.74 15.58 11.03
CA GLN C 86 13.92 16.09 12.11
C GLN C 86 13.19 14.94 12.79
N LEU C 87 13.06 13.83 12.06
CA LEU C 87 12.39 12.63 12.58
C LEU C 87 13.39 11.68 13.23
N GLY C 88 14.62 12.13 13.42
CA GLY C 88 15.61 11.29 14.07
C GLY C 88 16.58 10.50 13.24
N PHE C 89 16.50 10.56 11.92
CA PHE C 89 17.43 9.82 11.08
C PHE C 89 18.63 10.70 10.72
N SER C 90 19.82 10.25 11.08
CA SER C 90 21.02 11.05 10.83
C SER C 90 22.00 10.48 9.81
N GLY C 91 23.01 11.29 9.49
CA GLY C 91 24.02 10.89 8.53
C GLY C 91 23.94 11.77 7.30
N SER C 92 24.68 11.41 6.27
CA SER C 92 24.66 12.19 5.03
C SER C 92 23.30 11.95 4.37
N ASP C 93 22.94 12.78 3.40
CA ASP C 93 21.67 12.62 2.72
C ASP C 93 21.44 11.18 2.30
N GLU C 94 22.41 10.59 1.61
CA GLU C 94 22.26 9.22 1.15
C GLU C 94 22.12 8.22 2.30
N GLN C 95 22.81 8.49 3.41
CA GLN C 95 22.73 7.61 4.56
C GLN C 95 21.33 7.64 5.19
N VAL C 96 20.76 8.84 5.26
CA VAL C 96 19.41 8.99 5.84
C VAL C 96 18.42 8.31 4.91
N LEU C 97 18.60 8.54 3.62
CA LEU C 97 17.73 7.95 2.62
C LEU C 97 17.77 6.43 2.81
N GLU C 98 18.96 5.88 3.00
CA GLU C 98 19.13 4.45 3.20
C GLU C 98 18.47 3.96 4.48
N LYS C 99 18.82 4.57 5.62
CA LYS C 99 18.23 4.16 6.90
C LYS C 99 16.72 4.20 6.87
N VAL C 100 16.16 5.31 6.41
CA VAL C 100 14.70 5.45 6.35
C VAL C 100 14.07 4.39 5.47
N ALA C 101 14.69 4.14 4.32
CA ALA C 101 14.16 3.14 3.39
C ALA C 101 14.05 1.77 4.05
N ARG C 102 15.05 1.40 4.84
CA ARG C 102 15.03 0.10 5.49
C ARG C 102 14.37 0.08 6.87
N GLN C 103 14.28 1.23 7.53
CA GLN C 103 13.68 1.28 8.87
C GLN C 103 12.25 1.80 8.89
N ALA C 104 11.94 2.78 8.05
CA ALA C 104 10.59 3.34 8.02
C ALA C 104 10.29 3.90 6.63
N PRO C 105 10.26 3.02 5.62
CA PRO C 105 9.99 3.36 4.22
C PRO C 105 8.73 4.18 3.98
N HIS C 106 7.79 4.15 4.92
CA HIS C 106 6.56 4.92 4.74
C HIS C 106 6.80 6.41 4.88
N TRP C 107 7.81 6.77 5.66
CA TRP C 107 8.13 8.18 5.83
C TRP C 107 8.78 8.68 4.53
N LEU C 108 9.49 7.80 3.84
CA LEU C 108 10.14 8.17 2.60
C LEU C 108 9.12 8.74 1.64
N SER C 109 7.96 8.08 1.57
CA SER C 109 6.90 8.52 0.69
C SER C 109 6.34 9.87 1.15
N SER C 110 6.22 10.04 2.47
CA SER C 110 5.68 11.25 3.07
C SER C 110 6.52 12.48 2.81
N VAL C 111 7.81 12.27 2.55
CA VAL C 111 8.72 13.38 2.28
C VAL C 111 9.13 13.39 0.81
N SER C 112 8.48 12.57 0.00
CA SER C 112 8.82 12.48 -1.42
C SER C 112 7.62 12.65 -2.34
N SER C 113 6.53 13.21 -1.82
CA SER C 113 5.35 13.40 -2.63
C SER C 113 5.41 14.68 -3.48
N ALA C 114 4.88 14.61 -4.71
CA ALA C 114 4.87 15.76 -5.62
C ALA C 114 3.58 16.55 -5.40
N SER C 115 2.96 16.35 -4.24
CA SER C 115 1.71 17.02 -3.89
C SER C 115 1.66 18.53 -4.09
N PRO C 116 2.76 19.25 -3.85
CA PRO C 116 2.65 20.70 -4.05
C PRO C 116 2.20 21.09 -5.47
N MET C 117 2.17 20.11 -6.38
CA MET C 117 1.75 20.38 -7.76
C MET C 117 0.33 20.94 -7.77
N TRP C 118 -0.43 20.59 -6.74
CA TRP C 118 -1.81 21.04 -6.62
C TRP C 118 -1.86 22.41 -5.94
N VAL C 119 -1.37 23.42 -6.65
CA VAL C 119 -1.32 24.79 -6.15
C VAL C 119 -2.66 25.44 -5.79
N ALA C 120 -3.76 24.74 -6.05
CA ALA C 120 -5.07 25.29 -5.68
C ALA C 120 -5.09 25.34 -4.15
N ASN C 121 -4.22 24.54 -3.54
CA ASN C 121 -4.10 24.47 -2.08
C ASN C 121 -2.87 25.24 -1.59
N ALA C 122 -2.18 25.93 -2.51
CA ALA C 122 -0.98 26.66 -2.15
C ALA C 122 -1.24 27.83 -1.23
N ALA C 123 -2.28 28.60 -1.53
CA ALA C 123 -2.61 29.75 -0.72
C ALA C 123 -4.00 30.29 -1.02
N THR C 124 -4.36 31.37 -0.35
CA THR C 124 -5.66 32.00 -0.56
C THR C 124 -5.33 33.39 -1.07
N ILE C 125 -5.98 33.78 -2.16
CA ILE C 125 -5.71 35.07 -2.78
C ILE C 125 -6.75 36.15 -2.57
N ALA C 126 -6.27 37.39 -2.45
CA ALA C 126 -7.15 38.53 -2.27
C ALA C 126 -6.70 39.60 -3.26
N PRO C 127 -7.47 39.80 -4.35
CA PRO C 127 -7.14 40.80 -5.39
C PRO C 127 -7.16 42.19 -4.77
N SER C 128 -6.30 43.07 -5.27
CA SER C 128 -6.20 44.43 -4.75
C SER C 128 -7.53 45.16 -4.68
N ALA C 129 -8.49 44.72 -5.48
CA ALA C 129 -9.81 45.36 -5.49
C ALA C 129 -10.66 45.02 -4.26
N ASP C 130 -10.21 44.06 -3.46
CA ASP C 130 -10.94 43.65 -2.26
C ASP C 130 -10.23 43.91 -0.94
N THR C 131 -8.99 44.38 -1.00
CA THR C 131 -8.23 44.60 0.23
C THR C 131 -8.24 46.01 0.78
N LEU C 132 -8.08 46.13 2.10
CA LEU C 132 -8.09 47.43 2.76
C LEU C 132 -6.92 48.34 2.38
N ASP C 133 -5.74 47.76 2.16
CA ASP C 133 -4.57 48.55 1.80
C ASP C 133 -4.36 48.62 0.29
N GLY C 134 -5.27 48.06 -0.47
CA GLY C 134 -5.15 48.09 -1.92
C GLY C 134 -4.04 47.24 -2.54
N LYS C 135 -3.53 46.27 -1.80
CA LYS C 135 -2.48 45.40 -2.34
C LYS C 135 -3.02 44.01 -2.60
N VAL C 136 -2.25 43.21 -3.32
CA VAL C 136 -2.64 41.84 -3.60
C VAL C 136 -2.06 41.02 -2.45
N HIS C 137 -2.96 40.34 -1.73
CA HIS C 137 -2.54 39.53 -0.59
C HIS C 137 -2.62 38.04 -0.88
N LEU C 138 -1.61 37.32 -0.41
CA LEU C 138 -1.55 35.87 -0.59
C LEU C 138 -1.16 35.26 0.74
N THR C 139 -2.04 34.43 1.30
CA THR C 139 -1.75 33.76 2.57
C THR C 139 -1.52 32.29 2.31
N VAL C 140 -0.33 31.82 2.64
CA VAL C 140 0.05 30.42 2.45
C VAL C 140 -0.84 29.52 3.29
N ALA C 141 -1.25 28.39 2.71
CA ALA C 141 -2.10 27.44 3.42
C ALA C 141 -1.23 26.46 4.21
N ASN C 142 -1.59 26.19 5.47
CA ASN C 142 -0.79 25.28 6.28
C ASN C 142 -0.92 23.82 5.86
N LEU C 143 -2.07 23.46 5.29
CA LEU C 143 -2.31 22.09 4.82
C LEU C 143 -1.95 21.10 5.94
N ASN C 144 -2.34 21.47 7.15
CA ASN C 144 -2.05 20.67 8.34
C ASN C 144 -2.69 19.30 8.45
N ASN C 145 -3.82 19.08 7.79
CA ASN C 145 -4.47 17.79 7.92
C ASN C 145 -3.63 16.62 7.43
N LYS C 146 -2.95 16.80 6.29
CA LYS C 146 -2.10 15.73 5.76
C LYS C 146 -0.64 16.08 5.99
N PHE C 147 0.05 15.22 6.70
CA PHE C 147 1.46 15.46 7.00
C PHE C 147 2.30 15.71 5.74
N HIS C 148 2.20 14.83 4.74
CA HIS C 148 3.00 15.04 3.54
C HIS C 148 2.75 16.39 2.90
N ARG C 149 1.53 16.89 3.04
CA ARG C 149 1.16 18.19 2.48
C ARG C 149 1.59 19.35 3.39
N SER C 150 1.55 19.14 4.71
CA SER C 150 1.92 20.18 5.65
C SER C 150 3.38 20.65 5.51
N LEU C 151 4.20 19.87 4.81
CA LEU C 151 5.60 20.20 4.61
C LEU C 151 5.81 21.26 3.54
N GLU C 152 4.78 21.51 2.74
CA GLU C 152 4.85 22.45 1.64
C GLU C 152 4.93 23.92 2.02
N ALA C 153 4.13 24.31 3.01
CA ALA C 153 4.05 25.70 3.43
C ALA C 153 5.32 26.56 3.37
N PRO C 154 6.39 26.15 4.08
CA PRO C 154 7.62 26.96 4.05
C PRO C 154 8.21 27.24 2.66
N VAL C 155 8.38 26.21 1.85
CA VAL C 155 8.93 26.41 0.51
C VAL C 155 7.93 27.11 -0.40
N THR C 156 6.63 26.85 -0.20
CA THR C 156 5.61 27.50 -0.99
C THR C 156 5.68 29.01 -0.73
N GLU C 157 5.95 29.38 0.52
CA GLU C 157 6.07 30.79 0.85
C GLU C 157 7.28 31.38 0.12
N SER C 158 8.39 30.66 0.13
CA SER C 158 9.61 31.10 -0.55
C SER C 158 9.34 31.30 -2.04
N LEU C 159 8.61 30.35 -2.63
CA LEU C 159 8.31 30.41 -4.04
C LEU C 159 7.39 31.58 -4.40
N LEU C 160 6.36 31.80 -3.59
CA LEU C 160 5.40 32.87 -3.84
C LEU C 160 6.05 34.24 -3.70
N LYS C 161 7.04 34.32 -2.81
CA LYS C 161 7.74 35.59 -2.61
C LYS C 161 8.75 35.80 -3.73
N ALA C 162 9.16 34.71 -4.38
CA ALA C 162 10.11 34.80 -5.47
C ALA C 162 9.41 35.14 -6.78
N ILE C 163 8.10 34.88 -6.85
CA ILE C 163 7.33 35.18 -8.04
C ILE C 163 6.62 36.53 -7.87
N PHE C 164 5.98 36.73 -6.72
CA PHE C 164 5.30 38.00 -6.47
C PHE C 164 6.25 38.79 -5.57
N ASN C 165 7.35 39.22 -6.16
CA ASN C 165 8.39 39.93 -5.44
C ASN C 165 8.19 41.42 -5.20
N ASP C 166 7.34 42.07 -5.99
CA ASP C 166 7.12 43.51 -5.80
C ASP C 166 6.32 43.75 -4.52
N GLU C 167 7.04 43.93 -3.42
CA GLU C 167 6.47 44.16 -2.10
C GLU C 167 5.48 45.33 -2.03
N GLU C 168 5.58 46.24 -3.00
CA GLU C 168 4.68 47.40 -3.01
C GLU C 168 3.34 47.02 -3.63
N LYS C 169 3.29 45.85 -4.28
CA LYS C 169 2.06 45.41 -4.89
C LYS C 169 1.58 44.07 -4.36
N PHE C 170 2.49 43.31 -3.77
CA PHE C 170 2.12 42.00 -3.23
C PHE C 170 2.52 41.84 -1.78
N SER C 171 1.62 41.21 -1.01
CA SER C 171 1.85 40.94 0.41
C SER C 171 1.64 39.44 0.67
N VAL C 172 2.74 38.70 0.83
CA VAL C 172 2.67 37.27 1.09
C VAL C 172 2.72 37.00 2.58
N HIS C 173 1.68 36.37 3.12
CA HIS C 173 1.64 36.08 4.55
C HIS C 173 2.00 34.63 4.83
N SER C 174 2.63 34.38 5.97
CA SER C 174 2.99 33.02 6.36
C SER C 174 1.74 32.22 6.75
N ALA C 175 1.83 30.89 6.67
CA ALA C 175 0.71 30.03 6.99
C ALA C 175 0.29 30.11 8.45
N LEU C 176 -0.97 29.78 8.71
CA LEU C 176 -1.52 29.79 10.05
C LEU C 176 -0.80 28.73 10.89
N PRO C 177 -0.93 28.80 12.22
CA PRO C 177 -0.27 27.81 13.07
C PRO C 177 -0.64 26.40 12.63
N GLN C 178 0.31 25.47 12.75
CA GLN C 178 0.06 24.09 12.34
C GLN C 178 -0.66 23.25 13.39
N VAL C 179 -1.97 23.43 13.50
CA VAL C 179 -2.80 22.66 14.45
C VAL C 179 -4.16 22.39 13.80
N ALA C 180 -4.75 21.24 14.10
CA ALA C 180 -6.05 20.86 13.52
C ALA C 180 -7.08 21.95 13.68
N LEU C 181 -7.01 22.69 14.78
CA LEU C 181 -7.95 23.77 15.06
C LEU C 181 -7.96 24.82 13.96
N LEU C 182 -6.84 24.94 13.25
CA LEU C 182 -6.71 25.93 12.19
C LEU C 182 -6.37 25.32 10.84
N GLY C 183 -6.96 24.16 10.55
CA GLY C 183 -6.72 23.49 9.28
C GLY C 183 -7.13 24.37 8.11
N ASP C 184 -6.18 24.68 7.23
CA ASP C 184 -6.43 25.53 6.07
C ASP C 184 -5.93 24.89 4.77
N GLU C 185 -6.82 24.76 3.78
CA GLU C 185 -6.45 24.15 2.50
C GLU C 185 -6.39 25.14 1.35
N GLY C 186 -6.38 26.44 1.67
CA GLY C 186 -6.27 27.49 0.67
C GLY C 186 -7.39 27.72 -0.32
N ALA C 187 -7.01 28.25 -1.49
CA ALA C 187 -7.92 28.57 -2.58
C ALA C 187 -8.95 27.49 -2.91
N ALA C 188 -8.57 26.23 -2.76
CA ALA C 188 -9.47 25.12 -3.07
C ALA C 188 -10.80 25.23 -2.33
N ASN C 189 -10.82 25.99 -1.25
CA ASN C 189 -12.03 26.20 -0.44
C ASN C 189 -12.50 27.65 -0.53
N HIS C 190 -11.90 28.40 -1.46
CA HIS C 190 -12.22 29.81 -1.65
C HIS C 190 -13.01 30.01 -2.96
N ASN C 191 -13.75 31.12 -3.03
CA ASN C 191 -14.55 31.45 -4.21
C ASN C 191 -14.69 32.95 -4.30
N ARG C 192 -14.86 33.46 -5.52
CA ARG C 192 -15.01 34.89 -5.72
C ARG C 192 -16.06 35.21 -6.79
N LEU C 193 -17.15 35.83 -6.38
CA LEU C 193 -18.22 36.19 -7.31
C LEU C 193 -18.39 37.70 -7.40
N GLY C 194 -18.65 38.18 -8.61
CA GLY C 194 -18.85 39.60 -8.83
C GLY C 194 -18.92 39.88 -10.32
N GLY C 195 -18.80 41.14 -10.70
CA GLY C 195 -18.85 41.49 -12.10
C GLY C 195 -17.50 41.22 -12.76
N HIS C 196 -16.84 42.27 -13.23
CA HIS C 196 -15.53 42.13 -13.85
C HIS C 196 -14.48 41.88 -12.79
N TYR C 197 -13.58 40.95 -13.06
CA TYR C 197 -12.52 40.59 -12.12
C TYR C 197 -11.94 41.81 -11.40
N GLY C 198 -11.73 42.90 -12.14
CA GLY C 198 -11.16 44.10 -11.56
C GLY C 198 -11.98 44.87 -10.54
N GLU C 199 -13.30 44.64 -10.50
CA GLU C 199 -14.17 45.31 -9.54
C GLU C 199 -14.13 44.58 -8.20
N PRO C 200 -14.52 45.27 -7.12
CA PRO C 200 -14.52 44.63 -5.79
C PRO C 200 -15.42 43.40 -5.87
N GLY C 201 -14.95 42.28 -5.36
CA GLY C 201 -15.76 41.07 -5.45
C GLY C 201 -16.23 40.56 -4.11
N MET C 202 -17.08 39.53 -4.17
CA MET C 202 -17.63 38.91 -2.98
C MET C 202 -16.89 37.58 -2.82
N GLN C 203 -16.14 37.45 -1.72
CA GLN C 203 -15.38 36.24 -1.47
C GLN C 203 -16.17 35.26 -0.62
N LEU C 204 -16.26 34.02 -1.08
CA LEU C 204 -16.99 33.00 -0.32
C LEU C 204 -16.03 31.93 0.19
N PHE C 205 -15.83 31.91 1.51
CA PHE C 205 -14.95 30.93 2.15
C PHE C 205 -15.74 29.72 2.57
N VAL C 206 -15.40 28.56 2.03
CA VAL C 206 -16.09 27.34 2.40
C VAL C 206 -15.24 26.55 3.41
N TYR C 207 -15.87 26.09 4.49
CA TYR C 207 -15.14 25.33 5.51
C TYR C 207 -15.86 24.01 5.83
N GLY C 208 -15.13 23.08 6.42
CA GLY C 208 -15.72 21.80 6.73
C GLY C 208 -16.23 21.63 8.15
N ARG C 209 -15.58 22.30 9.11
CA ARG C 209 -15.95 22.20 10.51
C ARG C 209 -15.61 23.46 11.27
N GLU C 210 -16.21 23.58 12.46
CA GLU C 210 -16.02 24.74 13.33
C GLU C 210 -16.20 24.28 14.79
N GLU C 211 -15.44 24.86 15.70
CA GLU C 211 -15.58 24.50 17.12
C GLU C 211 -16.99 24.84 17.61
N GLY C 212 -17.55 23.95 18.43
CA GLY C 212 -18.88 24.19 18.97
C GLY C 212 -20.01 23.85 18.01
N ASN C 213 -19.66 23.37 16.83
CA ASN C 213 -20.64 23.01 15.81
C ASN C 213 -20.68 21.48 15.70
N ASP C 214 -21.83 20.87 15.95
CA ASP C 214 -21.96 19.41 15.88
C ASP C 214 -22.09 18.94 14.43
N THR C 215 -22.34 19.88 13.53
CA THR C 215 -22.47 19.59 12.12
C THR C 215 -21.07 19.41 11.53
N ARG C 216 -20.73 18.18 11.18
CA ARG C 216 -19.42 17.87 10.63
C ARG C 216 -19.37 16.44 10.10
N PRO C 217 -18.51 16.19 9.10
CA PRO C 217 -18.40 14.84 8.54
C PRO C 217 -18.06 13.83 9.62
N SER C 218 -18.46 12.58 9.43
CA SER C 218 -18.17 11.55 10.42
C SER C 218 -17.40 10.35 9.86
N ARG C 219 -17.09 10.40 8.56
CA ARG C 219 -16.35 9.31 7.93
C ARG C 219 -15.00 9.84 7.47
N TYR C 220 -15.03 10.86 6.63
CA TYR C 220 -13.83 11.50 6.09
C TYR C 220 -13.61 12.79 6.85
N PRO C 221 -12.35 13.24 6.94
CA PRO C 221 -12.03 14.47 7.66
C PRO C 221 -12.43 15.78 6.98
N ALA C 222 -12.70 16.80 7.78
CA ALA C 222 -13.02 18.12 7.26
C ALA C 222 -11.68 18.86 7.44
N ARG C 223 -10.92 18.99 6.36
CA ARG C 223 -9.61 19.64 6.42
C ARG C 223 -9.64 21.13 6.74
N GLN C 224 -10.70 21.80 6.32
CA GLN C 224 -10.83 23.24 6.52
C GLN C 224 -11.71 23.59 7.72
N THR C 225 -11.24 24.52 8.55
CA THR C 225 -12.00 24.93 9.73
C THR C 225 -12.41 26.39 9.56
N ARG C 226 -13.58 26.76 10.08
CA ARG C 226 -14.04 28.13 9.95
C ARG C 226 -13.07 29.09 10.62
N GLU C 227 -12.47 28.62 11.71
CA GLU C 227 -11.49 29.40 12.47
C GLU C 227 -10.36 29.84 11.54
N ALA C 228 -9.85 28.91 10.76
CA ALA C 228 -8.78 29.20 9.82
C ALA C 228 -9.28 30.19 8.77
N SER C 229 -10.39 29.87 8.13
CA SER C 229 -10.94 30.73 7.09
C SER C 229 -11.12 32.17 7.54
N GLU C 230 -11.57 32.35 8.77
CA GLU C 230 -11.76 33.71 9.31
C GLU C 230 -10.43 34.41 9.47
N ALA C 231 -9.40 33.65 9.90
CA ALA C 231 -8.07 34.19 10.10
C ALA C 231 -7.42 34.61 8.76
N VAL C 232 -7.65 33.81 7.73
CA VAL C 232 -7.09 34.13 6.42
C VAL C 232 -7.75 35.42 5.93
N ALA C 233 -9.06 35.51 6.11
CA ALA C 233 -9.81 36.68 5.69
C ALA C 233 -9.20 37.92 6.33
N ARG C 234 -8.76 37.78 7.58
CA ARG C 234 -8.13 38.90 8.28
C ARG C 234 -6.77 39.16 7.69
N LEU C 235 -5.94 38.12 7.65
CA LEU C 235 -4.59 38.25 7.10
C LEU C 235 -4.59 38.92 5.72
N ASN C 236 -5.52 38.54 4.86
CA ASN C 236 -5.61 39.11 3.52
C ASN C 236 -6.28 40.47 3.48
N GLN C 237 -6.61 41.01 4.64
CA GLN C 237 -7.25 42.31 4.74
C GLN C 237 -8.46 42.45 3.82
N VAL C 238 -9.29 41.43 3.76
CA VAL C 238 -10.47 41.48 2.91
C VAL C 238 -11.53 42.35 3.55
N ASN C 239 -12.07 43.29 2.79
CA ASN C 239 -13.11 44.18 3.30
C ASN C 239 -14.24 43.31 3.86
N PRO C 240 -14.56 43.49 5.16
CA PRO C 240 -15.60 42.75 5.87
C PRO C 240 -16.94 42.60 5.13
N GLN C 241 -17.30 43.60 4.34
CA GLN C 241 -18.55 43.58 3.59
C GLN C 241 -18.47 42.71 2.34
N GLN C 242 -17.27 42.21 2.02
CA GLN C 242 -17.10 41.39 0.83
C GLN C 242 -16.72 39.95 1.19
N VAL C 243 -17.08 39.53 2.38
CA VAL C 243 -16.78 38.18 2.83
C VAL C 243 -18.00 37.41 3.32
N ILE C 244 -18.06 36.13 2.95
CA ILE C 244 -19.15 35.26 3.34
C ILE C 244 -18.57 33.90 3.67
N PHE C 245 -18.99 33.31 4.80
CA PHE C 245 -18.50 32.00 5.20
C PHE C 245 -19.66 31.00 5.10
N ALA C 246 -19.41 29.86 4.48
CA ALA C 246 -20.44 28.83 4.33
C ALA C 246 -19.84 27.47 4.63
N GLN C 247 -20.64 26.58 5.22
CA GLN C 247 -20.16 25.25 5.57
C GLN C 247 -20.48 24.22 4.49
N GLN C 248 -19.48 23.42 4.16
CA GLN C 248 -19.65 22.38 3.17
C GLN C 248 -20.66 21.39 3.74
N ASN C 249 -21.43 20.74 2.87
CA ASN C 249 -22.39 19.75 3.35
C ASN C 249 -21.57 18.55 3.85
N PRO C 250 -21.62 18.29 5.17
CA PRO C 250 -20.87 17.17 5.75
C PRO C 250 -21.08 15.84 5.02
N ASP C 251 -22.30 15.63 4.51
CA ASP C 251 -22.65 14.41 3.79
C ASP C 251 -21.81 14.21 2.54
N VAL C 252 -21.56 15.30 1.84
CA VAL C 252 -20.79 15.25 0.60
C VAL C 252 -19.29 15.04 0.89
N ILE C 253 -18.84 15.50 2.05
CA ILE C 253 -17.43 15.32 2.42
C ILE C 253 -17.24 13.84 2.70
N ASP C 254 -18.22 13.23 3.36
CA ASP C 254 -18.14 11.81 3.68
C ASP C 254 -18.25 10.93 2.44
N GLN C 255 -18.27 11.56 1.27
CA GLN C 255 -18.36 10.81 0.02
C GLN C 255 -17.17 11.08 -0.88
N GLY C 256 -16.21 11.84 -0.37
CA GLY C 256 -15.01 12.12 -1.15
C GLY C 256 -14.73 13.56 -1.52
N VAL C 257 -15.63 14.48 -1.17
CA VAL C 257 -15.42 15.89 -1.47
C VAL C 257 -14.55 16.50 -0.38
N PHE C 258 -13.24 16.29 -0.46
CA PHE C 258 -12.32 16.81 0.55
C PHE C 258 -11.96 18.29 0.42
N HIS C 259 -12.31 18.88 -0.73
CA HIS C 259 -12.09 20.30 -0.99
C HIS C 259 -13.37 20.78 -1.69
N ASN C 260 -13.71 22.04 -1.52
CA ASN C 260 -14.91 22.58 -2.14
C ASN C 260 -14.82 22.49 -3.67
N ASP C 261 -13.61 22.62 -4.21
CA ASP C 261 -13.42 22.59 -5.66
C ASP C 261 -13.66 21.22 -6.28
N VAL C 262 -14.23 20.31 -5.48
CA VAL C 262 -14.54 18.97 -5.95
C VAL C 262 -16.07 18.89 -6.08
N ILE C 263 -16.75 19.96 -5.69
CA ILE C 263 -18.20 19.97 -5.78
C ILE C 263 -18.79 21.33 -6.15
N ALA C 264 -17.93 22.31 -6.40
CA ALA C 264 -18.39 23.65 -6.77
C ALA C 264 -17.25 24.52 -7.28
N VAL C 265 -17.57 25.43 -8.18
CA VAL C 265 -16.57 26.33 -8.74
C VAL C 265 -17.26 27.63 -9.15
N SER C 266 -16.58 28.75 -8.93
CA SER C 266 -17.16 30.03 -9.28
C SER C 266 -16.34 30.76 -10.33
N ASN C 267 -16.98 31.75 -10.95
CA ASN C 267 -16.35 32.57 -11.96
C ASN C 267 -17.34 33.67 -12.34
N ARG C 268 -16.90 34.91 -12.11
CA ARG C 268 -17.72 36.06 -12.40
C ARG C 268 -19.01 36.00 -11.59
N GLN C 269 -20.15 36.06 -12.27
CA GLN C 269 -21.44 36.03 -11.60
C GLN C 269 -21.96 34.61 -11.42
N VAL C 270 -21.25 33.64 -11.96
CA VAL C 270 -21.67 32.24 -11.90
C VAL C 270 -21.09 31.36 -10.81
N LEU C 271 -21.95 30.56 -10.20
CA LEU C 271 -21.54 29.63 -9.17
C LEU C 271 -22.08 28.28 -9.63
N PHE C 272 -21.22 27.50 -10.27
CA PHE C 272 -21.59 26.18 -10.78
C PHE C 272 -21.34 25.20 -9.65
N CYS C 273 -22.39 24.55 -9.17
CA CYS C 273 -22.22 23.60 -8.06
C CYS C 273 -23.29 22.52 -7.98
N HIS C 274 -22.96 21.45 -7.28
CA HIS C 274 -23.89 20.34 -7.10
C HIS C 274 -24.97 20.81 -6.13
N GLN C 275 -26.13 20.17 -6.18
CA GLN C 275 -27.21 20.58 -5.30
C GLN C 275 -26.92 20.27 -3.84
N GLN C 276 -26.09 19.27 -3.59
CA GLN C 276 -25.75 18.90 -2.22
C GLN C 276 -24.39 19.43 -1.79
N ALA C 277 -23.97 20.53 -2.39
CA ALA C 277 -22.68 21.13 -2.10
C ALA C 277 -22.57 21.70 -0.70
N PHE C 278 -23.52 22.55 -0.32
CA PHE C 278 -23.45 23.17 1.00
C PHE C 278 -24.61 22.86 1.93
N ALA C 279 -24.36 23.12 3.22
CA ALA C 279 -25.38 22.95 4.23
C ALA C 279 -26.15 24.25 4.13
N ARG C 280 -27.47 24.19 4.20
CA ARG C 280 -28.27 25.41 4.08
C ARG C 280 -27.99 26.07 2.73
N GLN C 281 -27.87 25.26 1.70
CA GLN C 281 -27.60 25.77 0.36
C GLN C 281 -28.56 26.87 -0.11
N SER C 282 -29.85 26.68 0.15
CA SER C 282 -30.84 27.66 -0.27
C SER C 282 -30.61 29.05 0.33
N GLN C 283 -30.27 29.09 1.61
CA GLN C 283 -30.02 30.37 2.28
C GLN C 283 -28.82 31.04 1.65
N LEU C 284 -27.78 30.23 1.40
CA LEU C 284 -26.54 30.75 0.80
C LEU C 284 -26.77 31.33 -0.60
N LEU C 285 -27.48 30.58 -1.44
CA LEU C 285 -27.74 31.06 -2.80
C LEU C 285 -28.59 32.32 -2.77
N ALA C 286 -29.51 32.38 -1.81
CA ALA C 286 -30.37 33.55 -1.69
C ALA C 286 -29.50 34.74 -1.25
N ASN C 287 -28.60 34.47 -0.31
CA ASN C 287 -27.68 35.49 0.21
C ASN C 287 -26.82 36.03 -0.93
N LEU C 288 -26.30 35.12 -1.75
CA LEU C 288 -25.46 35.51 -2.88
C LEU C 288 -26.27 36.30 -3.90
N ARG C 289 -27.50 35.85 -4.18
CA ARG C 289 -28.35 36.54 -5.14
C ARG C 289 -28.60 37.98 -4.71
N ALA C 290 -28.79 38.19 -3.41
CA ALA C 290 -29.06 39.52 -2.89
C ALA C 290 -27.83 40.38 -2.75
N ARG C 291 -26.69 39.75 -2.54
CA ARG C 291 -25.43 40.45 -2.33
C ARG C 291 -24.55 40.58 -3.57
N VAL C 292 -24.83 39.78 -4.58
CA VAL C 292 -24.04 39.78 -5.81
C VAL C 292 -24.95 40.04 -7.01
N ASN C 293 -24.79 41.21 -7.61
CA ASN C 293 -25.57 41.60 -8.77
C ASN C 293 -25.36 40.67 -9.94
N GLY C 294 -26.47 40.22 -10.53
CA GLY C 294 -26.39 39.33 -11.68
C GLY C 294 -26.03 37.90 -11.33
N PHE C 295 -25.93 37.61 -10.03
CA PHE C 295 -25.57 36.28 -9.57
C PHE C 295 -26.39 35.19 -10.23
N MET C 296 -25.70 34.17 -10.74
CA MET C 296 -26.37 33.04 -11.38
C MET C 296 -25.88 31.73 -10.78
N ALA C 297 -26.78 31.03 -10.11
CA ALA C 297 -26.43 29.77 -9.52
C ALA C 297 -26.87 28.64 -10.45
N ILE C 298 -25.91 27.84 -10.89
CA ILE C 298 -26.20 26.71 -11.76
C ILE C 298 -26.06 25.47 -10.91
N GLU C 299 -27.20 24.94 -10.45
CA GLU C 299 -27.21 23.76 -9.59
C GLU C 299 -27.47 22.46 -10.34
N VAL C 300 -26.64 21.46 -10.07
CA VAL C 300 -26.82 20.15 -10.68
C VAL C 300 -27.50 19.25 -9.65
N PRO C 301 -28.69 18.74 -9.97
CA PRO C 301 -29.44 17.87 -9.07
C PRO C 301 -28.86 16.47 -9.03
N ALA C 302 -29.02 15.79 -7.89
CA ALA C 302 -28.53 14.43 -7.73
C ALA C 302 -29.16 13.56 -8.81
N THR C 303 -30.36 13.95 -9.24
CA THR C 303 -31.10 13.23 -10.27
C THR C 303 -30.33 13.16 -11.60
N GLN C 304 -29.64 14.24 -11.97
CA GLN C 304 -28.86 14.26 -13.20
C GLN C 304 -27.46 13.69 -13.02
N VAL C 305 -26.83 14.02 -11.91
CA VAL C 305 -25.48 13.52 -11.62
C VAL C 305 -25.34 13.24 -10.14
N SER C 306 -25.08 11.99 -9.79
CA SER C 306 -24.94 11.61 -8.39
C SER C 306 -23.62 12.12 -7.82
N VAL C 307 -23.59 12.27 -6.50
CA VAL C 307 -22.38 12.73 -5.82
C VAL C 307 -21.25 11.75 -6.13
N SER C 308 -21.60 10.47 -6.21
CA SER C 308 -20.61 9.45 -6.50
C SER C 308 -19.99 9.74 -7.87
N ASP C 309 -20.84 9.99 -8.86
CA ASP C 309 -20.36 10.30 -10.22
C ASP C 309 -19.60 11.61 -10.22
N THR C 310 -19.99 12.51 -9.32
CA THR C 310 -19.34 13.81 -9.22
C THR C 310 -17.88 13.64 -8.78
N VAL C 311 -17.65 12.78 -7.79
CA VAL C 311 -16.33 12.52 -7.26
C VAL C 311 -15.42 11.76 -8.24
N SER C 312 -16.00 10.86 -9.01
CA SER C 312 -15.19 10.09 -9.95
C SER C 312 -14.84 10.85 -11.23
N THR C 313 -15.75 11.68 -11.74
CA THR C 313 -15.49 12.45 -12.97
C THR C 313 -14.83 13.79 -12.74
N TYR C 314 -15.09 14.39 -11.58
CA TYR C 314 -14.52 15.70 -11.25
C TYR C 314 -15.05 16.80 -12.14
N LEU C 315 -16.33 16.71 -12.49
CA LEU C 315 -16.94 17.73 -13.33
C LEU C 315 -16.87 19.08 -12.65
N PHE C 316 -16.81 19.06 -11.31
CA PHE C 316 -16.76 20.30 -10.56
C PHE C 316 -15.35 20.80 -10.25
N ASN C 317 -14.34 19.98 -10.55
CA ASN C 317 -12.96 20.39 -10.31
C ASN C 317 -12.47 20.98 -11.62
N SER C 318 -13.42 21.53 -12.36
CA SER C 318 -13.15 22.13 -13.66
C SER C 318 -12.83 23.60 -13.52
N GLN C 319 -12.28 24.18 -14.58
CA GLN C 319 -11.97 25.60 -14.59
C GLN C 319 -13.08 26.28 -15.38
N LEU C 320 -13.64 27.33 -14.81
CA LEU C 320 -14.69 28.08 -15.48
C LEU C 320 -14.03 29.35 -15.95
N LEU C 321 -13.74 29.42 -17.25
CA LEU C 321 -13.06 30.57 -17.83
C LEU C 321 -13.99 31.54 -18.58
N SER C 322 -13.63 32.81 -18.56
CA SER C 322 -14.41 33.84 -19.24
C SER C 322 -13.82 34.14 -20.60
N ARG C 323 -14.65 34.04 -21.63
CA ARG C 323 -14.22 34.32 -22.99
C ARG C 323 -14.38 35.82 -23.19
N ASP C 324 -13.66 36.38 -24.14
CA ASP C 324 -13.71 37.82 -24.40
C ASP C 324 -15.12 38.39 -24.53
N ASP C 325 -16.08 37.60 -25.03
CA ASP C 325 -17.44 38.10 -25.18
C ASP C 325 -18.35 37.82 -23.97
N GLY C 326 -17.74 37.48 -22.83
CA GLY C 326 -18.51 37.24 -21.63
C GLY C 326 -18.98 35.81 -21.44
N SER C 327 -19.03 35.04 -22.52
CA SER C 327 -19.46 33.65 -22.44
C SER C 327 -18.38 32.90 -21.67
N MET C 328 -18.66 31.66 -21.27
CA MET C 328 -17.69 30.90 -20.50
C MET C 328 -17.35 29.53 -21.05
N MET C 329 -16.14 29.07 -20.71
CA MET C 329 -15.65 27.76 -21.15
C MET C 329 -15.44 26.87 -19.93
N LEU C 330 -15.78 25.59 -20.05
CA LEU C 330 -15.59 24.64 -18.96
C LEU C 330 -14.43 23.72 -19.32
N VAL C 331 -13.33 23.84 -18.57
CA VAL C 331 -12.16 22.98 -18.81
C VAL C 331 -12.35 21.76 -17.92
N LEU C 332 -12.53 20.60 -18.55
CA LEU C 332 -12.79 19.37 -17.83
C LEU C 332 -11.74 18.28 -18.06
N PRO C 333 -11.63 17.34 -17.11
CA PRO C 333 -10.67 16.24 -17.23
C PRO C 333 -11.31 15.13 -18.09
N GLN C 334 -10.48 14.40 -18.82
CA GLN C 334 -10.90 13.31 -19.69
C GLN C 334 -12.05 12.42 -19.14
N GLU C 335 -12.01 12.06 -17.86
CA GLU C 335 -13.05 11.20 -17.30
C GLU C 335 -14.47 11.76 -17.38
N CYS C 336 -14.60 13.04 -17.66
CA CYS C 336 -15.92 13.63 -17.76
C CYS C 336 -16.53 13.28 -19.10
N ARG C 337 -15.67 13.02 -20.08
CA ARG C 337 -16.15 12.65 -21.41
C ARG C 337 -16.31 11.14 -21.50
N GLU C 338 -15.60 10.42 -20.65
CA GLU C 338 -15.65 8.96 -20.64
C GLU C 338 -16.81 8.44 -19.78
N HIS C 339 -17.54 9.36 -19.17
CA HIS C 339 -18.68 9.01 -18.32
C HIS C 339 -19.94 9.46 -19.05
N ALA C 340 -20.69 8.50 -19.59
CA ALA C 340 -21.91 8.78 -20.34
C ALA C 340 -22.85 9.77 -19.64
N GLY C 341 -23.17 9.49 -18.38
CA GLY C 341 -24.06 10.36 -17.63
C GLY C 341 -23.57 11.79 -17.53
N VAL C 342 -22.36 11.96 -16.99
CA VAL C 342 -21.80 13.30 -16.83
C VAL C 342 -21.58 14.00 -18.17
N TRP C 343 -21.06 13.27 -19.16
CA TRP C 343 -20.82 13.88 -20.46
C TRP C 343 -22.17 14.34 -21.03
N GLY C 344 -23.19 13.51 -20.84
CA GLY C 344 -24.52 13.85 -21.31
C GLY C 344 -25.01 15.11 -20.61
N TYR C 345 -24.76 15.21 -19.31
CA TYR C 345 -25.20 16.40 -18.60
C TYR C 345 -24.44 17.64 -19.03
N LEU C 346 -23.11 17.52 -19.20
CA LEU C 346 -22.31 18.68 -19.61
C LEU C 346 -22.81 19.23 -20.94
N ASN C 347 -23.17 18.35 -21.86
CA ASN C 347 -23.65 18.79 -23.16
C ASN C 347 -24.99 19.49 -23.03
N GLU C 348 -25.84 18.96 -22.14
CA GLU C 348 -27.15 19.55 -21.93
C GLU C 348 -26.90 20.95 -21.37
N LEU C 349 -25.96 21.05 -20.45
CA LEU C 349 -25.62 22.33 -19.84
C LEU C 349 -25.08 23.26 -20.93
N LEU C 350 -24.29 22.68 -21.84
CA LEU C 350 -23.69 23.44 -22.92
C LEU C 350 -24.76 24.00 -23.84
N ALA C 351 -25.73 23.17 -24.19
CA ALA C 351 -26.81 23.58 -25.09
C ALA C 351 -27.82 24.48 -24.40
N ALA C 352 -27.99 24.31 -23.09
CA ALA C 352 -28.93 25.13 -22.33
C ALA C 352 -28.59 26.60 -22.45
N ASP C 353 -29.57 27.47 -22.15
CA ASP C 353 -29.34 28.90 -22.25
C ASP C 353 -28.68 29.39 -20.97
N ASN C 354 -27.36 29.60 -21.04
CA ASN C 354 -26.59 30.07 -19.89
C ASN C 354 -25.22 30.50 -20.41
N PRO C 355 -24.35 31.02 -19.53
CA PRO C 355 -23.01 31.44 -19.92
C PRO C 355 -22.06 30.37 -20.48
N ILE C 356 -22.28 29.11 -20.07
CA ILE C 356 -21.40 28.04 -20.53
C ILE C 356 -21.65 27.65 -21.98
N SER C 357 -20.87 28.25 -22.86
CA SER C 357 -21.01 28.01 -24.29
C SER C 357 -19.90 27.18 -24.92
N GLU C 358 -19.04 26.58 -24.11
CA GLU C 358 -17.95 25.77 -24.66
C GLU C 358 -17.35 24.81 -23.65
N LEU C 359 -17.09 23.58 -24.11
CA LEU C 359 -16.50 22.54 -23.28
C LEU C 359 -15.12 22.23 -23.84
N LYS C 360 -14.13 22.16 -22.97
CA LYS C 360 -12.75 21.86 -23.37
C LYS C 360 -12.27 20.73 -22.46
N VAL C 361 -11.78 19.64 -23.05
CA VAL C 361 -11.32 18.50 -22.27
C VAL C 361 -9.82 18.24 -22.39
N PHE C 362 -9.19 17.91 -21.27
CA PHE C 362 -7.76 17.60 -21.24
C PHE C 362 -7.51 16.28 -20.55
N ASP C 363 -6.42 15.62 -20.93
CA ASP C 363 -6.06 14.35 -20.33
C ASP C 363 -5.09 14.61 -19.19
N LEU C 364 -5.60 14.50 -17.97
CA LEU C 364 -4.81 14.71 -16.77
C LEU C 364 -4.88 13.45 -15.92
N ARG C 365 -4.73 12.30 -16.56
CA ARG C 365 -4.80 11.01 -15.87
C ARG C 365 -3.84 10.84 -14.69
N GLU C 366 -2.60 11.26 -14.87
CA GLU C 366 -1.62 11.10 -13.79
C GLU C 366 -2.08 11.85 -12.55
N SER C 367 -2.48 13.12 -12.73
CA SER C 367 -2.93 13.92 -11.60
C SER C 367 -4.26 13.44 -11.05
N MET C 368 -5.18 13.05 -11.92
CA MET C 368 -6.49 12.58 -11.48
C MET C 368 -6.39 11.32 -10.64
N ALA C 369 -5.41 10.47 -10.91
CA ALA C 369 -5.23 9.24 -10.14
C ALA C 369 -4.92 9.56 -8.67
N ASN C 370 -4.47 10.78 -8.39
CA ASN C 370 -4.18 11.19 -7.02
C ASN C 370 -5.20 12.20 -6.48
N GLY C 371 -6.33 12.31 -7.16
CA GLY C 371 -7.40 13.20 -6.72
C GLY C 371 -7.35 14.64 -7.18
N GLY C 372 -6.62 14.92 -8.27
CA GLY C 372 -6.54 16.29 -8.74
C GLY C 372 -6.89 16.47 -10.20
N GLY C 373 -7.85 17.37 -10.46
CA GLY C 373 -8.27 17.67 -11.82
C GLY C 373 -7.69 18.98 -12.32
N PRO C 374 -8.32 19.59 -13.33
CA PRO C 374 -7.87 20.86 -13.91
C PRO C 374 -7.67 21.99 -12.89
N ALA C 375 -8.69 22.23 -12.09
CA ALA C 375 -8.64 23.32 -11.11
C ALA C 375 -7.63 23.10 -9.98
N SER C 376 -7.46 21.85 -9.57
CA SER C 376 -6.53 21.53 -8.49
C SER C 376 -5.10 21.93 -8.85
N LEU C 377 -4.80 21.93 -10.14
CA LEU C 377 -3.47 22.27 -10.63
C LEU C 377 -3.24 23.75 -10.87
N ARG C 378 -4.22 24.58 -10.52
CA ARG C 378 -4.08 26.01 -10.78
C ARG C 378 -4.53 26.91 -9.63
N LEU C 379 -3.87 28.06 -9.54
CA LEU C 379 -4.17 29.06 -8.55
C LEU C 379 -4.53 30.37 -9.27
N ARG C 380 -5.80 30.78 -9.16
CA ARG C 380 -6.29 31.99 -9.82
C ARG C 380 -5.87 33.26 -9.11
N VAL C 381 -5.15 34.13 -9.82
CA VAL C 381 -4.70 35.38 -9.24
C VAL C 381 -5.12 36.54 -10.13
N VAL C 382 -6.13 37.29 -9.69
CA VAL C 382 -6.60 38.44 -10.45
C VAL C 382 -5.62 39.58 -10.25
N LEU C 383 -5.03 40.03 -11.36
CA LEU C 383 -4.04 41.10 -11.31
C LEU C 383 -4.31 42.23 -12.29
N THR C 384 -4.00 43.45 -11.87
CA THR C 384 -4.16 44.62 -12.72
C THR C 384 -3.00 44.62 -13.71
N GLU C 385 -3.10 45.43 -14.74
CA GLU C 385 -2.04 45.52 -15.74
C GLU C 385 -0.70 45.77 -15.05
N GLU C 386 -0.67 46.75 -14.16
CA GLU C 386 0.55 47.09 -13.45
C GLU C 386 1.02 45.98 -12.53
N GLU C 387 0.08 45.26 -11.93
CA GLU C 387 0.44 44.15 -11.04
C GLU C 387 0.96 42.99 -11.87
N ARG C 388 0.31 42.75 -13.01
CA ARG C 388 0.74 41.68 -13.91
C ARG C 388 2.19 41.89 -14.29
N ARG C 389 2.54 43.14 -14.55
CA ARG C 389 3.89 43.53 -14.94
C ARG C 389 4.92 43.34 -13.84
N ALA C 390 4.44 43.35 -12.59
CA ALA C 390 5.30 43.19 -11.42
C ALA C 390 5.62 41.72 -11.10
N VAL C 391 4.91 40.81 -11.74
CA VAL C 391 5.12 39.39 -11.53
C VAL C 391 6.43 38.96 -12.20
N ASN C 392 7.14 38.01 -11.60
CA ASN C 392 8.39 37.55 -12.19
C ASN C 392 8.09 37.12 -13.62
N PRO C 393 8.61 37.86 -14.62
CA PRO C 393 8.38 37.55 -16.03
C PRO C 393 8.78 36.13 -16.44
N ALA C 394 9.79 35.59 -15.76
CA ALA C 394 10.31 34.26 -16.06
C ALA C 394 9.33 33.11 -15.91
N VAL C 395 8.23 33.33 -15.20
CA VAL C 395 7.27 32.26 -14.97
C VAL C 395 6.00 32.36 -15.82
N MET C 396 5.92 33.37 -16.67
CA MET C 396 4.76 33.52 -17.52
C MET C 396 4.85 32.52 -18.66
N MET C 397 3.75 31.83 -18.95
CA MET C 397 3.73 30.82 -20.00
C MET C 397 3.75 31.41 -21.41
N ASN C 398 4.55 30.80 -22.28
CA ASN C 398 4.67 31.21 -23.67
C ASN C 398 5.50 30.15 -24.38
N ASP C 399 5.73 30.33 -25.67
CA ASP C 399 6.50 29.35 -26.44
C ASP C 399 7.86 29.02 -25.84
N THR C 400 8.65 30.06 -25.53
CA THR C 400 9.98 29.86 -24.97
C THR C 400 9.97 29.01 -23.71
N LEU C 401 9.16 29.40 -22.73
CA LEU C 401 9.09 28.65 -21.47
C LEU C 401 8.55 27.25 -21.68
N PHE C 402 7.56 27.13 -22.55
CA PHE C 402 6.97 25.83 -22.85
C PHE C 402 8.02 24.86 -23.38
N ASN C 403 8.74 25.28 -24.41
CA ASN C 403 9.78 24.44 -25.00
C ASN C 403 10.87 24.14 -23.98
N ALA C 404 11.23 25.16 -23.20
CA ALA C 404 12.26 25.03 -22.19
C ALA C 404 11.87 24.02 -21.12
N LEU C 405 10.64 24.16 -20.62
CA LEU C 405 10.11 23.27 -19.59
C LEU C 405 10.02 21.84 -20.07
N ASN C 406 9.64 21.66 -21.33
CA ASN C 406 9.52 20.31 -21.87
C ASN C 406 10.89 19.66 -22.03
N ASP C 407 11.89 20.45 -22.38
CA ASP C 407 13.24 19.92 -22.53
C ASP C 407 13.78 19.58 -21.16
N TRP C 408 13.50 20.44 -20.21
CA TRP C 408 13.93 20.24 -18.82
C TRP C 408 13.36 18.89 -18.35
N VAL C 409 12.07 18.68 -18.59
CA VAL C 409 11.42 17.44 -18.19
C VAL C 409 12.06 16.22 -18.85
N ASP C 410 12.31 16.30 -20.15
CA ASP C 410 12.91 15.18 -20.84
C ASP C 410 14.32 14.87 -20.33
N ARG C 411 15.00 15.91 -19.83
CA ARG C 411 16.35 15.76 -19.30
C ARG C 411 16.40 15.11 -17.92
N TYR C 412 15.42 15.39 -17.07
CA TYR C 412 15.46 14.84 -15.72
C TYR C 412 14.37 13.89 -15.24
N TYR C 413 13.19 13.92 -15.85
CA TYR C 413 12.10 13.05 -15.41
C TYR C 413 12.13 11.62 -15.92
N ARG C 414 11.74 10.69 -15.07
CA ARG C 414 11.68 9.28 -15.41
C ARG C 414 10.29 8.93 -15.96
N ASP C 415 10.24 7.87 -16.76
CA ASP C 415 8.99 7.43 -17.37
C ASP C 415 8.21 6.52 -16.43
N ARG C 416 8.90 5.99 -15.42
CA ARG C 416 8.28 5.11 -14.45
C ARG C 416 8.86 5.37 -13.05
N LEU C 417 8.06 5.17 -12.02
CA LEU C 417 8.51 5.38 -10.65
C LEU C 417 7.59 4.68 -9.67
N THR C 418 8.18 4.15 -8.61
CA THR C 418 7.42 3.46 -7.57
C THR C 418 8.01 3.86 -6.23
N ALA C 419 7.21 3.72 -5.18
CA ALA C 419 7.68 4.07 -3.84
C ALA C 419 9.04 3.44 -3.57
N ALA C 420 9.25 2.23 -4.10
CA ALA C 420 10.51 1.52 -3.91
C ALA C 420 11.69 2.30 -4.46
N ASP C 421 11.45 3.03 -5.54
CA ASP C 421 12.51 3.81 -6.17
C ASP C 421 12.90 5.06 -5.38
N LEU C 422 12.02 5.52 -4.50
CA LEU C 422 12.27 6.73 -3.72
C LEU C 422 13.54 6.68 -2.87
N ALA C 423 14.11 5.49 -2.70
CA ALA C 423 15.33 5.34 -1.90
C ALA C 423 16.59 5.48 -2.76
N ASP C 424 16.41 5.40 -4.07
CA ASP C 424 17.49 5.49 -5.03
C ASP C 424 18.31 6.77 -4.87
N PRO C 425 19.56 6.66 -4.38
CA PRO C 425 20.37 7.88 -4.22
C PRO C 425 20.46 8.66 -5.54
N GLN C 426 20.34 7.96 -6.65
CA GLN C 426 20.43 8.62 -7.95
C GLN C 426 19.24 9.53 -8.17
N LEU C 427 18.05 9.10 -7.76
CA LEU C 427 16.86 9.93 -7.91
C LEU C 427 17.10 11.24 -7.16
N LEU C 428 17.68 11.14 -5.97
CA LEU C 428 17.97 12.32 -5.16
C LEU C 428 18.83 13.33 -5.92
N ARG C 429 19.89 12.85 -6.55
CA ARG C 429 20.80 13.70 -7.32
C ARG C 429 20.09 14.39 -8.46
N GLU C 430 19.44 13.58 -9.29
CA GLU C 430 18.70 14.08 -10.45
C GLU C 430 17.78 15.22 -10.05
N GLY C 431 17.08 15.04 -8.93
CA GLY C 431 16.16 16.05 -8.45
C GLY C 431 16.84 17.34 -8.05
N ARG C 432 17.92 17.23 -7.29
CA ARG C 432 18.65 18.40 -6.83
C ARG C 432 19.14 19.20 -8.03
N GLU C 433 19.77 18.52 -8.99
CA GLU C 433 20.27 19.20 -10.16
C GLU C 433 19.15 19.80 -10.97
N ALA C 434 18.06 19.04 -11.14
CA ALA C 434 16.92 19.53 -11.90
C ALA C 434 16.41 20.85 -11.31
N LEU C 435 16.24 20.89 -9.98
CA LEU C 435 15.77 22.09 -9.32
C LEU C 435 16.74 23.25 -9.44
N ASP C 436 18.03 22.96 -9.33
CA ASP C 436 19.01 24.04 -9.44
C ASP C 436 18.93 24.69 -10.82
N VAL C 437 18.80 23.88 -11.86
CA VAL C 437 18.69 24.38 -13.21
C VAL C 437 17.39 25.16 -13.35
N LEU C 438 16.31 24.63 -12.79
CA LEU C 438 15.00 25.26 -12.87
C LEU C 438 14.99 26.63 -12.19
N SER C 439 15.65 26.72 -11.04
CA SER C 439 15.70 27.98 -10.31
C SER C 439 16.31 29.06 -11.18
N GLN C 440 17.30 28.69 -12.00
CA GLN C 440 17.95 29.64 -12.88
C GLN C 440 17.01 29.98 -14.03
N LEU C 441 16.39 28.96 -14.60
CA LEU C 441 15.45 29.13 -15.71
C LEU C 441 14.34 30.11 -15.30
N LEU C 442 13.76 29.90 -14.12
CA LEU C 442 12.69 30.74 -13.63
C LEU C 442 13.18 31.95 -12.85
N ASN C 443 14.49 32.17 -12.85
CA ASN C 443 15.07 33.32 -12.14
C ASN C 443 14.49 33.45 -10.73
N LEU C 444 14.64 32.40 -9.94
CA LEU C 444 14.13 32.39 -8.58
C LEU C 444 15.24 32.48 -7.55
N GLY C 445 16.49 32.29 -7.98
CA GLY C 445 17.59 32.35 -7.04
C GLY C 445 17.61 31.10 -6.17
N SER C 446 18.35 31.14 -5.07
CA SER C 446 18.41 30.00 -4.17
C SER C 446 17.15 29.97 -3.30
N VAL C 447 16.06 29.51 -3.89
CA VAL C 447 14.78 29.45 -3.19
C VAL C 447 14.52 28.13 -2.45
N TYR C 448 15.23 27.08 -2.82
CA TYR C 448 15.03 25.78 -2.16
C TYR C 448 16.02 25.59 -1.01
N PRO C 449 15.56 24.92 0.07
CA PRO C 449 16.40 24.67 1.25
C PRO C 449 17.78 24.09 0.93
N PHE C 450 17.83 23.12 0.02
CA PHE C 450 19.10 22.48 -0.33
C PHE C 450 20.09 23.43 -1.01
N GLN C 451 19.61 24.59 -1.43
CA GLN C 451 20.48 25.56 -2.09
C GLN C 451 21.08 26.53 -1.09
N ARG C 452 20.58 26.48 0.14
CA ARG C 452 21.06 27.38 1.19
C ARG C 452 22.07 26.71 2.11
N ASN D 13 -1.85 -40.09 20.93
CA ASN D 13 -0.44 -39.87 21.37
C ASN D 13 0.48 -39.97 20.16
N ALA D 14 0.62 -38.86 19.45
CA ALA D 14 1.45 -38.80 18.25
C ALA D 14 2.71 -37.98 18.45
N TRP D 15 3.65 -38.14 17.51
CA TRP D 15 4.91 -37.42 17.53
C TRP D 15 5.01 -36.57 16.27
N GLU D 16 5.76 -35.47 16.35
CA GLU D 16 5.96 -34.65 15.16
C GLU D 16 7.18 -35.22 14.46
N VAL D 17 7.04 -35.62 13.21
CA VAL D 17 8.19 -36.17 12.49
C VAL D 17 8.67 -35.17 11.44
N ASN D 18 9.96 -34.85 11.48
CA ASN D 18 10.50 -33.91 10.50
C ASN D 18 11.00 -34.64 9.25
N PHE D 19 10.49 -34.20 8.10
CA PHE D 19 10.91 -34.77 6.82
C PHE D 19 11.71 -33.69 6.09
N ASP D 20 13.01 -33.92 5.93
CA ASP D 20 13.89 -32.96 5.26
C ASP D 20 14.13 -33.26 3.79
N GLY D 21 14.41 -32.23 3.02
CA GLY D 21 14.67 -32.43 1.61
C GLY D 21 16.15 -32.72 1.36
N LEU D 22 16.42 -33.78 0.61
CA LEU D 22 17.79 -34.14 0.27
C LEU D 22 18.16 -33.29 -0.94
N VAL D 23 19.07 -32.34 -0.73
CA VAL D 23 19.49 -31.44 -1.82
C VAL D 23 19.90 -32.16 -3.10
N GLY D 24 19.34 -31.70 -4.22
CA GLY D 24 19.63 -32.30 -5.52
C GLY D 24 20.99 -31.94 -6.09
N LEU D 25 21.42 -32.74 -7.06
CA LEU D 25 22.72 -32.57 -7.71
C LEU D 25 22.89 -31.34 -8.59
N THR D 26 21.79 -30.65 -8.91
CA THR D 26 21.85 -29.48 -9.76
C THR D 26 21.79 -28.15 -8.98
N HIS D 27 21.90 -28.25 -7.66
CA HIS D 27 21.88 -27.08 -6.77
C HIS D 27 22.79 -25.97 -7.30
N HIS D 28 22.21 -24.80 -7.58
CA HIS D 28 22.99 -23.68 -8.07
C HIS D 28 22.28 -22.35 -7.77
N TYR D 29 22.98 -21.25 -8.00
CA TYR D 29 22.42 -19.93 -7.74
C TYR D 29 22.08 -19.21 -9.03
N ALA D 30 20.79 -18.96 -9.23
CA ALA D 30 20.34 -18.31 -10.46
C ALA D 30 19.51 -17.05 -10.24
N GLY D 31 19.32 -16.65 -9.00
CA GLY D 31 18.54 -15.46 -8.71
C GLY D 31 17.17 -15.47 -9.34
N LEU D 32 16.49 -16.60 -9.23
CA LEU D 32 15.16 -16.78 -9.83
C LEU D 32 13.97 -16.31 -8.98
N SER D 33 14.23 -15.99 -7.70
CA SER D 33 13.14 -15.60 -6.82
C SER D 33 13.11 -14.16 -6.35
N PHE D 34 12.50 -13.29 -7.14
CA PHE D 34 12.37 -11.89 -6.76
C PHE D 34 11.53 -11.88 -5.50
N GLY D 35 11.99 -11.16 -4.48
CA GLY D 35 11.27 -11.11 -3.22
C GLY D 35 12.04 -11.91 -2.20
N ASN D 36 12.90 -12.80 -2.70
CA ASN D 36 13.77 -13.61 -1.86
C ASN D 36 15.12 -12.95 -2.04
N GLU D 37 15.45 -12.06 -1.12
CA GLU D 37 16.70 -11.30 -1.20
C GLU D 37 17.98 -12.13 -1.23
N ALA D 38 18.00 -13.27 -0.53
CA ALA D 38 19.19 -14.12 -0.53
C ALA D 38 19.43 -14.62 -1.95
N SER D 39 18.36 -15.10 -2.57
CA SER D 39 18.42 -15.63 -3.94
C SER D 39 18.96 -14.56 -4.88
N THR D 40 18.43 -13.35 -4.75
CA THR D 40 18.83 -12.23 -5.58
C THR D 40 20.29 -11.79 -5.38
N ARG D 41 20.71 -11.73 -4.12
CA ARG D 41 22.07 -11.32 -3.78
C ARG D 41 23.16 -12.31 -4.18
N HIS D 42 22.82 -13.60 -4.24
CA HIS D 42 23.81 -14.60 -4.61
C HIS D 42 23.68 -15.03 -6.05
N ARG D 43 22.97 -14.22 -6.82
CA ARG D 43 22.72 -14.46 -8.24
C ARG D 43 23.58 -15.52 -8.91
N PHE D 44 24.79 -15.22 -9.34
CA PHE D 44 25.56 -16.25 -10.03
C PHE D 44 26.78 -16.87 -9.35
N GLN D 45 26.85 -16.82 -8.03
CA GLN D 45 27.98 -17.40 -7.34
C GLN D 45 28.07 -18.90 -7.65
N VAL D 46 29.26 -19.47 -7.49
CA VAL D 46 29.45 -20.90 -7.74
C VAL D 46 28.83 -21.65 -6.57
N SER D 47 28.23 -22.79 -6.84
CA SER D 47 27.60 -23.59 -5.80
C SER D 47 28.35 -24.89 -5.57
N ASN D 48 28.09 -25.52 -4.44
CA ASN D 48 28.71 -26.80 -4.10
C ASN D 48 27.59 -27.77 -3.74
N PRO D 49 27.06 -28.47 -4.76
CA PRO D 49 25.97 -29.44 -4.57
C PRO D 49 26.29 -30.49 -3.52
N ARG D 50 27.45 -31.13 -3.66
CA ARG D 50 27.85 -32.15 -2.72
C ARG D 50 27.83 -31.60 -1.29
N LEU D 51 28.43 -30.43 -1.08
CA LEU D 51 28.46 -29.83 0.24
C LEU D 51 27.05 -29.51 0.72
N ALA D 52 26.25 -28.95 -0.17
CA ALA D 52 24.87 -28.60 0.15
C ALA D 52 24.16 -29.83 0.73
N ALA D 53 24.18 -30.93 0.00
CA ALA D 53 23.55 -32.17 0.44
C ALA D 53 24.11 -32.61 1.80
N LYS D 54 25.43 -32.57 1.93
CA LYS D 54 26.09 -32.98 3.16
C LYS D 54 25.66 -32.16 4.37
N GLN D 55 25.60 -30.84 4.21
CA GLN D 55 25.17 -29.95 5.29
C GLN D 55 23.80 -30.36 5.78
N GLY D 56 22.86 -30.52 4.85
CA GLY D 56 21.51 -30.91 5.20
C GLY D 56 21.42 -32.26 5.90
N LEU D 57 22.18 -33.24 5.44
CA LEU D 57 22.17 -34.57 6.04
C LEU D 57 22.71 -34.53 7.46
N LEU D 58 23.67 -33.64 7.70
CA LEU D 58 24.24 -33.51 9.04
C LEU D 58 23.18 -33.01 10.01
N LYS D 59 22.41 -32.01 9.57
CA LYS D 59 21.36 -31.45 10.41
C LYS D 59 20.34 -32.54 10.70
N MET D 60 19.98 -33.28 9.66
CA MET D 60 19.01 -34.38 9.78
C MET D 60 19.50 -35.39 10.80
N LYS D 61 20.72 -35.88 10.58
CA LYS D 61 21.31 -36.88 11.44
C LYS D 61 21.44 -36.40 12.89
N ALA D 62 21.86 -35.15 13.07
CA ALA D 62 22.04 -34.61 14.40
C ALA D 62 20.73 -34.61 15.19
N LEU D 63 19.66 -34.08 14.58
CA LEU D 63 18.35 -34.02 15.23
C LEU D 63 17.83 -35.43 15.48
N ALA D 64 18.12 -36.32 14.53
CA ALA D 64 17.70 -37.70 14.65
C ALA D 64 18.37 -38.31 15.89
N ASP D 65 19.70 -38.23 15.94
CA ASP D 65 20.45 -38.77 17.07
C ASP D 65 20.01 -38.13 18.38
N ALA D 66 19.54 -36.88 18.32
CA ALA D 66 19.08 -36.17 19.51
C ALA D 66 17.70 -36.69 19.95
N GLY D 67 17.14 -37.61 19.20
CA GLY D 67 15.84 -38.16 19.57
C GLY D 67 14.63 -37.54 18.90
N PHE D 68 14.83 -36.75 17.85
CA PHE D 68 13.70 -36.15 17.14
C PHE D 68 13.43 -36.88 15.83
N PRO D 69 12.30 -37.61 15.76
CA PRO D 69 11.91 -38.36 14.56
C PRO D 69 12.29 -37.60 13.29
N GLN D 70 13.08 -38.25 12.43
CA GLN D 70 13.58 -37.64 11.20
C GLN D 70 13.45 -38.54 9.98
N ALA D 71 13.08 -37.95 8.85
CA ALA D 71 12.93 -38.69 7.59
C ALA D 71 13.46 -37.87 6.42
N VAL D 72 13.50 -38.46 5.24
CA VAL D 72 14.00 -37.75 4.08
C VAL D 72 13.04 -37.80 2.89
N ILE D 73 13.10 -36.76 2.08
CA ILE D 73 12.32 -36.63 0.85
C ILE D 73 13.40 -36.38 -0.21
N PRO D 74 13.47 -37.24 -1.24
CA PRO D 74 14.46 -37.13 -2.31
C PRO D 74 14.30 -35.94 -3.25
N PRO D 75 15.39 -35.59 -3.96
CA PRO D 75 15.37 -34.47 -4.90
C PRO D 75 14.62 -34.86 -6.17
N HIS D 76 14.45 -33.92 -7.08
CA HIS D 76 13.73 -34.16 -8.32
C HIS D 76 14.61 -34.33 -9.54
N GLU D 77 13.97 -34.70 -10.65
CA GLU D 77 14.65 -34.91 -11.93
C GLU D 77 15.10 -33.56 -12.50
N ARG D 78 16.41 -33.34 -12.52
CA ARG D 78 16.99 -32.09 -13.00
C ARG D 78 18.26 -32.32 -13.81
N PRO D 79 18.39 -31.72 -15.00
CA PRO D 79 17.46 -30.84 -15.71
C PRO D 79 16.16 -31.56 -16.07
N PHE D 80 15.05 -30.84 -16.07
CA PHE D 80 13.76 -31.43 -16.41
C PHE D 80 13.45 -31.14 -17.87
N ILE D 81 13.89 -32.05 -18.74
CA ILE D 81 13.73 -31.92 -20.18
C ILE D 81 12.28 -31.85 -20.67
N PRO D 82 11.36 -32.60 -20.04
CA PRO D 82 9.97 -32.55 -20.49
C PRO D 82 9.41 -31.13 -20.63
N VAL D 83 9.70 -30.27 -19.66
CA VAL D 83 9.24 -28.89 -19.68
C VAL D 83 9.88 -28.09 -20.79
N LEU D 84 11.14 -28.39 -21.11
CA LEU D 84 11.82 -27.68 -22.16
C LEU D 84 11.15 -28.03 -23.48
N ARG D 85 10.72 -29.28 -23.62
CA ARG D 85 10.04 -29.70 -24.83
C ARG D 85 8.69 -29.01 -24.90
N GLN D 86 8.04 -28.88 -23.74
CA GLN D 86 6.75 -28.22 -23.66
C GLN D 86 6.91 -26.76 -24.07
N LEU D 87 8.14 -26.27 -23.99
CA LEU D 87 8.46 -24.89 -24.36
C LEU D 87 8.88 -24.78 -25.82
N GLY D 88 8.72 -25.87 -26.58
CA GLY D 88 9.06 -25.82 -27.99
C GLY D 88 10.40 -26.33 -28.47
N PHE D 89 11.26 -26.78 -27.56
CA PHE D 89 12.56 -27.31 -27.97
C PHE D 89 12.47 -28.82 -28.15
N SER D 90 12.76 -29.30 -29.35
CA SER D 90 12.66 -30.72 -29.65
C SER D 90 13.98 -31.44 -29.90
N GLY D 91 13.88 -32.76 -30.05
CA GLY D 91 15.04 -33.60 -30.29
C GLY D 91 15.28 -34.51 -29.11
N SER D 92 16.41 -35.20 -29.11
CA SER D 92 16.76 -36.08 -28.01
C SER D 92 17.06 -35.21 -26.80
N ASP D 93 17.11 -35.82 -25.63
CA ASP D 93 17.40 -35.06 -24.41
C ASP D 93 18.61 -34.16 -24.60
N GLU D 94 19.71 -34.74 -25.05
CA GLU D 94 20.92 -33.97 -25.22
C GLU D 94 20.79 -32.88 -26.27
N GLN D 95 19.96 -33.11 -27.28
CA GLN D 95 19.75 -32.11 -28.32
C GLN D 95 18.99 -30.91 -27.77
N VAL D 96 17.99 -31.20 -26.93
CA VAL D 96 17.18 -30.14 -26.33
C VAL D 96 18.07 -29.36 -25.40
N LEU D 97 18.88 -30.08 -24.64
CA LEU D 97 19.81 -29.49 -23.69
C LEU D 97 20.70 -28.52 -24.46
N GLU D 98 21.21 -28.97 -25.60
CA GLU D 98 22.08 -28.13 -26.43
C GLU D 98 21.35 -26.90 -26.97
N LYS D 99 20.24 -27.13 -27.66
CA LYS D 99 19.46 -26.02 -28.23
C LYS D 99 19.13 -24.96 -27.19
N VAL D 100 18.58 -25.38 -26.06
CA VAL D 100 18.20 -24.45 -25.01
C VAL D 100 19.39 -23.66 -24.50
N ALA D 101 20.50 -24.37 -24.27
CA ALA D 101 21.72 -23.75 -23.78
C ALA D 101 22.15 -22.59 -24.67
N ARG D 102 22.07 -22.81 -25.99
CA ARG D 102 22.48 -21.82 -26.97
C ARG D 102 21.41 -20.80 -27.33
N GLN D 103 20.14 -21.19 -27.24
CA GLN D 103 19.05 -20.30 -27.62
C GLN D 103 18.37 -19.58 -26.47
N ALA D 104 18.23 -20.26 -25.34
CA ALA D 104 17.56 -19.65 -24.19
C ALA D 104 18.07 -20.26 -22.90
N PRO D 105 19.38 -20.11 -22.63
CA PRO D 105 20.00 -20.65 -21.42
C PRO D 105 19.35 -20.30 -20.09
N HIS D 106 18.50 -19.27 -20.07
CA HIS D 106 17.84 -18.89 -18.83
C HIS D 106 16.79 -19.93 -18.44
N TRP D 107 16.22 -20.60 -19.46
CA TRP D 107 15.22 -21.64 -19.24
C TRP D 107 15.91 -22.83 -18.61
N LEU D 108 17.15 -23.07 -19.03
CA LEU D 108 17.93 -24.19 -18.53
C LEU D 108 17.98 -24.13 -17.01
N SER D 109 18.21 -22.95 -16.46
CA SER D 109 18.27 -22.79 -15.02
C SER D 109 16.90 -23.02 -14.39
N SER D 110 15.85 -22.55 -15.05
CA SER D 110 14.48 -22.69 -14.56
C SER D 110 14.01 -24.13 -14.43
N VAL D 111 14.63 -25.01 -15.21
CA VAL D 111 14.27 -26.42 -15.18
C VAL D 111 15.35 -27.26 -14.55
N SER D 112 16.36 -26.60 -13.97
CA SER D 112 17.48 -27.31 -13.35
C SER D 112 17.71 -26.91 -11.90
N SER D 113 16.73 -26.27 -11.28
CA SER D 113 16.87 -25.82 -9.90
C SER D 113 16.63 -26.95 -8.89
N ALA D 114 17.39 -26.94 -7.81
CA ALA D 114 17.26 -27.94 -6.76
C ALA D 114 16.27 -27.43 -5.71
N SER D 115 15.46 -26.46 -6.10
CA SER D 115 14.47 -25.85 -5.21
C SER D 115 13.57 -26.80 -4.42
N PRO D 116 13.18 -27.95 -5.00
CA PRO D 116 12.32 -28.82 -4.21
C PRO D 116 12.92 -29.24 -2.88
N MET D 117 14.21 -28.96 -2.68
CA MET D 117 14.87 -29.29 -1.43
C MET D 117 14.18 -28.62 -0.25
N TRP D 118 13.53 -27.48 -0.52
CA TRP D 118 12.83 -26.76 0.54
C TRP D 118 11.43 -27.30 0.69
N VAL D 119 11.34 -28.51 1.24
CA VAL D 119 10.07 -29.18 1.45
C VAL D 119 9.06 -28.48 2.36
N ALA D 120 9.46 -27.40 3.01
CA ALA D 120 8.51 -26.69 3.85
C ALA D 120 7.43 -26.15 2.93
N ASN D 121 7.74 -26.07 1.64
CA ASN D 121 6.80 -25.57 0.63
C ASN D 121 6.24 -26.73 -0.18
N ALA D 122 6.55 -27.95 0.21
CA ALA D 122 6.07 -29.12 -0.52
C ALA D 122 4.57 -29.32 -0.43
N ALA D 123 4.02 -29.18 0.77
CA ALA D 123 2.59 -29.36 0.98
C ALA D 123 2.15 -28.78 2.31
N THR D 124 0.85 -28.91 2.57
CA THR D 124 0.26 -28.44 3.81
C THR D 124 -0.26 -29.70 4.49
N ILE D 125 0.08 -29.87 5.75
CA ILE D 125 -0.27 -31.05 6.51
C ILE D 125 -1.41 -30.90 7.52
N ALA D 126 -2.21 -31.94 7.64
CA ALA D 126 -3.32 -31.93 8.59
C ALA D 126 -3.26 -33.25 9.34
N PRO D 127 -2.79 -33.22 10.61
CA PRO D 127 -2.70 -34.44 11.41
C PRO D 127 -4.07 -35.03 11.66
N SER D 128 -4.14 -36.36 11.74
CA SER D 128 -5.40 -37.06 11.93
C SER D 128 -6.26 -36.53 13.08
N ALA D 129 -5.64 -35.87 14.05
CA ALA D 129 -6.39 -35.33 15.17
C ALA D 129 -7.18 -34.08 14.83
N ASP D 130 -6.99 -33.52 13.63
CA ASP D 130 -7.72 -32.31 13.23
C ASP D 130 -8.64 -32.51 12.04
N THR D 131 -8.62 -33.69 11.44
CA THR D 131 -9.44 -33.94 10.26
C THR D 131 -10.80 -34.57 10.51
N LEU D 132 -11.75 -34.29 9.62
CA LEU D 132 -13.11 -34.83 9.75
C LEU D 132 -13.18 -36.34 9.60
N ASP D 133 -12.40 -36.92 8.70
CA ASP D 133 -12.43 -38.36 8.49
C ASP D 133 -11.37 -39.09 9.29
N GLY D 134 -10.64 -38.36 10.13
CA GLY D 134 -9.63 -38.98 10.97
C GLY D 134 -8.38 -39.48 10.27
N LYS D 135 -8.10 -39.00 9.07
CA LYS D 135 -6.90 -39.43 8.36
C LYS D 135 -5.88 -38.30 8.29
N VAL D 136 -4.66 -38.64 7.89
CA VAL D 136 -3.61 -37.65 7.76
C VAL D 136 -3.75 -37.12 6.34
N HIS D 137 -3.98 -35.82 6.19
CA HIS D 137 -4.13 -35.22 4.87
C HIS D 137 -2.93 -34.36 4.48
N LEU D 138 -2.53 -34.47 3.22
CA LEU D 138 -1.44 -33.71 2.69
C LEU D 138 -1.87 -33.13 1.35
N THR D 139 -1.88 -31.81 1.23
CA THR D 139 -2.25 -31.17 -0.02
C THR D 139 -0.98 -30.54 -0.62
N VAL D 140 -0.61 -30.99 -1.82
CA VAL D 140 0.58 -30.46 -2.48
C VAL D 140 0.39 -28.99 -2.82
N ALA D 141 1.44 -28.22 -2.65
CA ALA D 141 1.42 -26.78 -2.93
C ALA D 141 1.72 -26.54 -4.40
N ASN D 142 0.96 -25.66 -5.05
CA ASN D 142 1.19 -25.39 -6.46
C ASN D 142 2.45 -24.57 -6.72
N LEU D 143 2.85 -23.76 -5.74
CA LEU D 143 4.05 -22.93 -5.87
C LEU D 143 4.03 -22.19 -7.20
N ASN D 144 2.86 -21.70 -7.56
CA ASN D 144 2.64 -21.00 -8.81
C ASN D 144 3.34 -19.67 -9.02
N ASN D 145 3.70 -18.97 -7.94
CA ASN D 145 4.34 -17.68 -8.10
C ASN D 145 5.65 -17.75 -8.86
N LYS D 146 6.49 -18.72 -8.54
CA LYS D 146 7.77 -18.89 -9.21
C LYS D 146 7.71 -20.06 -10.18
N PHE D 147 7.96 -19.77 -11.45
CA PHE D 147 7.94 -20.79 -12.48
C PHE D 147 8.81 -22.01 -12.15
N HIS D 148 10.06 -21.78 -11.79
CA HIS D 148 10.96 -22.89 -11.50
C HIS D 148 10.42 -23.78 -10.39
N ARG D 149 9.72 -23.17 -9.43
CA ARG D 149 9.13 -23.90 -8.31
C ARG D 149 7.81 -24.57 -8.69
N SER D 150 7.04 -23.93 -9.55
CA SER D 150 5.74 -24.48 -9.98
C SER D 150 5.84 -25.84 -10.66
N LEU D 151 7.04 -26.21 -11.10
CA LEU D 151 7.27 -27.48 -11.78
C LEU D 151 7.33 -28.66 -10.82
N GLU D 152 7.51 -28.35 -9.53
CA GLU D 152 7.63 -29.37 -8.50
C GLU D 152 6.39 -30.18 -8.18
N ALA D 153 5.26 -29.50 -8.08
CA ALA D 153 3.99 -30.14 -7.73
C ALA D 153 3.75 -31.58 -8.18
N PRO D 154 3.75 -31.84 -9.50
CA PRO D 154 3.53 -33.21 -9.99
C PRO D 154 4.42 -34.29 -9.38
N VAL D 155 5.74 -34.07 -9.40
CA VAL D 155 6.67 -35.03 -8.85
C VAL D 155 6.57 -35.11 -7.34
N THR D 156 6.32 -33.97 -6.71
CA THR D 156 6.17 -33.90 -5.27
C THR D 156 5.00 -34.79 -4.86
N GLU D 157 3.93 -34.75 -5.64
CA GLU D 157 2.77 -35.56 -5.34
C GLU D 157 3.15 -37.04 -5.44
N SER D 158 3.89 -37.40 -6.50
CA SER D 158 4.33 -38.78 -6.68
C SER D 158 5.19 -39.23 -5.53
N LEU D 159 6.07 -38.34 -5.07
CA LEU D 159 6.95 -38.70 -3.96
C LEU D 159 6.20 -38.85 -2.64
N LEU D 160 5.25 -37.96 -2.38
CA LEU D 160 4.47 -38.01 -1.15
C LEU D 160 3.58 -39.25 -1.10
N LYS D 161 3.12 -39.68 -2.27
CA LYS D 161 2.29 -40.87 -2.35
C LYS D 161 3.14 -42.14 -2.23
N ALA D 162 4.43 -42.00 -2.53
CA ALA D 162 5.34 -43.15 -2.44
C ALA D 162 5.86 -43.31 -1.03
N ILE D 163 5.78 -42.24 -0.23
CA ILE D 163 6.23 -42.31 1.16
C ILE D 163 5.04 -42.56 2.07
N PHE D 164 3.97 -41.81 1.87
CA PHE D 164 2.77 -41.97 2.67
C PHE D 164 1.82 -42.81 1.82
N ASN D 165 2.19 -44.06 1.64
CA ASN D 165 1.43 -44.97 0.80
C ASN D 165 0.21 -45.64 1.40
N ASP D 166 0.12 -45.71 2.72
CA ASP D 166 -1.05 -46.34 3.33
C ASP D 166 -2.29 -45.48 3.15
N GLU D 167 -3.02 -45.71 2.06
CA GLU D 167 -4.21 -44.92 1.77
C GLU D 167 -5.29 -44.95 2.85
N GLU D 168 -5.22 -45.89 3.77
CA GLU D 168 -6.21 -45.95 4.84
C GLU D 168 -5.81 -44.99 5.95
N LYS D 169 -4.57 -44.51 5.90
CA LYS D 169 -4.06 -43.60 6.91
C LYS D 169 -3.66 -42.23 6.35
N PHE D 170 -3.34 -42.20 5.07
CA PHE D 170 -2.92 -40.96 4.44
C PHE D 170 -3.73 -40.61 3.21
N SER D 171 -4.04 -39.33 3.06
CA SER D 171 -4.80 -38.82 1.91
C SER D 171 -4.00 -37.68 1.28
N VAL D 172 -3.37 -37.95 0.15
CA VAL D 172 -2.58 -36.94 -0.56
C VAL D 172 -3.43 -36.30 -1.64
N HIS D 173 -3.60 -34.99 -1.55
CA HIS D 173 -4.40 -34.27 -2.53
C HIS D 173 -3.52 -33.55 -3.54
N SER D 174 -4.02 -33.42 -4.76
CA SER D 174 -3.29 -32.74 -5.81
C SER D 174 -3.29 -31.22 -5.56
N ALA D 175 -2.30 -30.54 -6.12
CA ALA D 175 -2.18 -29.08 -5.96
C ALA D 175 -3.36 -28.30 -6.56
N LEU D 176 -3.58 -27.12 -6.00
CA LEU D 176 -4.63 -26.21 -6.44
C LEU D 176 -4.35 -25.83 -7.89
N PRO D 177 -5.35 -25.30 -8.59
CA PRO D 177 -5.10 -24.90 -9.97
C PRO D 177 -3.93 -23.92 -10.04
N GLN D 178 -3.15 -23.96 -11.12
CA GLN D 178 -1.99 -23.10 -11.27
C GLN D 178 -2.30 -21.71 -11.81
N VAL D 179 -2.79 -20.83 -10.93
CA VAL D 179 -3.12 -19.45 -11.29
C VAL D 179 -2.81 -18.54 -10.09
N ALA D 180 -2.39 -17.31 -10.37
CA ALA D 180 -2.04 -16.35 -9.33
C ALA D 180 -3.13 -16.24 -8.26
N LEU D 181 -4.38 -16.34 -8.68
CA LEU D 181 -5.51 -16.25 -7.78
C LEU D 181 -5.44 -17.27 -6.65
N LEU D 182 -4.80 -18.40 -6.93
CA LEU D 182 -4.69 -19.47 -5.93
C LEU D 182 -3.25 -19.81 -5.57
N GLY D 183 -2.40 -18.78 -5.48
CA GLY D 183 -1.01 -19.02 -5.11
C GLY D 183 -0.91 -19.69 -3.76
N ASP D 184 -0.26 -20.85 -3.72
CA ASP D 184 -0.11 -21.61 -2.48
C ASP D 184 1.36 -22.03 -2.28
N GLU D 185 1.93 -21.72 -1.10
CA GLU D 185 3.32 -22.06 -0.82
C GLU D 185 3.46 -23.10 0.28
N GLY D 186 2.35 -23.77 0.60
CA GLY D 186 2.38 -24.85 1.58
C GLY D 186 2.61 -24.54 3.05
N ALA D 187 3.16 -25.54 3.73
CA ALA D 187 3.45 -25.46 5.16
C ALA D 187 4.25 -24.24 5.61
N ALA D 188 5.06 -23.67 4.72
CA ALA D 188 5.85 -22.50 5.09
C ALA D 188 4.97 -21.34 5.54
N ASN D 189 3.69 -21.40 5.20
CA ASN D 189 2.70 -20.36 5.58
C ASN D 189 1.67 -20.94 6.55
N HIS D 190 1.94 -22.15 7.02
CA HIS D 190 1.08 -22.86 7.94
C HIS D 190 1.65 -22.86 9.35
N ASN D 191 0.79 -23.05 10.35
CA ASN D 191 1.19 -23.08 11.76
C ASN D 191 0.19 -23.93 12.53
N ARG D 192 0.64 -24.54 13.62
CA ARG D 192 -0.24 -25.37 14.45
C ARG D 192 0.06 -25.20 15.93
N LEU D 193 -0.92 -24.67 16.66
CA LEU D 193 -0.78 -24.42 18.08
C LEU D 193 -1.77 -25.26 18.89
N GLY D 194 -1.30 -25.79 20.02
CA GLY D 194 -2.14 -26.61 20.87
C GLY D 194 -1.31 -27.26 21.95
N GLY D 195 -1.90 -28.22 22.63
CA GLY D 195 -1.16 -28.92 23.69
C GLY D 195 -0.22 -29.94 23.09
N HIS D 196 -0.47 -31.21 23.36
CA HIS D 196 0.38 -32.27 22.84
C HIS D 196 0.05 -32.52 21.37
N TYR D 197 1.08 -32.71 20.55
CA TYR D 197 0.90 -32.94 19.12
C TYR D 197 -0.31 -33.79 18.78
N GLY D 198 -0.50 -34.86 19.56
CA GLY D 198 -1.60 -35.77 19.32
C GLY D 198 -3.01 -35.27 19.54
N GLU D 199 -3.16 -34.18 20.30
CA GLU D 199 -4.48 -33.63 20.56
C GLU D 199 -4.91 -32.75 19.39
N PRO D 200 -6.23 -32.49 19.26
CA PRO D 200 -6.69 -31.64 18.17
C PRO D 200 -6.04 -30.28 18.34
N GLY D 201 -5.50 -29.74 17.25
CA GLY D 201 -4.83 -28.46 17.35
C GLY D 201 -5.49 -27.33 16.59
N MET D 202 -4.95 -26.14 16.78
CA MET D 202 -5.46 -24.96 16.13
C MET D 202 -4.50 -24.62 14.99
N GLN D 203 -5.00 -24.69 13.76
CA GLN D 203 -4.21 -24.41 12.57
C GLN D 203 -4.31 -22.95 12.16
N LEU D 204 -3.17 -22.30 12.00
CA LEU D 204 -3.16 -20.90 11.61
C LEU D 204 -2.55 -20.75 10.21
N PHE D 205 -3.40 -20.41 9.24
CA PHE D 205 -2.98 -20.22 7.86
C PHE D 205 -2.64 -18.77 7.61
N VAL D 206 -1.40 -18.50 7.23
CA VAL D 206 -0.98 -17.13 6.96
C VAL D 206 -0.96 -16.92 5.46
N TYR D 207 -1.52 -15.80 5.00
CA TYR D 207 -1.55 -15.50 3.58
C TYR D 207 -1.07 -14.07 3.29
N GLY D 208 -0.65 -13.83 2.06
CA GLY D 208 -0.13 -12.51 1.72
C GLY D 208 -1.13 -11.54 1.13
N ARG D 209 -2.09 -12.06 0.38
CA ARG D 209 -3.08 -11.20 -0.23
C ARG D 209 -4.39 -11.94 -0.48
N GLU D 210 -5.44 -11.18 -0.75
CA GLU D 210 -6.75 -11.74 -1.05
C GLU D 210 -7.51 -10.76 -1.94
N GLU D 211 -8.38 -11.30 -2.79
CA GLU D 211 -9.16 -10.48 -3.70
C GLU D 211 -10.04 -9.50 -2.93
N GLY D 212 -10.14 -8.28 -3.44
CA GLY D 212 -10.96 -7.28 -2.79
C GLY D 212 -10.33 -6.63 -1.59
N ASN D 213 -9.09 -7.02 -1.27
CA ASN D 213 -8.39 -6.43 -0.14
C ASN D 213 -7.25 -5.55 -0.66
N ASP D 214 -7.29 -4.27 -0.31
CA ASP D 214 -6.29 -3.30 -0.76
C ASP D 214 -4.98 -3.47 0.00
N THR D 215 -5.05 -4.18 1.13
CA THR D 215 -3.88 -4.44 1.95
C THR D 215 -3.03 -5.53 1.31
N ARG D 216 -1.88 -5.15 0.79
CA ARG D 216 -0.97 -6.10 0.18
C ARG D 216 0.37 -5.46 -0.16
N PRO D 217 1.44 -6.27 -0.20
CA PRO D 217 2.79 -5.78 -0.51
C PRO D 217 2.78 -4.99 -1.81
N SER D 218 3.69 -4.02 -1.91
CA SER D 218 3.77 -3.20 -3.12
C SER D 218 5.14 -3.27 -3.81
N ARG D 219 6.09 -3.97 -3.19
CA ARG D 219 7.43 -4.10 -3.74
C ARG D 219 7.70 -5.54 -4.14
N TYR D 220 7.56 -6.45 -3.16
CA TYR D 220 7.77 -7.87 -3.39
C TYR D 220 6.41 -8.55 -3.47
N PRO D 221 6.34 -9.69 -4.15
CA PRO D 221 5.08 -10.42 -4.30
C PRO D 221 4.56 -11.13 -3.07
N ALA D 222 3.25 -11.27 -2.98
CA ALA D 222 2.61 -12.01 -1.90
C ALA D 222 2.30 -13.35 -2.58
N ARG D 223 3.15 -14.35 -2.36
CA ARG D 223 2.97 -15.67 -2.99
C ARG D 223 1.71 -16.43 -2.57
N GLN D 224 1.30 -16.24 -1.33
CA GLN D 224 0.14 -16.93 -0.76
C GLN D 224 -1.12 -16.08 -0.78
N THR D 225 -2.22 -16.66 -1.25
CA THR D 225 -3.49 -15.94 -1.29
C THR D 225 -4.45 -16.61 -0.30
N ARG D 226 -5.34 -15.82 0.31
CA ARG D 226 -6.29 -16.40 1.25
C ARG D 226 -7.18 -17.41 0.55
N GLU D 227 -7.51 -17.15 -0.71
CA GLU D 227 -8.34 -18.05 -1.48
C GLU D 227 -7.72 -19.45 -1.47
N ALA D 228 -6.42 -19.51 -1.72
CA ALA D 228 -5.71 -20.79 -1.73
C ALA D 228 -5.77 -21.42 -0.34
N SER D 229 -5.36 -20.67 0.67
CA SER D 229 -5.37 -21.17 2.04
C SER D 229 -6.72 -21.76 2.47
N GLU D 230 -7.80 -21.11 2.07
CA GLU D 230 -9.13 -21.57 2.41
C GLU D 230 -9.44 -22.90 1.71
N ALA D 231 -8.98 -23.02 0.47
CA ALA D 231 -9.18 -24.24 -0.32
C ALA D 231 -8.40 -25.41 0.25
N VAL D 232 -7.17 -25.15 0.69
CA VAL D 232 -6.37 -26.22 1.27
C VAL D 232 -7.04 -26.69 2.56
N ALA D 233 -7.53 -25.74 3.36
CA ALA D 233 -8.19 -26.06 4.61
C ALA D 233 -9.35 -27.02 4.33
N ARG D 234 -10.04 -26.79 3.20
CA ARG D 234 -11.15 -27.66 2.83
C ARG D 234 -10.60 -29.01 2.38
N LEU D 235 -9.67 -28.98 1.44
CA LEU D 235 -9.05 -30.20 0.93
C LEU D 235 -8.57 -31.12 2.04
N ASN D 236 -7.92 -30.53 3.04
CA ASN D 236 -7.39 -31.28 4.17
C ASN D 236 -8.44 -31.66 5.20
N GLN D 237 -9.70 -31.32 4.94
CA GLN D 237 -10.79 -31.64 5.84
C GLN D 237 -10.51 -31.20 7.27
N VAL D 238 -9.99 -29.99 7.42
CA VAL D 238 -9.70 -29.48 8.75
C VAL D 238 -10.98 -29.04 9.43
N ASN D 239 -11.19 -29.48 10.67
CA ASN D 239 -12.39 -29.08 11.41
C ASN D 239 -12.46 -27.55 11.45
N PRO D 240 -13.54 -26.98 10.92
CA PRO D 240 -13.77 -25.53 10.86
C PRO D 240 -13.47 -24.76 12.14
N GLN D 241 -13.69 -25.38 13.30
CA GLN D 241 -13.43 -24.70 14.56
C GLN D 241 -11.95 -24.74 14.95
N GLN D 242 -11.13 -25.39 14.14
CA GLN D 242 -9.70 -25.47 14.43
C GLN D 242 -8.88 -24.74 13.37
N VAL D 243 -9.50 -23.77 12.72
CA VAL D 243 -8.84 -23.02 11.66
C VAL D 243 -8.92 -21.51 11.82
N ILE D 244 -7.80 -20.84 11.58
CA ILE D 244 -7.75 -19.39 11.66
C ILE D 244 -6.90 -18.86 10.52
N PHE D 245 -7.37 -17.81 9.86
CA PHE D 245 -6.63 -17.23 8.76
C PHE D 245 -6.16 -15.83 9.17
N ALA D 246 -4.89 -15.54 8.92
CA ALA D 246 -4.31 -14.25 9.28
C ALA D 246 -3.47 -13.74 8.13
N GLN D 247 -3.47 -12.42 7.94
CA GLN D 247 -2.69 -11.85 6.85
C GLN D 247 -1.31 -11.38 7.29
N GLN D 248 -0.30 -11.72 6.49
CA GLN D 248 1.07 -11.32 6.77
C GLN D 248 1.12 -9.80 6.71
N ASN D 249 2.00 -9.18 7.47
CA ASN D 249 2.13 -7.74 7.43
C ASN D 249 2.77 -7.42 6.07
N PRO D 250 2.02 -6.75 5.18
CA PRO D 250 2.56 -6.40 3.86
C PRO D 250 3.92 -5.70 3.90
N ASP D 251 4.14 -4.90 4.94
CA ASP D 251 5.39 -4.17 5.08
C ASP D 251 6.59 -5.10 5.25
N VAL D 252 6.39 -6.20 5.97
CA VAL D 252 7.47 -7.13 6.22
C VAL D 252 7.76 -7.97 4.96
N ILE D 253 6.74 -8.17 4.13
CA ILE D 253 6.92 -8.94 2.90
C ILE D 253 7.79 -8.08 1.99
N ASP D 254 7.52 -6.78 1.96
CA ASP D 254 8.28 -5.86 1.12
C ASP D 254 9.71 -5.69 1.61
N GLN D 255 10.09 -6.45 2.63
CA GLN D 255 11.46 -6.39 3.17
C GLN D 255 12.17 -7.73 3.02
N GLY D 256 11.51 -8.70 2.40
CA GLY D 256 12.14 -10.00 2.21
C GLY D 256 11.47 -11.21 2.82
N VAL D 257 10.42 -11.00 3.61
CA VAL D 257 9.72 -12.13 4.22
C VAL D 257 8.71 -12.70 3.20
N PHE D 258 9.20 -13.54 2.30
CA PHE D 258 8.36 -14.13 1.26
C PHE D 258 7.52 -15.32 1.72
N HIS D 259 7.84 -15.85 2.90
CA HIS D 259 7.10 -16.95 3.50
C HIS D 259 6.98 -16.59 4.98
N ASN D 260 5.92 -17.06 5.63
CA ASN D 260 5.69 -16.75 7.03
C ASN D 260 6.82 -17.32 7.90
N ASP D 261 7.41 -18.45 7.49
CA ASP D 261 8.48 -19.05 8.29
C ASP D 261 9.80 -18.30 8.21
N VAL D 262 9.73 -17.05 7.76
CA VAL D 262 10.90 -16.18 7.69
C VAL D 262 10.70 -15.10 8.74
N ILE D 263 9.54 -15.13 9.39
CA ILE D 263 9.21 -14.12 10.39
C ILE D 263 8.48 -14.68 11.62
N ALA D 264 8.15 -15.96 11.58
CA ALA D 264 7.46 -16.58 12.70
C ALA D 264 7.44 -18.08 12.60
N VAL D 265 7.37 -18.74 13.75
CA VAL D 265 7.35 -20.21 13.80
C VAL D 265 6.60 -20.64 15.06
N SER D 266 5.83 -21.70 14.94
CA SER D 266 5.07 -22.19 16.07
C SER D 266 5.48 -23.59 16.48
N ASN D 267 5.09 -23.94 17.70
CA ASN D 267 5.34 -25.26 18.24
C ASN D 267 4.66 -25.37 19.58
N ARG D 268 3.77 -26.33 19.69
CA ARG D 268 3.02 -26.55 20.91
C ARG D 268 2.19 -25.30 21.22
N GLN D 269 2.33 -24.77 22.43
CA GLN D 269 1.57 -23.58 22.79
C GLN D 269 2.33 -22.29 22.49
N VAL D 270 3.53 -22.43 21.92
CA VAL D 270 4.35 -21.26 21.62
C VAL D 270 4.32 -20.76 20.18
N LEU D 271 4.23 -19.43 20.03
CA LEU D 271 4.28 -18.80 18.72
C LEU D 271 5.41 -17.77 18.83
N PHE D 272 6.57 -18.13 18.30
CA PHE D 272 7.74 -17.28 18.33
C PHE D 272 7.68 -16.44 17.07
N CYS D 273 7.55 -15.12 17.20
CA CYS D 273 7.44 -14.27 16.03
C CYS D 273 7.88 -12.84 16.24
N HIS D 274 8.22 -12.18 15.16
CA HIS D 274 8.65 -10.79 15.22
C HIS D 274 7.41 -9.96 15.48
N GLN D 275 7.62 -8.78 16.04
CA GLN D 275 6.53 -7.88 16.37
C GLN D 275 5.76 -7.40 15.13
N GLN D 276 6.45 -7.32 14.00
CA GLN D 276 5.80 -6.86 12.78
C GLN D 276 5.47 -7.98 11.81
N ALA D 277 5.23 -9.16 12.35
CA ALA D 277 4.92 -10.33 11.55
C ALA D 277 3.57 -10.25 10.86
N PHE D 278 2.52 -9.93 11.62
CA PHE D 278 1.19 -9.89 11.04
C PHE D 278 0.48 -8.55 11.07
N ALA D 279 -0.53 -8.42 10.23
CA ALA D 279 -1.37 -7.23 10.18
C ALA D 279 -2.35 -7.49 11.31
N ARG D 280 -2.65 -6.47 12.12
CA ARG D 280 -3.59 -6.67 13.23
C ARG D 280 -3.04 -7.75 14.16
N GLN D 281 -1.74 -7.72 14.40
CA GLN D 281 -1.08 -8.72 15.24
C GLN D 281 -1.69 -8.85 16.64
N SER D 282 -2.05 -7.74 17.25
CA SER D 282 -2.66 -7.76 18.58
C SER D 282 -3.97 -8.54 18.63
N GLN D 283 -4.83 -8.34 17.63
CA GLN D 283 -6.09 -9.06 17.63
C GLN D 283 -5.85 -10.56 17.41
N LEU D 284 -4.88 -10.89 16.57
CA LEU D 284 -4.54 -12.29 16.31
C LEU D 284 -4.03 -12.99 17.57
N LEU D 285 -3.09 -12.36 18.26
CA LEU D 285 -2.54 -12.94 19.47
C LEU D 285 -3.60 -13.07 20.56
N ALA D 286 -4.53 -12.10 20.61
CA ALA D 286 -5.60 -12.16 21.60
C ALA D 286 -6.54 -13.32 21.23
N ASN D 287 -6.76 -13.49 19.94
CA ASN D 287 -7.60 -14.55 19.41
C ASN D 287 -7.02 -15.91 19.78
N LEU D 288 -5.71 -16.03 19.57
CA LEU D 288 -5.01 -17.28 19.87
C LEU D 288 -5.02 -17.55 21.37
N ARG D 289 -4.79 -16.51 22.17
CA ARG D 289 -4.79 -16.64 23.62
C ARG D 289 -6.12 -17.16 24.12
N ALA D 290 -7.20 -16.69 23.50
CA ALA D 290 -8.54 -17.10 23.91
C ALA D 290 -8.96 -18.47 23.38
N ARG D 291 -8.43 -18.84 22.21
CA ARG D 291 -8.79 -20.10 21.59
C ARG D 291 -7.79 -21.24 21.79
N VAL D 292 -6.61 -20.91 22.29
CA VAL D 292 -5.56 -21.91 22.52
C VAL D 292 -5.11 -21.86 23.96
N ASN D 293 -5.46 -22.89 24.71
CA ASN D 293 -5.11 -22.97 26.12
C ASN D 293 -3.60 -23.00 26.33
N GLY D 294 -3.11 -22.13 27.21
CA GLY D 294 -1.70 -22.07 27.51
C GLY D 294 -0.88 -21.36 26.45
N PHE D 295 -1.57 -20.78 25.48
CA PHE D 295 -0.90 -20.08 24.40
C PHE D 295 0.12 -19.07 24.92
N MET D 296 1.32 -19.13 24.34
CA MET D 296 2.38 -18.21 24.71
C MET D 296 2.97 -17.55 23.49
N ALA D 297 2.78 -16.24 23.37
CA ALA D 297 3.33 -15.51 22.24
C ALA D 297 4.63 -14.87 22.67
N ILE D 298 5.71 -15.21 21.97
CA ILE D 298 7.02 -14.67 22.24
C ILE D 298 7.32 -13.70 21.10
N GLU D 299 7.10 -12.42 21.35
CA GLU D 299 7.30 -11.37 20.36
C GLU D 299 8.65 -10.68 20.44
N VAL D 300 9.32 -10.55 19.30
CA VAL D 300 10.59 -9.87 19.24
C VAL D 300 10.35 -8.47 18.69
N PRO D 301 10.63 -7.44 19.50
CA PRO D 301 10.43 -6.06 19.05
C PRO D 301 11.50 -5.60 18.05
N ALA D 302 11.13 -4.66 17.18
CA ALA D 302 12.07 -4.13 16.20
C ALA D 302 13.27 -3.56 16.93
N THR D 303 13.03 -3.09 18.15
CA THR D 303 14.09 -2.51 18.98
C THR D 303 15.23 -3.48 19.25
N GLN D 304 14.90 -4.76 19.47
CA GLN D 304 15.92 -5.75 19.75
C GLN D 304 16.51 -6.38 18.48
N VAL D 305 15.66 -6.61 17.49
CA VAL D 305 16.10 -7.19 16.23
C VAL D 305 15.30 -6.58 15.09
N SER D 306 15.98 -5.88 14.19
CA SER D 306 15.32 -5.26 13.06
C SER D 306 14.83 -6.29 12.04
N VAL D 307 13.84 -5.91 11.25
CA VAL D 307 13.30 -6.79 10.22
C VAL D 307 14.44 -7.13 9.27
N SER D 308 15.29 -6.14 9.03
CA SER D 308 16.42 -6.30 8.14
C SER D 308 17.33 -7.42 8.68
N ASP D 309 17.65 -7.35 9.96
CA ASP D 309 18.49 -8.37 10.55
C ASP D 309 17.76 -9.70 10.65
N THR D 310 16.43 -9.65 10.72
CA THR D 310 15.64 -10.87 10.79
C THR D 310 15.77 -11.62 9.46
N VAL D 311 15.72 -10.90 8.35
CA VAL D 311 15.80 -11.52 7.04
C VAL D 311 17.20 -12.04 6.70
N SER D 312 18.23 -11.37 7.20
CA SER D 312 19.59 -11.82 6.92
C SER D 312 20.06 -12.98 7.79
N THR D 313 19.61 -13.03 9.04
CA THR D 313 20.02 -14.11 9.95
C THR D 313 19.08 -15.32 9.93
N TYR D 314 17.81 -15.08 9.64
CA TYR D 314 16.83 -16.16 9.60
C TYR D 314 16.58 -16.77 10.97
N LEU D 315 16.57 -15.91 11.99
CA LEU D 315 16.34 -16.35 13.34
C LEU D 315 14.95 -16.97 13.44
N PHE D 316 14.03 -16.55 12.58
CA PHE D 316 12.68 -17.10 12.61
C PHE D 316 12.45 -18.27 11.67
N ASN D 317 13.43 -18.61 10.83
CA ASN D 317 13.29 -19.76 9.94
C ASN D 317 13.94 -20.93 10.66
N SER D 318 13.87 -20.87 11.98
CA SER D 318 14.44 -21.88 12.85
C SER D 318 13.40 -22.94 13.15
N GLN D 319 13.86 -24.06 13.71
CA GLN D 319 12.96 -25.14 14.08
C GLN D 319 12.80 -25.03 15.58
N LEU D 320 11.56 -25.07 16.05
CA LEU D 320 11.29 -24.99 17.46
C LEU D 320 10.88 -26.40 17.86
N LEU D 321 11.79 -27.12 18.51
CA LEU D 321 11.53 -28.49 18.90
C LEU D 321 11.21 -28.69 20.36
N SER D 322 10.41 -29.71 20.65
CA SER D 322 10.04 -30.00 22.03
C SER D 322 10.90 -31.10 22.59
N ARG D 323 11.50 -30.83 23.75
CA ARG D 323 12.34 -31.81 24.41
C ARG D 323 11.44 -32.66 25.29
N ASP D 324 11.88 -33.87 25.62
CA ASP D 324 11.07 -34.79 26.43
C ASP D 324 10.45 -34.17 27.68
N ASP D 325 11.12 -33.19 28.29
CA ASP D 325 10.60 -32.54 29.49
C ASP D 325 9.71 -31.32 29.22
N GLY D 326 9.30 -31.15 27.97
CA GLY D 326 8.45 -30.03 27.63
C GLY D 326 9.17 -28.74 27.25
N SER D 327 10.44 -28.61 27.64
CA SER D 327 11.19 -27.41 27.28
C SER D 327 11.44 -27.48 25.78
N MET D 328 11.93 -26.39 25.21
CA MET D 328 12.14 -26.35 23.76
C MET D 328 13.54 -25.95 23.31
N MET D 329 13.89 -26.40 22.11
CA MET D 329 15.20 -26.11 21.55
C MET D 329 15.03 -25.32 20.24
N LEU D 330 15.91 -24.35 20.02
CA LEU D 330 15.86 -23.54 18.82
C LEU D 330 16.98 -23.94 17.88
N VAL D 331 16.63 -24.53 16.74
CA VAL D 331 17.63 -24.93 15.76
C VAL D 331 17.81 -23.73 14.82
N LEU D 332 19.00 -23.15 14.86
CA LEU D 332 19.30 -21.96 14.06
C LEU D 332 20.43 -22.15 13.06
N PRO D 333 20.45 -21.32 12.00
CA PRO D 333 21.48 -21.37 10.98
C PRO D 333 22.69 -20.58 11.49
N GLN D 334 23.89 -20.96 11.06
CA GLN D 334 25.13 -20.29 11.49
C GLN D 334 25.09 -18.77 11.56
N GLU D 335 24.48 -18.13 10.56
CA GLU D 335 24.43 -16.68 10.53
C GLU D 335 23.78 -16.02 11.74
N CYS D 336 23.07 -16.81 12.54
CA CYS D 336 22.44 -16.28 13.74
C CYS D 336 23.47 -16.10 14.83
N ARG D 337 24.53 -16.88 14.75
CA ARG D 337 25.61 -16.81 15.73
C ARG D 337 26.65 -15.81 15.29
N GLU D 338 26.74 -15.59 13.98
CA GLU D 338 27.70 -14.67 13.41
C GLU D 338 27.21 -13.23 13.43
N HIS D 339 25.97 -13.03 13.90
CA HIS D 339 25.40 -11.70 14.00
C HIS D 339 25.31 -11.35 15.48
N ALA D 340 26.16 -10.43 15.93
CA ALA D 340 26.21 -10.00 17.33
C ALA D 340 24.85 -9.67 17.92
N GLY D 341 24.08 -8.84 17.22
CA GLY D 341 22.76 -8.46 17.70
C GLY D 341 21.83 -9.64 17.90
N VAL D 342 21.61 -10.40 16.84
CA VAL D 342 20.72 -11.55 16.89
C VAL D 342 21.21 -12.59 17.89
N TRP D 343 22.50 -12.88 17.85
CA TRP D 343 23.06 -13.86 18.78
C TRP D 343 22.82 -13.40 20.21
N GLY D 344 23.04 -12.10 20.43
CA GLY D 344 22.83 -11.54 21.75
C GLY D 344 21.38 -11.69 22.17
N TYR D 345 20.46 -11.47 21.23
CA TYR D 345 19.06 -11.60 21.56
C TYR D 345 18.67 -13.06 21.83
N LEU D 346 19.17 -13.99 21.02
CA LEU D 346 18.87 -15.40 21.20
C LEU D 346 19.27 -15.85 22.59
N ASN D 347 20.45 -15.43 23.04
CA ASN D 347 20.93 -15.82 24.35
C ASN D 347 20.07 -15.21 25.46
N GLU D 348 19.62 -13.99 25.25
CA GLU D 348 18.77 -13.34 26.24
C GLU D 348 17.48 -14.13 26.31
N LEU D 349 16.98 -14.52 25.15
CA LEU D 349 15.75 -15.31 25.08
C LEU D 349 16.00 -16.65 25.77
N LEU D 350 17.20 -17.19 25.56
CA LEU D 350 17.59 -18.46 26.15
C LEU D 350 17.61 -18.38 27.67
N ALA D 351 18.19 -17.30 28.19
CA ALA D 351 18.29 -17.11 29.63
C ALA D 351 16.97 -16.69 30.26
N ALA D 352 16.14 -15.99 29.51
CA ALA D 352 14.86 -15.54 30.03
C ALA D 352 14.00 -16.72 30.46
N ASP D 353 13.00 -16.45 31.29
CA ASP D 353 12.12 -17.50 31.78
C ASP D 353 11.03 -17.81 30.74
N ASN D 354 11.24 -18.89 30.01
CA ASN D 354 10.31 -19.32 28.96
C ASN D 354 10.68 -20.74 28.55
N PRO D 355 9.92 -21.33 27.63
CA PRO D 355 10.17 -22.70 27.14
C PRO D 355 11.51 -22.92 26.44
N ILE D 356 12.03 -21.87 25.82
CA ILE D 356 13.29 -21.94 25.08
C ILE D 356 14.52 -22.12 25.97
N SER D 357 14.88 -23.36 26.24
CA SER D 357 16.01 -23.65 27.10
C SER D 357 17.28 -24.17 26.43
N GLU D 358 17.33 -24.11 25.10
CA GLU D 358 18.52 -24.57 24.41
C GLU D 358 18.60 -24.08 22.97
N LEU D 359 19.80 -23.68 22.58
CA LEU D 359 20.06 -23.19 21.23
C LEU D 359 20.98 -24.18 20.53
N LYS D 360 20.64 -24.54 19.30
CA LYS D 360 21.47 -25.46 18.52
C LYS D 360 21.69 -24.79 17.17
N VAL D 361 22.95 -24.72 16.75
CA VAL D 361 23.27 -24.08 15.47
C VAL D 361 23.88 -25.05 14.47
N PHE D 362 23.48 -24.90 13.22
CA PHE D 362 23.99 -25.73 12.13
C PHE D 362 24.48 -24.85 10.98
N ASP D 363 25.44 -25.37 10.22
CA ASP D 363 25.99 -24.66 9.07
C ASP D 363 25.20 -25.08 7.83
N LEU D 364 24.33 -24.20 7.36
CA LEU D 364 23.51 -24.48 6.17
C LEU D 364 23.76 -23.35 5.18
N ARG D 365 25.03 -22.98 5.02
CA ARG D 365 25.39 -21.90 4.12
C ARG D 365 24.95 -22.06 2.68
N GLU D 366 25.07 -23.26 2.12
CA GLU D 366 24.67 -23.46 0.74
C GLU D 366 23.17 -23.16 0.57
N SER D 367 22.35 -23.69 1.46
CA SER D 367 20.91 -23.47 1.41
C SER D 367 20.52 -22.02 1.73
N MET D 368 21.23 -21.44 2.70
CA MET D 368 20.98 -20.07 3.13
C MET D 368 21.22 -19.07 2.00
N ALA D 369 22.21 -19.35 1.15
CA ALA D 369 22.54 -18.46 0.06
C ALA D 369 21.38 -18.34 -0.94
N ASN D 370 20.46 -19.30 -0.90
CA ASN D 370 19.29 -19.27 -1.78
C ASN D 370 18.00 -18.96 -1.02
N GLY D 371 18.16 -18.46 0.21
CA GLY D 371 17.01 -18.09 1.03
C GLY D 371 16.34 -19.17 1.87
N GLY D 372 17.05 -20.23 2.18
CA GLY D 372 16.46 -21.29 2.99
C GLY D 372 17.28 -21.68 4.21
N GLY D 373 16.63 -21.63 5.37
CA GLY D 373 17.29 -21.99 6.61
C GLY D 373 16.86 -23.37 7.09
N PRO D 374 17.03 -23.68 8.39
CA PRO D 374 16.66 -24.98 8.95
C PRO D 374 15.22 -25.42 8.67
N ALA D 375 14.26 -24.54 8.96
CA ALA D 375 12.84 -24.86 8.76
C ALA D 375 12.45 -25.06 7.30
N SER D 376 13.03 -24.27 6.41
CA SER D 376 12.68 -24.37 5.00
C SER D 376 13.02 -25.75 4.43
N LEU D 377 13.97 -26.45 5.06
CA LEU D 377 14.40 -27.76 4.59
C LEU D 377 13.62 -28.90 5.21
N ARG D 378 12.60 -28.59 6.00
CA ARG D 378 11.82 -29.64 6.64
C ARG D 378 10.31 -29.45 6.62
N LEU D 379 9.60 -30.57 6.57
CA LEU D 379 8.15 -30.60 6.58
C LEU D 379 7.69 -31.38 7.79
N ARG D 380 7.05 -30.69 8.74
CA ARG D 380 6.55 -31.26 9.98
C ARG D 380 5.29 -32.10 9.80
N VAL D 381 5.38 -33.39 10.13
CA VAL D 381 4.22 -34.27 9.99
C VAL D 381 3.96 -35.00 11.30
N VAL D 382 2.89 -34.59 11.99
CA VAL D 382 2.51 -35.20 13.25
C VAL D 382 1.84 -36.53 12.96
N LEU D 383 2.45 -37.61 13.43
CA LEU D 383 1.94 -38.94 13.19
C LEU D 383 1.76 -39.79 14.44
N THR D 384 0.71 -40.60 14.45
CA THR D 384 0.45 -41.50 15.58
C THR D 384 1.41 -42.68 15.45
N GLU D 385 1.55 -43.47 16.51
CA GLU D 385 2.42 -44.63 16.46
C GLU D 385 2.08 -45.49 15.25
N GLU D 386 0.81 -45.77 15.07
CA GLU D 386 0.37 -46.59 13.96
C GLU D 386 0.59 -45.92 12.60
N GLU D 387 0.44 -44.61 12.53
CA GLU D 387 0.66 -43.92 11.28
C GLU D 387 2.15 -43.87 10.98
N ARG D 388 2.94 -43.66 12.03
CA ARG D 388 4.40 -43.61 11.91
C ARG D 388 4.85 -44.91 11.26
N ARG D 389 4.25 -46.01 11.69
CA ARG D 389 4.54 -47.36 11.20
C ARG D 389 4.15 -47.57 9.73
N ALA D 390 3.16 -46.81 9.27
CA ALA D 390 2.68 -46.94 7.90
C ALA D 390 3.51 -46.15 6.90
N VAL D 391 4.42 -45.31 7.40
CA VAL D 391 5.29 -44.52 6.53
C VAL D 391 6.35 -45.44 5.91
N ASN D 392 6.74 -45.16 4.68
CA ASN D 392 7.75 -45.97 4.00
C ASN D 392 8.98 -46.01 4.92
N PRO D 393 9.28 -47.18 5.51
CA PRO D 393 10.42 -47.33 6.41
C PRO D 393 11.76 -46.92 5.81
N ALA D 394 11.90 -47.10 4.50
CA ALA D 394 13.13 -46.77 3.80
C ALA D 394 13.57 -45.31 3.86
N VAL D 395 12.67 -44.40 4.24
CA VAL D 395 13.05 -42.99 4.29
C VAL D 395 13.28 -42.44 5.70
N MET D 396 13.15 -43.30 6.70
CA MET D 396 13.38 -42.86 8.07
C MET D 396 14.89 -42.73 8.30
N MET D 397 15.31 -41.64 8.93
CA MET D 397 16.72 -41.41 9.18
C MET D 397 17.30 -42.29 10.29
N ASN D 398 18.50 -42.80 10.05
CA ASN D 398 19.20 -43.67 10.98
C ASN D 398 20.62 -43.86 10.44
N ASP D 399 21.46 -44.59 11.17
CA ASP D 399 22.83 -44.77 10.73
C ASP D 399 22.95 -45.34 9.32
N THR D 400 22.21 -46.41 9.05
CA THR D 400 22.23 -47.06 7.74
C THR D 400 21.95 -46.09 6.60
N LEU D 401 20.82 -45.39 6.67
CA LEU D 401 20.43 -44.44 5.64
C LEU D 401 21.42 -43.28 5.55
N PHE D 402 21.88 -42.80 6.70
CA PHE D 402 22.84 -41.69 6.74
C PHE D 402 24.11 -42.08 5.97
N ASN D 403 24.70 -43.22 6.32
CA ASN D 403 25.91 -43.67 5.65
C ASN D 403 25.66 -43.92 4.16
N ALA D 404 24.51 -44.49 3.84
CA ALA D 404 24.16 -44.78 2.46
C ALA D 404 23.99 -43.51 1.65
N LEU D 405 23.27 -42.54 2.21
CA LEU D 405 23.03 -41.28 1.52
C LEU D 405 24.32 -40.51 1.32
N ASN D 406 25.24 -40.59 2.27
CA ASN D 406 26.50 -39.89 2.14
C ASN D 406 27.38 -40.53 1.07
N ASP D 407 27.31 -41.85 0.95
CA ASP D 407 28.09 -42.54 -0.05
C ASP D 407 27.50 -42.23 -1.41
N TRP D 408 26.17 -42.18 -1.46
CA TRP D 408 25.48 -41.88 -2.70
C TRP D 408 25.90 -40.49 -3.17
N VAL D 409 25.96 -39.54 -2.25
CA VAL D 409 26.35 -38.17 -2.59
C VAL D 409 27.77 -38.12 -3.11
N ASP D 410 28.66 -38.83 -2.42
CA ASP D 410 30.07 -38.89 -2.80
C ASP D 410 30.23 -39.48 -4.21
N ARG D 411 29.35 -40.40 -4.57
CA ARG D 411 29.41 -41.03 -5.88
C ARG D 411 28.88 -40.20 -7.03
N TYR D 412 27.86 -39.38 -6.79
CA TYR D 412 27.28 -38.60 -7.88
C TYR D 412 27.34 -37.08 -7.85
N TYR D 413 27.51 -36.49 -6.67
CA TYR D 413 27.55 -35.02 -6.57
C TYR D 413 28.89 -34.35 -6.87
N ARG D 414 28.82 -33.20 -7.54
CA ARG D 414 30.00 -32.42 -7.88
C ARG D 414 30.32 -31.45 -6.76
N ASP D 415 31.58 -31.03 -6.69
CA ASP D 415 32.03 -30.12 -5.66
C ASP D 415 31.83 -28.67 -6.08
N ARG D 416 31.64 -28.46 -7.38
CA ARG D 416 31.38 -27.14 -7.92
C ARG D 416 30.40 -27.23 -9.07
N LEU D 417 29.62 -26.17 -9.27
CA LEU D 417 28.65 -26.13 -10.35
C LEU D 417 28.25 -24.69 -10.64
N THR D 418 27.99 -24.40 -11.90
CA THR D 418 27.56 -23.08 -12.32
C THR D 418 26.52 -23.25 -13.41
N ALA D 419 25.71 -22.21 -13.60
CA ALA D 419 24.65 -22.25 -14.61
C ALA D 419 25.20 -22.75 -15.93
N ALA D 420 26.43 -22.38 -16.23
CA ALA D 420 27.08 -22.79 -17.46
C ALA D 420 27.18 -24.30 -17.56
N ASP D 421 27.38 -24.97 -16.44
CA ASP D 421 27.51 -26.42 -16.43
C ASP D 421 26.19 -27.16 -16.66
N LEU D 422 25.07 -26.48 -16.43
CA LEU D 422 23.76 -27.11 -16.58
C LEU D 422 23.49 -27.65 -17.99
N ALA D 423 24.34 -27.29 -18.95
CA ALA D 423 24.17 -27.76 -20.33
C ALA D 423 24.96 -29.04 -20.58
N ASP D 424 25.86 -29.36 -19.67
CA ASP D 424 26.70 -30.54 -19.79
C ASP D 424 25.89 -31.83 -19.87
N PRO D 425 25.88 -32.48 -21.04
CA PRO D 425 25.12 -33.73 -21.16
C PRO D 425 25.53 -34.76 -20.11
N GLN D 426 26.78 -34.66 -19.64
CA GLN D 426 27.28 -35.57 -18.62
C GLN D 426 26.53 -35.35 -17.31
N LEU D 427 26.25 -34.09 -16.97
CA LEU D 427 25.51 -33.77 -15.75
C LEU D 427 24.15 -34.47 -15.79
N LEU D 428 23.51 -34.40 -16.94
CA LEU D 428 22.20 -35.02 -17.10
C LEU D 428 22.24 -36.53 -16.84
N ARG D 429 23.27 -37.21 -17.35
CA ARG D 429 23.37 -38.64 -17.14
C ARG D 429 23.60 -38.97 -15.66
N GLU D 430 24.57 -38.31 -15.04
CA GLU D 430 24.89 -38.52 -13.63
C GLU D 430 23.61 -38.43 -12.79
N GLY D 431 22.80 -37.41 -13.09
CA GLY D 431 21.57 -37.19 -12.36
C GLY D 431 20.56 -38.31 -12.54
N ARG D 432 20.35 -38.74 -13.77
CA ARG D 432 19.40 -39.80 -14.05
C ARG D 432 19.81 -41.06 -13.31
N GLU D 433 21.08 -41.44 -13.42
CA GLU D 433 21.53 -42.63 -12.73
C GLU D 433 21.44 -42.48 -11.22
N ALA D 434 21.85 -41.33 -10.71
CA ALA D 434 21.78 -41.08 -9.28
C ALA D 434 20.36 -41.30 -8.77
N LEU D 435 19.38 -40.72 -9.47
CA LEU D 435 17.99 -40.88 -9.07
C LEU D 435 17.48 -42.31 -9.16
N ASP D 436 17.90 -43.02 -10.20
CA ASP D 436 17.46 -44.41 -10.35
C ASP D 436 17.95 -45.22 -9.15
N VAL D 437 19.21 -45.01 -8.78
CA VAL D 437 19.79 -45.71 -7.64
C VAL D 437 19.06 -45.30 -6.36
N LEU D 438 18.81 -44.01 -6.20
CA LEU D 438 18.12 -43.52 -5.00
C LEU D 438 16.70 -44.09 -4.88
N SER D 439 15.99 -44.20 -6.00
CA SER D 439 14.64 -44.74 -5.99
C SER D 439 14.64 -46.14 -5.38
N GLN D 440 15.67 -46.91 -5.71
CA GLN D 440 15.78 -48.26 -5.19
C GLN D 440 16.14 -48.22 -3.71
N LEU D 441 17.10 -47.35 -3.36
CA LEU D 441 17.54 -47.19 -1.98
C LEU D 441 16.34 -46.84 -1.09
N LEU D 442 15.54 -45.88 -1.52
CA LEU D 442 14.39 -45.44 -0.75
C LEU D 442 13.13 -46.24 -1.05
N ASN D 443 13.26 -47.30 -1.84
CA ASN D 443 12.12 -48.15 -2.16
C ASN D 443 10.92 -47.32 -2.62
N LEU D 444 11.11 -46.52 -3.66
CA LEU D 444 10.04 -45.66 -4.17
C LEU D 444 9.51 -46.12 -5.54
N GLY D 445 10.23 -47.05 -6.17
CA GLY D 445 9.80 -47.53 -7.47
C GLY D 445 10.05 -46.48 -8.53
N SER D 446 9.43 -46.64 -9.68
CA SER D 446 9.59 -45.68 -10.77
C SER D 446 8.72 -44.45 -10.47
N VAL D 447 9.20 -43.60 -9.58
CA VAL D 447 8.48 -42.41 -9.18
C VAL D 447 8.80 -41.16 -10.02
N TYR D 448 9.95 -41.16 -10.69
CA TYR D 448 10.34 -40.02 -11.51
C TYR D 448 9.88 -40.18 -12.97
N PRO D 449 9.47 -39.06 -13.59
CA PRO D 449 9.01 -39.07 -14.99
C PRO D 449 9.94 -39.82 -15.96
N PHE D 450 11.24 -39.60 -15.82
CA PHE D 450 12.21 -40.25 -16.72
C PHE D 450 12.25 -41.77 -16.56
N GLN D 451 11.66 -42.28 -15.49
CA GLN D 451 11.65 -43.72 -15.25
C GLN D 451 10.44 -44.38 -15.87
N ARG D 452 9.50 -43.56 -16.34
CA ARG D 452 8.27 -44.06 -16.95
C ARG D 452 8.27 -43.94 -18.47
#